data_2WRD
#
_entry.id   2WRD
#
_cell.length_a   76.149
_cell.length_b   118.365
_cell.length_c   221.922
_cell.angle_alpha   90.00
_cell.angle_beta   90.00
_cell.angle_gamma   90.00
#
_symmetry.space_group_name_H-M   'P 21 21 21'
#
_entity_poly.entity_id   1
_entity_poly.type   'polypeptide(L)'
_entity_poly.pdbx_seq_one_letter_code
;MAIIYLILLFTAVRGDQICIGYHANNSTEKVDTILERNVTVTHAKDILEKTHNGKLCKLNGIPPLELGDCSIAGWLLGNP
ECDRLLSVPEWSYIMEKENPRDGLCYPGSFNDYEELKHLLSSVKHFEKVKILPKDRWTQHTTTGGSRACAVSGNPSFFRN
MVWLTKKGSNYPVAKGSYNNTSGEQMLIIWGVHHPIDEKEQRTLYQNVGTYVSVGTSTLNKRSTPEIATRPKVNGLGSRM
EFSWTLLDMWDTINFESTGNLIAPEYGFKISKRGSSGIMKTEGTLENCETKCQTPLGAINTTLPFHNVHPLTIGECPKYV
KSEKLVLATGLRNVPQIESRGLFGAIAGFIEGGWQGMVDGWYGYHHSNDQGSGYAADKESTQKAFDGITNKVNSVIEKMN
TQFEAVGKEFSNLERRLENLNKKMEDGFLDVWTYNAELLVLMENERTLDFHDSNVKNLYDKVRMQLRDNVKELGNGCFEF
YHKCDDECMNSVKNGTYDYPKYEEE
;
_entity_poly.pdbx_strand_id   A,B,C
#
# COMPACT_ATOMS: atom_id res chain seq x y z
N CYS A 19 -42.75 -1.98 -37.05
CA CYS A 19 -42.46 -1.66 -35.64
C CYS A 19 -41.06 -2.04 -35.18
N ILE A 20 -40.35 -1.12 -34.53
CA ILE A 20 -39.07 -1.45 -33.93
C ILE A 20 -39.19 -1.56 -32.43
N GLY A 21 -38.46 -2.53 -31.85
CA GLY A 21 -38.55 -2.81 -30.43
C GLY A 21 -37.37 -3.59 -29.88
N TYR A 22 -37.42 -3.88 -28.58
CA TYR A 22 -36.32 -4.56 -27.93
C TYR A 22 -36.79 -5.79 -27.15
N HIS A 23 -35.83 -6.57 -26.68
CA HIS A 23 -36.11 -7.82 -25.96
C HIS A 23 -36.70 -7.65 -24.57
N ALA A 24 -37.31 -8.72 -24.08
CA ALA A 24 -37.83 -8.77 -22.71
C ALA A 24 -37.94 -10.22 -22.25
N ASN A 25 -37.99 -10.45 -20.94
CA ASN A 25 -38.01 -11.82 -20.44
C ASN A 25 -38.42 -12.00 -18.98
N ASN A 26 -38.31 -13.23 -18.48
CA ASN A 26 -38.76 -13.60 -17.13
C ASN A 26 -37.82 -13.16 -16.00
N SER A 27 -36.76 -12.42 -16.33
CA SER A 27 -35.68 -12.17 -15.38
C SER A 27 -36.05 -11.15 -14.32
N THR A 28 -35.70 -11.45 -13.07
CA THR A 28 -35.93 -10.53 -11.98
C THR A 28 -34.61 -10.07 -11.38
N GLU A 29 -33.53 -10.21 -12.17
CA GLU A 29 -32.21 -9.86 -11.68
C GLU A 29 -32.02 -8.34 -11.68
N LYS A 30 -31.58 -7.80 -10.55
CA LYS A 30 -31.44 -6.35 -10.40
C LYS A 30 -29.96 -5.93 -10.41
N VAL A 31 -29.70 -4.83 -11.10
CA VAL A 31 -28.40 -4.18 -11.06
C VAL A 31 -28.59 -2.74 -10.61
N ASP A 32 -27.50 -2.14 -10.15
CA ASP A 32 -27.47 -0.71 -9.86
C ASP A 32 -26.66 0.02 -10.91
N THR A 33 -26.99 1.29 -11.13
CA THR A 33 -26.10 2.16 -11.88
C THR A 33 -25.78 3.36 -11.00
N ILE A 34 -24.93 4.23 -11.50
CA ILE A 34 -24.66 5.48 -10.80
C ILE A 34 -25.97 6.23 -10.53
N LEU A 35 -26.90 6.18 -11.47
CA LEU A 35 -28.09 7.03 -11.44
C LEU A 35 -29.36 6.40 -10.88
N GLU A 36 -29.50 5.08 -10.98
CA GLU A 36 -30.66 4.41 -10.43
C GLU A 36 -30.21 3.20 -9.68
N ARG A 37 -31.08 2.68 -8.83
CA ARG A 37 -30.81 1.37 -8.23
C ARG A 37 -32.00 0.43 -8.28
N ASN A 38 -31.71 -0.87 -8.13
CA ASN A 38 -32.72 -1.91 -8.22
C ASN A 38 -33.37 -1.93 -9.61
N VAL A 39 -32.54 -1.94 -10.66
CA VAL A 39 -33.04 -1.91 -12.05
C VAL A 39 -33.03 -3.28 -12.70
N THR A 40 -34.21 -3.85 -12.91
CA THR A 40 -34.33 -5.17 -13.54
C THR A 40 -33.74 -5.25 -14.96
N VAL A 41 -32.86 -6.21 -15.22
CA VAL A 41 -32.22 -6.27 -16.52
C VAL A 41 -32.41 -7.64 -17.12
N THR A 42 -32.51 -7.69 -18.44
CA THR A 42 -32.62 -8.98 -19.10
C THR A 42 -31.47 -9.98 -18.78
N HIS A 43 -30.27 -9.47 -18.57
CA HIS A 43 -29.12 -10.34 -18.40
C HIS A 43 -28.13 -9.69 -17.46
N ALA A 44 -27.23 -10.49 -16.89
CA ALA A 44 -26.30 -10.03 -15.87
C ALA A 44 -25.16 -11.02 -15.72
N LYS A 45 -24.05 -10.60 -15.11
CA LYS A 45 -22.91 -11.46 -14.95
C LYS A 45 -22.27 -10.97 -13.68
N ASP A 46 -22.33 -11.75 -12.59
CA ASP A 46 -21.70 -11.31 -11.37
C ASP A 46 -20.22 -11.52 -11.57
N ILE A 47 -19.40 -10.53 -11.19
CA ILE A 47 -17.95 -10.69 -11.31
C ILE A 47 -17.30 -10.84 -9.95
N LEU A 48 -18.09 -11.09 -8.92
CA LEU A 48 -17.54 -11.34 -7.58
C LEU A 48 -17.52 -12.83 -7.25
N GLU A 49 -16.33 -13.41 -7.19
CA GLU A 49 -16.16 -14.82 -6.88
C GLU A 49 -16.44 -15.06 -5.43
N LYS A 50 -17.51 -15.77 -5.09
CA LYS A 50 -17.86 -15.90 -3.68
C LYS A 50 -17.98 -17.35 -3.21
N THR A 51 -17.43 -18.30 -3.96
CA THR A 51 -17.56 -19.71 -3.61
C THR A 51 -16.25 -20.41 -3.51
N HIS A 52 -16.07 -21.15 -2.42
CA HIS A 52 -14.93 -22.03 -2.22
C HIS A 52 -15.43 -23.46 -2.30
N ASN A 53 -14.53 -24.44 -2.19
CA ASN A 53 -14.98 -25.84 -2.17
C ASN A 53 -14.79 -26.57 -0.84
N GLY A 54 -14.78 -25.82 0.27
CA GLY A 54 -14.59 -26.37 1.59
C GLY A 54 -13.34 -27.22 1.80
N LYS A 55 -12.48 -27.30 0.79
CA LYS A 55 -11.34 -28.21 0.83
C LYS A 55 -9.98 -27.50 0.88
N LEU A 56 -9.00 -28.14 1.54
CA LEU A 56 -7.61 -27.71 1.40
C LEU A 56 -6.92 -28.63 0.37
N CYS A 57 -6.13 -28.04 -0.53
CA CYS A 57 -5.72 -28.75 -1.73
C CYS A 57 -4.27 -28.57 -2.03
N LYS A 58 -3.80 -29.26 -3.06
CA LYS A 58 -2.42 -29.06 -3.52
C LYS A 58 -2.46 -27.65 -4.05
N LEU A 59 -1.29 -27.06 -4.22
CA LEU A 59 -1.20 -25.72 -4.75
C LEU A 59 -0.23 -25.76 -5.93
N ASN A 60 -0.78 -25.62 -7.13
CA ASN A 60 -0.01 -25.69 -8.37
C ASN A 60 0.72 -27.02 -8.52
N GLY A 61 0.10 -28.09 -8.06
CA GLY A 61 0.62 -29.42 -8.27
C GLY A 61 1.46 -29.93 -7.12
N ILE A 62 1.62 -29.12 -6.07
CA ILE A 62 2.43 -29.53 -4.94
C ILE A 62 1.68 -29.43 -3.62
N PRO A 63 1.80 -30.47 -2.78
CA PRO A 63 1.03 -30.53 -1.54
C PRO A 63 1.53 -29.49 -0.53
N PRO A 64 0.73 -29.24 0.52
CA PRO A 64 1.12 -28.41 1.64
C PRO A 64 1.87 -29.29 2.60
N LEU A 65 2.75 -28.72 3.41
CA LEU A 65 3.27 -29.47 4.53
C LEU A 65 2.16 -29.51 5.59
N GLU A 66 1.83 -30.71 6.06
CA GLU A 66 0.69 -30.90 6.96
C GLU A 66 1.19 -31.19 8.36
N LEU A 67 1.18 -30.19 9.22
CA LEU A 67 1.79 -30.35 10.53
C LEU A 67 0.86 -30.90 11.61
N GLY A 68 -0.39 -31.18 11.27
CA GLY A 68 -1.31 -31.67 12.28
C GLY A 68 -1.27 -30.66 13.41
N ASP A 69 -1.25 -31.10 14.66
CA ASP A 69 -1.07 -30.13 15.74
C ASP A 69 0.34 -30.12 16.29
N CYS A 70 1.29 -29.90 15.40
CA CYS A 70 2.69 -29.69 15.77
C CYS A 70 3.16 -28.30 15.33
N SER A 71 3.84 -27.59 16.22
CA SER A 71 4.45 -26.32 15.87
C SER A 71 5.68 -26.61 15.08
N ILE A 72 6.09 -25.72 14.19
CA ILE A 72 7.30 -25.95 13.40
C ILE A 72 8.51 -26.20 14.28
N ALA A 73 8.43 -25.76 15.53
CA ALA A 73 9.52 -25.94 16.47
C ALA A 73 9.58 -27.38 16.96
N GLY A 74 8.40 -27.95 17.19
CA GLY A 74 8.27 -29.33 17.63
C GLY A 74 8.69 -30.26 16.51
N TRP A 75 8.30 -29.92 15.29
CA TRP A 75 8.53 -30.81 14.18
C TRP A 75 10.01 -30.98 13.92
N LEU A 76 10.67 -29.83 13.84
CA LEU A 76 12.10 -29.73 13.58
C LEU A 76 12.90 -30.25 14.76
N LEU A 77 12.65 -29.68 15.92
CA LEU A 77 13.32 -30.13 17.12
C LEU A 77 13.08 -31.63 17.30
N GLY A 78 12.01 -32.13 16.70
CA GLY A 78 11.63 -33.52 16.88
C GLY A 78 11.09 -33.79 18.28
N ASN A 79 10.07 -33.04 18.68
CA ASN A 79 9.28 -33.38 19.86
C ASN A 79 8.86 -34.80 19.56
N PRO A 80 9.00 -35.69 20.56
CA PRO A 80 8.59 -37.09 20.38
C PRO A 80 7.12 -37.19 20.03
N GLU A 81 6.35 -36.16 20.36
CA GLU A 81 4.94 -36.13 20.05
C GLU A 81 4.70 -35.76 18.59
N CYS A 82 5.76 -35.60 17.81
CA CYS A 82 5.60 -35.27 16.40
C CYS A 82 6.10 -36.39 15.48
N ASP A 83 6.61 -37.45 16.09
CA ASP A 83 7.20 -38.61 15.40
C ASP A 83 6.53 -39.01 14.08
N ARG A 84 5.21 -39.07 14.08
CA ARG A 84 4.49 -39.61 12.94
C ARG A 84 3.72 -38.52 12.18
N LEU A 85 4.47 -37.67 11.49
CA LEU A 85 3.91 -36.61 10.65
C LEU A 85 4.17 -36.93 9.19
N LEU A 86 3.32 -36.42 8.30
CA LEU A 86 3.45 -36.71 6.89
C LEU A 86 4.88 -36.56 6.38
N SER A 87 5.45 -35.37 6.47
CA SER A 87 6.83 -35.18 6.08
C SER A 87 7.05 -35.53 4.61
N VAL A 88 6.93 -34.51 3.77
CA VAL A 88 7.12 -34.67 2.34
C VAL A 88 8.46 -34.01 1.94
N PRO A 89 9.02 -34.38 0.77
CA PRO A 89 10.27 -33.76 0.35
C PRO A 89 10.09 -32.39 -0.32
N GLU A 90 8.85 -31.96 -0.53
CA GLU A 90 8.60 -30.68 -1.20
C GLU A 90 7.19 -30.22 -0.94
N TRP A 91 7.03 -29.01 -0.40
CA TRP A 91 5.69 -28.50 -0.14
C TRP A 91 5.57 -27.09 -0.65
N SER A 92 4.34 -26.57 -0.68
CA SER A 92 4.07 -25.26 -1.27
C SER A 92 3.57 -24.23 -0.27
N TYR A 93 2.87 -24.72 0.75
CA TYR A 93 2.62 -23.95 1.95
C TYR A 93 2.68 -24.85 3.17
N ILE A 94 2.41 -24.29 4.33
CA ILE A 94 2.45 -25.06 5.56
C ILE A 94 1.13 -24.99 6.28
N MET A 95 0.60 -26.13 6.72
CA MET A 95 -0.62 -26.10 7.52
C MET A 95 -0.30 -26.24 8.98
N GLU A 96 -0.65 -25.26 9.77
CA GLU A 96 -0.56 -25.39 11.21
C GLU A 96 -1.95 -25.19 11.76
N LYS A 97 -2.20 -25.67 12.97
CA LYS A 97 -3.39 -25.26 13.68
C LYS A 97 -3.07 -23.93 14.38
N GLU A 98 -4.10 -23.15 14.67
CA GLU A 98 -3.93 -21.96 15.47
C GLU A 98 -3.71 -22.39 16.93
N ASN A 99 -2.44 -22.39 17.36
CA ASN A 99 -2.05 -22.86 18.71
C ASN A 99 -1.83 -24.37 18.77
N PRO A 100 -0.70 -24.84 18.23
CA PRO A 100 -0.48 -26.25 17.95
C PRO A 100 -0.32 -27.19 19.16
N ARG A 101 -0.18 -26.66 20.37
CA ARG A 101 -0.16 -27.54 21.55
C ARG A 101 1.15 -28.30 21.74
N ASP A 102 1.64 -28.91 20.66
CA ASP A 102 2.91 -29.66 20.67
C ASP A 102 4.05 -28.81 20.15
N GLY A 103 4.63 -28.00 21.03
CA GLY A 103 5.73 -27.16 20.66
C GLY A 103 7.02 -27.57 21.33
N LEU A 104 7.41 -26.80 22.33
CA LEU A 104 8.65 -27.08 23.03
C LEU A 104 8.34 -27.82 24.32
N CYS A 105 8.25 -29.15 24.24
CA CYS A 105 7.81 -29.95 25.37
C CYS A 105 8.71 -29.71 26.56
N TYR A 106 10.00 -29.49 26.32
CA TYR A 106 10.87 -28.91 27.33
C TYR A 106 10.81 -27.41 27.18
N PRO A 107 10.35 -26.70 28.21
CA PRO A 107 9.95 -25.30 28.13
C PRO A 107 11.12 -24.42 27.73
N GLY A 108 10.88 -23.42 26.90
CA GLY A 108 11.97 -22.54 26.51
C GLY A 108 11.62 -21.37 25.61
N SER A 109 12.21 -21.39 24.42
CA SER A 109 12.16 -20.29 23.46
C SER A 109 13.04 -20.62 22.26
N PHE A 110 12.82 -19.90 21.16
CA PHE A 110 13.47 -20.23 19.89
C PHE A 110 13.73 -18.91 19.17
N ASN A 111 14.99 -18.44 19.14
CA ASN A 111 15.31 -17.15 18.52
C ASN A 111 14.99 -17.03 17.05
N ASP A 112 14.56 -15.85 16.62
CA ASP A 112 14.27 -15.63 15.22
C ASP A 112 13.31 -16.69 14.68
N TYR A 113 12.25 -16.94 15.43
CA TYR A 113 11.38 -18.04 15.11
C TYR A 113 10.53 -17.73 13.88
N GLU A 114 9.94 -16.54 13.87
CA GLU A 114 9.03 -16.18 12.81
C GLU A 114 9.72 -16.21 11.50
N GLU A 115 10.98 -15.81 11.53
CA GLU A 115 11.87 -15.83 10.34
C GLU A 115 12.12 -17.22 9.77
N LEU A 116 12.44 -18.16 10.66
CA LEU A 116 12.58 -19.59 10.31
C LEU A 116 11.31 -20.13 9.65
N LYS A 117 10.15 -19.79 10.21
CA LYS A 117 8.88 -20.23 9.65
C LYS A 117 8.64 -19.70 8.24
N HIS A 118 8.94 -18.42 7.99
CA HIS A 118 8.79 -17.91 6.64
C HIS A 118 9.75 -18.67 5.74
N LEU A 119 10.94 -19.01 6.25
CA LEU A 119 11.95 -19.69 5.44
C LEU A 119 11.52 -21.09 5.01
N LEU A 120 10.83 -21.76 5.93
CA LEU A 120 10.35 -23.12 5.76
C LEU A 120 8.98 -23.10 5.11
N SER A 121 8.40 -21.94 4.88
CA SER A 121 7.02 -21.95 4.44
C SER A 121 6.84 -22.64 3.08
N SER A 122 7.87 -22.58 2.26
CA SER A 122 7.80 -23.23 0.97
C SER A 122 9.18 -23.68 0.59
N VAL A 123 9.27 -24.88 0.05
CA VAL A 123 10.56 -25.51 -0.12
C VAL A 123 10.55 -26.42 -1.32
N LYS A 124 11.66 -26.44 -2.06
CA LYS A 124 11.77 -27.28 -3.24
C LYS A 124 12.26 -28.66 -2.88
N HIS A 125 13.21 -28.75 -1.96
CA HIS A 125 13.60 -30.05 -1.45
C HIS A 125 14.08 -29.94 -0.03
N PHE A 126 13.61 -30.84 0.82
CA PHE A 126 13.89 -30.77 2.25
C PHE A 126 14.20 -32.15 2.88
N GLU A 127 15.47 -32.43 3.10
CA GLU A 127 15.88 -33.74 3.62
C GLU A 127 16.64 -33.67 4.94
N LYS A 128 16.23 -34.50 5.89
CA LYS A 128 16.92 -34.61 7.17
C LYS A 128 18.16 -35.46 7.00
N VAL A 129 19.25 -35.08 7.64
CA VAL A 129 20.49 -35.85 7.52
C VAL A 129 21.37 -35.82 8.78
N LYS A 130 21.80 -36.99 9.24
CA LYS A 130 22.63 -37.09 10.44
C LYS A 130 24.02 -36.49 10.24
N ILE A 131 24.40 -35.54 11.08
CA ILE A 131 25.65 -34.80 10.88
C ILE A 131 26.64 -34.89 12.05
N LEU A 132 26.13 -35.02 13.26
CA LEU A 132 26.98 -35.16 14.43
C LEU A 132 26.42 -36.31 15.24
N PRO A 133 26.68 -37.55 14.79
CA PRO A 133 26.08 -38.77 15.35
C PRO A 133 26.28 -38.90 16.86
N LYS A 134 25.19 -39.26 17.52
CA LYS A 134 25.15 -39.35 18.97
C LYS A 134 26.30 -40.19 19.56
N ASP A 135 26.65 -41.27 18.86
CA ASP A 135 27.69 -42.21 19.31
C ASP A 135 28.95 -41.47 19.68
N ARG A 136 29.36 -40.56 18.81
CA ARG A 136 30.70 -40.02 18.81
C ARG A 136 31.03 -39.04 19.94
N TRP A 137 30.02 -38.68 20.71
CA TRP A 137 30.21 -37.83 21.88
C TRP A 137 30.75 -38.66 23.05
N THR A 138 31.77 -39.48 22.77
CA THR A 138 32.44 -40.16 23.85
C THR A 138 32.92 -39.03 24.74
N GLN A 139 32.98 -39.28 26.03
CA GLN A 139 33.46 -38.28 27.00
C GLN A 139 32.35 -37.48 27.67
N HIS A 140 31.16 -37.50 27.08
CA HIS A 140 30.04 -36.84 27.70
C HIS A 140 28.88 -37.79 27.72
N THR A 141 27.94 -37.55 28.62
CA THR A 141 26.71 -38.34 28.66
C THR A 141 25.71 -37.80 27.66
N THR A 142 24.91 -38.70 27.13
CA THR A 142 24.19 -38.48 25.88
C THR A 142 22.72 -38.83 26.09
N THR A 143 22.46 -39.51 27.19
CA THR A 143 21.16 -40.11 27.43
C THR A 143 20.22 -39.15 28.16
N GLY A 144 20.74 -37.97 28.48
CA GLY A 144 19.94 -36.98 29.17
C GLY A 144 18.53 -36.95 28.60
N GLY A 145 17.57 -36.81 29.50
CA GLY A 145 16.16 -36.72 29.12
C GLY A 145 15.38 -36.04 30.23
N SER A 146 14.13 -35.69 29.96
CA SER A 146 13.28 -35.13 31.01
C SER A 146 11.91 -35.77 30.98
N ARG A 147 11.19 -35.62 32.08
CA ARG A 147 9.88 -36.22 32.21
C ARG A 147 8.92 -35.58 31.22
N ALA A 148 9.13 -34.29 30.98
CA ALA A 148 8.19 -33.50 30.20
C ALA A 148 8.08 -33.93 28.73
N CYS A 149 9.08 -34.64 28.23
CA CYS A 149 9.08 -35.05 26.83
C CYS A 149 8.83 -36.54 26.72
N ALA A 150 7.94 -37.03 27.57
CA ALA A 150 7.69 -38.47 27.74
C ALA A 150 7.34 -39.27 26.47
N VAL A 151 7.88 -40.48 26.39
CA VAL A 151 7.56 -41.42 25.32
C VAL A 151 7.04 -42.72 25.93
N SER A 152 5.72 -42.86 26.01
CA SER A 152 5.09 -44.03 26.62
C SER A 152 5.38 -44.08 28.13
N GLY A 153 5.29 -42.93 28.79
CA GLY A 153 5.57 -42.87 30.21
C GLY A 153 7.05 -42.91 30.55
N ASN A 154 7.89 -42.81 29.54
CA ASN A 154 9.34 -42.90 29.74
C ASN A 154 10.03 -41.56 29.47
N PRO A 155 10.81 -41.07 30.44
CA PRO A 155 11.62 -39.87 30.20
C PRO A 155 12.32 -39.94 28.84
N SER A 156 12.04 -38.95 27.98
CA SER A 156 12.69 -38.86 26.68
C SER A 156 13.12 -37.43 26.31
N PHE A 157 13.49 -37.22 25.05
CA PHE A 157 13.97 -35.94 24.61
C PHE A 157 13.69 -35.68 23.14
N PHE A 158 13.96 -34.46 22.69
CA PHE A 158 13.84 -34.13 21.29
C PHE A 158 14.64 -35.13 20.48
N ARG A 159 13.97 -35.93 19.67
CA ARG A 159 14.63 -36.97 18.87
C ARG A 159 15.81 -36.47 18.09
N ASN A 160 15.71 -35.22 17.64
CA ASN A 160 16.71 -34.64 16.76
C ASN A 160 17.92 -34.00 17.45
N MET A 161 17.86 -33.86 18.77
CA MET A 161 18.94 -33.22 19.51
C MET A 161 19.61 -34.19 20.45
N VAL A 162 20.67 -33.73 21.08
CA VAL A 162 21.51 -34.53 21.94
C VAL A 162 21.75 -33.69 23.16
N TRP A 163 21.21 -34.10 24.30
CA TRP A 163 21.47 -33.37 25.54
C TRP A 163 22.82 -33.74 26.17
N LEU A 164 23.90 -33.05 25.81
CA LEU A 164 25.21 -33.32 26.41
C LEU A 164 25.30 -33.00 27.91
N THR A 165 25.48 -34.05 28.74
CA THR A 165 25.80 -33.88 30.15
C THR A 165 27.12 -34.52 30.58
N LYS A 166 27.42 -34.41 31.87
CA LYS A 166 28.71 -34.86 32.42
C LYS A 166 28.77 -36.39 32.43
N LYS A 167 29.97 -36.91 32.16
CA LYS A 167 30.28 -38.32 32.31
C LYS A 167 31.12 -38.49 33.57
N GLY A 168 30.68 -39.38 34.44
CA GLY A 168 31.27 -39.48 35.76
C GLY A 168 31.02 -38.18 36.48
N SER A 169 32.10 -37.50 36.89
CA SER A 169 31.99 -36.16 37.44
C SER A 169 32.82 -35.23 36.59
N ASN A 170 32.87 -35.47 35.28
CA ASN A 170 33.73 -34.67 34.43
C ASN A 170 33.06 -34.28 33.12
N TYR A 171 33.15 -33.00 32.76
CA TYR A 171 32.61 -32.51 31.51
C TYR A 171 33.72 -31.79 30.76
N PRO A 172 34.54 -32.55 30.05
CA PRO A 172 35.64 -32.02 29.25
C PRO A 172 35.09 -31.12 28.17
N VAL A 173 35.85 -30.14 27.70
CA VAL A 173 35.39 -29.33 26.57
C VAL A 173 34.69 -30.23 25.57
N ALA A 174 33.52 -29.80 25.09
CA ALA A 174 32.80 -30.52 24.05
C ALA A 174 33.12 -29.87 22.72
N LYS A 175 33.56 -30.68 21.76
CA LYS A 175 33.86 -30.19 20.42
C LYS A 175 33.17 -31.04 19.36
N GLY A 176 32.67 -30.41 18.30
CA GLY A 176 32.13 -31.13 17.17
C GLY A 176 32.07 -30.23 15.95
N SER A 177 32.26 -30.77 14.75
CA SER A 177 32.16 -29.97 13.54
C SER A 177 31.49 -30.72 12.43
N TYR A 178 31.08 -29.98 11.40
CA TYR A 178 30.51 -30.57 10.22
C TYR A 178 30.75 -29.71 9.01
N ASN A 179 31.45 -30.28 8.04
CA ASN A 179 31.69 -29.64 6.76
C ASN A 179 30.50 -30.05 5.89
N ASN A 180 29.75 -29.07 5.40
CA ASN A 180 28.50 -29.31 4.67
C ASN A 180 28.72 -29.76 3.24
N THR A 181 28.71 -31.07 3.07
CA THR A 181 29.05 -31.68 1.79
C THR A 181 27.79 -32.06 1.00
N SER A 182 26.66 -32.16 1.70
CA SER A 182 25.36 -32.58 1.12
C SER A 182 25.02 -32.08 -0.28
N GLY A 183 25.55 -30.91 -0.65
CA GLY A 183 25.30 -30.37 -1.97
C GLY A 183 24.18 -29.34 -2.00
N GLU A 184 23.53 -29.18 -0.86
CA GLU A 184 22.50 -28.16 -0.70
C GLU A 184 22.81 -27.39 0.57
N GLN A 185 22.20 -26.22 0.73
CA GLN A 185 22.33 -25.43 1.94
C GLN A 185 21.64 -26.16 3.07
N MET A 186 22.17 -26.04 4.28
CA MET A 186 21.62 -26.81 5.39
C MET A 186 21.17 -25.97 6.58
N LEU A 187 19.96 -26.26 7.04
CA LEU A 187 19.38 -25.62 8.21
C LEU A 187 19.81 -26.40 9.46
N ILE A 188 20.68 -25.82 10.26
CA ILE A 188 21.11 -26.47 11.50
C ILE A 188 20.59 -25.71 12.72
N ILE A 189 20.08 -26.44 13.71
CA ILE A 189 19.49 -25.81 14.90
C ILE A 189 20.23 -26.23 16.14
N TRP A 190 20.49 -25.34 17.09
CA TRP A 190 21.10 -25.78 18.34
C TRP A 190 20.50 -25.11 19.55
N GLY A 191 20.88 -25.55 20.76
CA GLY A 191 20.27 -25.00 21.94
C GLY A 191 21.24 -24.65 23.06
N VAL A 192 20.78 -23.90 24.05
CA VAL A 192 21.53 -23.69 25.27
C VAL A 192 20.61 -23.90 26.45
N HIS A 193 21.09 -24.60 27.45
CA HIS A 193 20.24 -24.95 28.58
C HIS A 193 20.46 -23.96 29.71
N HIS A 194 19.38 -23.33 30.18
CA HIS A 194 19.45 -22.47 31.36
C HIS A 194 18.75 -23.16 32.50
N PRO A 195 19.51 -23.53 33.53
CA PRO A 195 19.05 -24.17 34.78
C PRO A 195 18.50 -23.11 35.75
N ILE A 196 18.01 -23.54 36.91
CA ILE A 196 17.46 -22.57 37.84
C ILE A 196 18.29 -22.49 39.09
N ASP A 197 19.45 -23.13 39.05
CA ASP A 197 20.18 -23.46 40.27
C ASP A 197 21.66 -23.62 39.98
N GLU A 198 22.52 -23.05 40.80
CA GLU A 198 23.95 -23.29 40.63
C GLU A 198 24.30 -24.66 41.20
N LYS A 199 23.30 -25.51 41.30
CA LYS A 199 23.40 -26.84 41.88
C LYS A 199 22.85 -27.85 40.89
N GLU A 200 21.84 -27.44 40.13
CA GLU A 200 21.42 -28.17 38.95
C GLU A 200 22.54 -28.01 37.93
N GLN A 201 23.17 -26.83 37.93
CA GLN A 201 24.23 -26.55 36.99
C GLN A 201 25.40 -27.48 37.23
N ARG A 202 25.61 -27.86 38.47
CA ARG A 202 26.73 -28.70 38.78
C ARG A 202 26.37 -30.15 38.51
N THR A 203 25.20 -30.56 38.99
CA THR A 203 24.70 -31.91 38.75
C THR A 203 24.84 -32.37 37.30
N LEU A 204 24.53 -31.50 36.34
CA LEU A 204 24.61 -31.88 34.94
C LEU A 204 25.97 -31.61 34.29
N TYR A 205 26.66 -30.54 34.68
CA TYR A 205 27.83 -30.08 33.94
C TYR A 205 29.11 -29.91 34.77
N GLN A 206 29.02 -30.08 36.09
CA GLN A 206 30.15 -29.87 37.00
C GLN A 206 30.66 -28.45 36.98
N ASN A 207 31.12 -28.06 35.80
CA ASN A 207 31.73 -26.76 35.60
C ASN A 207 30.68 -25.68 35.81
N VAL A 208 31.10 -24.48 36.21
CA VAL A 208 30.15 -23.41 36.52
C VAL A 208 30.14 -22.23 35.55
N GLY A 209 31.31 -21.70 35.21
CA GLY A 209 31.35 -20.59 34.27
C GLY A 209 31.35 -21.01 32.80
N THR A 210 30.29 -21.65 32.32
CA THR A 210 30.36 -22.29 31.01
C THR A 210 29.93 -21.41 29.86
N TYR A 211 30.06 -21.92 28.64
CA TYR A 211 29.66 -21.18 27.45
C TYR A 211 29.35 -22.15 26.30
N VAL A 212 28.76 -21.63 25.25
CA VAL A 212 28.38 -22.47 24.12
C VAL A 212 28.65 -21.69 22.85
N SER A 213 29.75 -22.02 22.19
CA SER A 213 30.24 -21.23 21.08
C SER A 213 29.93 -21.90 19.76
N VAL A 214 29.61 -21.13 18.72
CA VAL A 214 29.21 -21.69 17.45
C VAL A 214 29.76 -20.86 16.31
N GLY A 215 30.43 -21.49 15.36
CA GLY A 215 31.01 -20.74 14.27
C GLY A 215 30.78 -21.29 12.87
N THR A 216 30.56 -20.39 11.91
CA THR A 216 30.61 -20.74 10.50
C THR A 216 31.33 -19.64 9.75
N SER A 217 31.27 -19.67 8.43
CA SER A 217 31.94 -18.65 7.66
C SER A 217 31.34 -17.28 7.96
N THR A 218 30.04 -17.28 8.25
CA THR A 218 29.31 -16.03 8.43
C THR A 218 28.84 -15.82 9.87
N LEU A 219 28.56 -16.91 10.56
CA LEU A 219 28.00 -16.83 11.91
C LEU A 219 29.05 -16.96 13.01
N ASN A 220 28.85 -16.27 14.11
CA ASN A 220 29.74 -16.34 15.25
C ASN A 220 28.97 -15.94 16.47
N LYS A 221 28.58 -16.92 17.29
CA LYS A 221 27.75 -16.66 18.45
C LYS A 221 28.35 -17.34 19.64
N ARG A 222 28.29 -16.68 20.79
CA ARG A 222 28.71 -17.29 22.05
C ARG A 222 27.71 -16.98 23.16
N SER A 223 27.07 -18.03 23.66
CA SER A 223 26.04 -17.87 24.64
C SER A 223 26.64 -18.25 25.97
N THR A 224 26.19 -17.60 27.02
CA THR A 224 26.47 -18.03 28.37
C THR A 224 25.13 -18.43 28.90
N PRO A 225 25.09 -19.53 29.65
CA PRO A 225 23.87 -19.94 30.34
C PRO A 225 23.42 -18.86 31.35
N GLU A 226 22.12 -18.60 31.39
CA GLU A 226 21.55 -17.66 32.33
C GLU A 226 20.75 -18.46 33.34
N ILE A 227 21.36 -18.74 34.48
CA ILE A 227 20.71 -19.34 35.65
C ILE A 227 19.84 -18.36 36.50
N ALA A 228 18.59 -18.74 36.78
CA ALA A 228 17.63 -17.82 37.39
C ALA A 228 16.39 -18.56 37.83
N THR A 229 15.94 -18.29 39.05
CA THR A 229 14.65 -18.80 39.48
C THR A 229 13.55 -18.41 38.48
N ARG A 230 12.61 -19.32 38.25
CA ARG A 230 11.54 -19.17 37.26
C ARG A 230 10.37 -20.06 37.62
N PRO A 231 9.15 -19.64 37.26
CA PRO A 231 7.96 -20.48 37.43
C PRO A 231 8.17 -21.81 36.70
N LYS A 232 7.42 -22.83 37.08
CA LYS A 232 7.54 -24.11 36.39
C LYS A 232 6.58 -24.18 35.19
N VAL A 233 7.11 -24.65 34.07
CA VAL A 233 6.35 -24.88 32.86
C VAL A 233 6.57 -26.33 32.42
N ASN A 234 5.53 -27.14 32.47
CA ASN A 234 5.69 -28.58 32.30
C ASN A 234 6.57 -29.13 33.42
N GLY A 235 6.48 -28.46 34.56
CA GLY A 235 7.20 -28.91 35.75
C GLY A 235 8.63 -28.41 35.87
N LEU A 236 9.24 -28.05 34.75
CA LEU A 236 10.60 -27.58 34.78
C LEU A 236 10.68 -26.05 34.99
N GLY A 237 11.62 -25.61 35.83
CA GLY A 237 11.90 -24.19 35.96
C GLY A 237 13.06 -23.75 35.06
N SER A 238 13.84 -24.73 34.60
CA SER A 238 14.88 -24.46 33.64
C SER A 238 14.27 -24.25 32.26
N ARG A 239 15.09 -23.81 31.32
CA ARG A 239 14.61 -23.56 29.98
C ARG A 239 15.66 -23.96 28.97
N MET A 240 15.26 -24.19 27.73
CA MET A 240 16.21 -24.42 26.66
C MET A 240 16.04 -23.41 25.53
N GLU A 241 17.09 -22.69 25.21
CA GLU A 241 16.96 -21.63 24.23
C GLU A 241 17.58 -22.00 22.88
N PHE A 242 16.74 -22.22 21.87
CA PHE A 242 17.26 -22.69 20.59
C PHE A 242 17.55 -21.58 19.61
N SER A 243 18.58 -21.77 18.80
CA SER A 243 18.90 -20.85 17.70
C SER A 243 19.19 -21.62 16.42
N TRP A 244 19.19 -20.95 15.29
CA TRP A 244 19.45 -21.66 14.04
C TRP A 244 20.38 -20.89 13.09
N THR A 245 20.78 -21.55 12.02
CA THR A 245 21.55 -20.88 11.01
C THR A 245 21.47 -21.73 9.76
N LEU A 246 21.75 -21.11 8.63
CA LEU A 246 21.89 -21.84 7.40
C LEU A 246 23.36 -22.00 7.09
N LEU A 247 23.80 -23.24 6.98
CA LEU A 247 25.16 -23.54 6.57
C LEU A 247 25.25 -23.56 5.04
N ASP A 248 26.09 -22.72 4.47
CA ASP A 248 26.23 -22.69 3.02
C ASP A 248 26.85 -23.99 2.55
N MET A 249 26.80 -24.26 1.25
CA MET A 249 27.51 -25.43 0.74
C MET A 249 29.02 -25.25 0.98
N TRP A 250 29.67 -26.31 1.45
CA TRP A 250 31.13 -26.37 1.54
C TRP A 250 31.64 -25.55 2.73
N ASP A 251 30.70 -25.15 3.59
CA ASP A 251 31.03 -24.39 4.79
C ASP A 251 31.00 -25.30 6.01
N THR A 252 31.63 -24.88 7.10
CA THR A 252 31.74 -25.73 8.26
C THR A 252 31.14 -25.08 9.48
N ILE A 253 30.34 -25.84 10.23
CA ILE A 253 29.84 -25.33 11.49
C ILE A 253 30.70 -25.92 12.61
N ASN A 254 31.16 -25.06 13.52
CA ASN A 254 32.00 -25.49 14.63
C ASN A 254 31.32 -25.29 15.99
N PHE A 255 31.17 -26.37 16.73
CA PHE A 255 30.58 -26.28 18.07
C PHE A 255 31.65 -26.46 19.13
N GLU A 256 31.58 -25.66 20.18
CA GLU A 256 32.51 -25.82 21.27
C GLU A 256 31.84 -25.36 22.52
N SER A 257 31.80 -26.23 23.52
CA SER A 257 31.16 -25.87 24.78
C SER A 257 31.89 -26.42 26.00
N THR A 258 31.74 -25.76 27.14
CA THR A 258 32.23 -26.32 28.39
C THR A 258 31.07 -26.59 29.33
N GLY A 259 29.87 -26.59 28.77
CA GLY A 259 28.65 -26.88 29.53
C GLY A 259 27.40 -26.35 28.86
N ASN A 260 26.29 -27.08 28.98
CA ASN A 260 25.00 -26.51 28.69
C ASN A 260 24.60 -26.49 27.23
N LEU A 261 25.43 -27.09 26.37
CA LEU A 261 25.10 -27.19 24.93
C LEU A 261 24.04 -28.24 24.74
N ILE A 262 23.04 -27.96 23.93
CA ILE A 262 22.13 -28.97 23.44
C ILE A 262 22.49 -29.11 21.98
N ALA A 263 23.09 -30.21 21.59
CA ALA A 263 23.65 -30.28 20.24
C ALA A 263 22.71 -30.90 19.23
N PRO A 264 22.84 -30.49 17.97
CA PRO A 264 22.02 -31.07 16.90
C PRO A 264 22.59 -32.44 16.59
N GLU A 265 21.74 -33.41 16.25
CA GLU A 265 22.26 -34.66 15.70
C GLU A 265 22.10 -34.61 14.19
N TYR A 266 21.01 -34.02 13.73
CA TYR A 266 20.74 -33.94 12.30
C TYR A 266 20.86 -32.53 11.79
N GLY A 267 20.98 -32.40 10.47
CA GLY A 267 20.83 -31.13 9.79
C GLY A 267 19.69 -31.27 8.79
N PHE A 268 19.30 -30.19 8.14
CA PHE A 268 18.24 -30.30 7.15
C PHE A 268 18.69 -29.74 5.82
N LYS A 269 18.82 -30.60 4.82
CA LYS A 269 19.12 -30.14 3.47
C LYS A 269 17.89 -29.36 3.11
N ILE A 270 18.07 -28.17 2.55
CA ILE A 270 16.93 -27.34 2.19
C ILE A 270 17.13 -26.52 0.93
N SER A 271 16.41 -26.89 -0.12
CA SER A 271 16.53 -26.20 -1.38
C SER A 271 15.24 -25.45 -1.60
N LYS A 272 15.35 -24.21 -2.02
CA LYS A 272 14.18 -23.36 -2.19
C LYS A 272 14.55 -22.09 -2.93
N ARG A 273 13.70 -21.55 -3.80
CA ARG A 273 12.41 -22.10 -4.25
C ARG A 273 11.61 -20.90 -4.71
N GLY A 274 11.19 -20.10 -3.73
CA GLY A 274 10.36 -18.95 -4.00
C GLY A 274 9.69 -18.41 -2.76
N SER A 275 9.48 -19.27 -1.77
CA SER A 275 8.94 -18.85 -0.48
C SER A 275 7.46 -18.40 -0.53
N SER A 276 6.69 -18.83 0.48
CA SER A 276 5.23 -18.70 0.47
C SER A 276 4.69 -18.17 1.80
N GLY A 277 4.07 -19.04 2.58
CA GLY A 277 3.49 -18.64 3.85
C GLY A 277 2.73 -19.77 4.52
N ILE A 278 2.28 -19.55 5.75
CA ILE A 278 1.66 -20.57 6.59
C ILE A 278 0.17 -20.35 6.69
N MET A 279 -0.61 -21.41 6.51
CA MET A 279 -2.07 -21.28 6.56
C MET A 279 -2.66 -21.86 7.82
N LYS A 280 -3.32 -21.04 8.62
CA LYS A 280 -3.86 -21.48 9.91
C LYS A 280 -5.21 -22.14 9.73
N THR A 281 -5.23 -23.47 9.80
CA THR A 281 -6.45 -24.25 9.58
C THR A 281 -6.62 -25.45 10.54
N GLU A 282 -7.79 -26.06 10.50
CA GLU A 282 -8.06 -27.25 11.31
C GLU A 282 -8.13 -28.46 10.40
N GLY A 283 -8.60 -28.24 9.18
CA GLY A 283 -8.87 -29.31 8.24
C GLY A 283 -7.63 -29.99 7.71
N THR A 284 -7.82 -30.82 6.67
CA THR A 284 -6.74 -31.62 6.14
C THR A 284 -6.77 -31.66 4.62
N LEU A 285 -5.60 -31.88 4.04
CA LEU A 285 -5.40 -32.05 2.61
C LEU A 285 -6.38 -33.08 2.03
N GLU A 286 -7.08 -32.73 0.95
CA GLU A 286 -8.07 -33.64 0.39
C GLU A 286 -7.75 -34.11 -1.04
N ASN A 287 -6.53 -33.86 -1.48
CA ASN A 287 -6.11 -34.21 -2.85
C ASN A 287 -7.01 -33.66 -3.93
N CYS A 288 -6.91 -32.35 -4.11
CA CYS A 288 -7.46 -31.71 -5.28
C CYS A 288 -6.36 -30.83 -5.85
N GLU A 289 -6.76 -29.81 -6.59
CA GLU A 289 -5.83 -28.90 -7.20
C GLU A 289 -6.45 -27.52 -7.21
N THR A 290 -5.65 -26.49 -6.94
CA THR A 290 -6.11 -25.11 -6.97
C THR A 290 -4.94 -24.18 -7.18
N LYS A 291 -5.19 -23.04 -7.81
CA LYS A 291 -4.17 -22.01 -8.00
C LYS A 291 -4.20 -21.08 -6.80
N CYS A 292 -5.25 -21.20 -6.00
CA CYS A 292 -5.51 -20.23 -4.96
C CYS A 292 -6.25 -20.84 -3.76
N GLN A 293 -5.56 -20.94 -2.63
CA GLN A 293 -6.11 -21.60 -1.46
C GLN A 293 -6.51 -20.62 -0.38
N THR A 294 -7.69 -20.83 0.20
CA THR A 294 -8.11 -20.06 1.37
C THR A 294 -8.50 -20.99 2.50
N PRO A 295 -8.47 -20.51 3.75
CA PRO A 295 -8.68 -21.39 4.90
C PRO A 295 -10.09 -22.02 4.92
N LEU A 296 -11.01 -21.49 4.13
CA LEU A 296 -12.34 -22.10 4.01
C LEU A 296 -12.41 -23.10 2.86
N GLY A 297 -11.44 -23.02 1.96
CA GLY A 297 -11.44 -23.88 0.80
C GLY A 297 -10.75 -23.22 -0.38
N ALA A 298 -10.55 -23.99 -1.44
CA ALA A 298 -9.88 -23.49 -2.63
C ALA A 298 -10.85 -22.74 -3.53
N ILE A 299 -10.29 -21.91 -4.40
CA ILE A 299 -11.07 -21.14 -5.35
C ILE A 299 -10.61 -21.42 -6.77
N ASN A 300 -11.49 -21.99 -7.59
CA ASN A 300 -11.19 -22.22 -9.00
C ASN A 300 -11.94 -21.17 -9.79
N THR A 301 -11.35 -19.98 -9.89
CA THR A 301 -12.07 -18.87 -10.49
C THR A 301 -11.23 -18.03 -11.43
N THR A 302 -11.94 -17.22 -12.21
CA THR A 302 -11.34 -16.43 -13.24
C THR A 302 -11.69 -14.94 -13.06
N LEU A 303 -12.80 -14.67 -12.37
CA LEU A 303 -13.18 -13.32 -11.96
C LEU A 303 -12.05 -12.56 -11.19
N PRO A 304 -12.01 -11.25 -11.38
CA PRO A 304 -10.98 -10.38 -10.84
C PRO A 304 -11.18 -10.15 -9.35
N PHE A 305 -12.38 -10.34 -8.81
CA PHE A 305 -12.59 -10.11 -7.38
C PHE A 305 -13.25 -11.29 -6.69
N HIS A 306 -12.92 -11.47 -5.42
CA HIS A 306 -13.58 -12.46 -4.59
C HIS A 306 -13.82 -11.88 -3.22
N ASN A 307 -14.51 -12.62 -2.36
CA ASN A 307 -14.80 -12.17 -1.03
C ASN A 307 -14.94 -13.32 -0.05
N VAL A 308 -14.35 -14.46 -0.43
CA VAL A 308 -14.38 -15.67 0.38
C VAL A 308 -13.70 -15.45 1.72
N HIS A 309 -12.45 -15.03 1.71
CA HIS A 309 -11.69 -14.90 2.95
C HIS A 309 -10.38 -14.17 2.69
N PRO A 310 -9.96 -13.35 3.66
CA PRO A 310 -8.80 -12.49 3.45
C PRO A 310 -7.48 -13.23 3.38
N LEU A 311 -7.37 -14.33 4.10
CA LEU A 311 -6.07 -14.97 4.27
C LEU A 311 -5.76 -16.06 3.23
N THR A 312 -5.61 -15.65 1.98
CA THR A 312 -5.33 -16.58 0.90
C THR A 312 -3.87 -16.93 0.78
N ILE A 313 -3.57 -17.96 -0.01
CA ILE A 313 -2.20 -18.27 -0.46
C ILE A 313 -2.25 -18.77 -1.88
N GLY A 314 -1.51 -18.11 -2.77
CA GLY A 314 -1.51 -18.47 -4.18
C GLY A 314 -1.73 -17.27 -5.08
N GLU A 315 -2.29 -17.53 -6.25
CA GLU A 315 -2.63 -16.46 -7.16
C GLU A 315 -4.13 -16.21 -7.12
N CYS A 316 -4.53 -15.14 -6.45
CA CYS A 316 -5.94 -14.95 -6.15
C CYS A 316 -6.51 -13.68 -6.76
N PRO A 317 -7.85 -13.61 -6.83
CA PRO A 317 -8.51 -12.35 -7.19
C PRO A 317 -8.33 -11.33 -6.07
N LYS A 318 -8.59 -10.06 -6.33
CA LYS A 318 -8.48 -9.08 -5.27
C LYS A 318 -9.64 -9.27 -4.29
N TYR A 319 -9.30 -9.38 -3.01
CA TYR A 319 -10.28 -9.51 -1.94
C TYR A 319 -11.00 -8.19 -1.69
N VAL A 320 -12.32 -8.27 -1.62
CA VAL A 320 -13.14 -7.08 -1.61
C VAL A 320 -14.22 -7.23 -0.55
N LYS A 321 -14.71 -6.14 0.00
CA LYS A 321 -15.72 -6.18 1.06
C LYS A 321 -17.15 -6.17 0.49
N SER A 322 -17.34 -6.82 -0.65
CA SER A 322 -18.63 -6.78 -1.35
C SER A 322 -19.45 -8.04 -1.19
N GLU A 323 -20.77 -7.92 -1.28
CA GLU A 323 -21.66 -9.07 -1.26
C GLU A 323 -22.00 -9.48 -2.69
N LYS A 324 -22.15 -8.50 -3.57
CA LYS A 324 -22.38 -8.76 -5.00
C LYS A 324 -21.81 -7.62 -5.87
N LEU A 325 -21.14 -8.00 -6.96
CA LEU A 325 -20.69 -7.07 -8.01
C LEU A 325 -21.32 -7.47 -9.34
N VAL A 326 -22.59 -7.11 -9.53
CA VAL A 326 -23.32 -7.59 -10.68
C VAL A 326 -23.29 -6.63 -11.85
N LEU A 327 -22.46 -6.93 -12.84
CA LEU A 327 -22.42 -6.19 -14.11
C LEU A 327 -23.71 -6.46 -14.86
N ALA A 328 -24.26 -5.46 -15.53
CA ALA A 328 -25.41 -5.71 -16.39
C ALA A 328 -24.85 -5.99 -17.76
N THR A 329 -25.35 -7.04 -18.39
CA THR A 329 -24.92 -7.39 -19.73
C THR A 329 -26.01 -7.13 -20.77
N GLY A 330 -27.25 -7.51 -20.44
CA GLY A 330 -28.38 -7.28 -21.32
C GLY A 330 -29.04 -5.94 -21.06
N LEU A 331 -30.21 -5.69 -21.62
CA LEU A 331 -30.82 -4.38 -21.48
C LEU A 331 -31.87 -4.32 -20.39
N ARG A 332 -32.39 -3.12 -20.15
CA ARG A 332 -33.35 -2.94 -19.10
C ARG A 332 -34.48 -3.88 -19.40
N ASN A 333 -35.02 -4.55 -18.40
CA ASN A 333 -36.15 -5.43 -18.63
C ASN A 333 -37.46 -4.70 -18.37
N VAL A 334 -38.30 -4.64 -19.39
CA VAL A 334 -39.55 -3.86 -19.29
C VAL A 334 -40.75 -4.63 -19.82
N PRO A 335 -41.13 -5.72 -19.17
CA PRO A 335 -42.23 -6.42 -19.81
C PRO A 335 -43.56 -5.67 -19.80
N GLN A 336 -44.46 -6.10 -20.69
CA GLN A 336 -45.81 -5.58 -20.87
C GLN A 336 -46.81 -6.74 -21.06
N GLY A 341 -34.01 5.58 -20.80
CA GLY A 341 -32.59 5.60 -21.06
C GLY A 341 -32.09 6.97 -21.48
N LEU A 342 -30.85 7.02 -21.99
CA LEU A 342 -30.21 8.27 -22.37
C LEU A 342 -30.40 8.66 -23.82
N PHE A 343 -31.05 7.79 -24.59
CA PHE A 343 -31.31 8.07 -26.01
C PHE A 343 -32.80 8.06 -26.28
N GLY A 344 -33.56 7.89 -25.18
CA GLY A 344 -35.01 8.07 -25.18
C GLY A 344 -35.81 6.99 -25.90
N ALA A 345 -35.20 5.84 -26.09
CA ALA A 345 -35.85 4.81 -26.88
C ALA A 345 -36.41 3.68 -26.01
N ILE A 346 -35.52 2.93 -25.34
CA ILE A 346 -35.89 1.86 -24.43
C ILE A 346 -36.54 2.45 -23.20
N ALA A 347 -37.76 2.02 -22.89
CA ALA A 347 -38.54 2.62 -21.81
C ALA A 347 -38.86 4.06 -22.14
N GLY A 348 -38.98 4.35 -23.42
CA GLY A 348 -39.10 5.72 -23.88
C GLY A 348 -40.20 5.85 -24.92
N PHE A 349 -39.91 6.43 -26.07
CA PHE A 349 -40.93 6.48 -27.13
C PHE A 349 -41.34 5.06 -27.57
N ILE A 350 -40.42 4.10 -27.56
CA ILE A 350 -40.79 2.69 -27.65
C ILE A 350 -41.06 2.19 -26.22
N GLU A 351 -42.31 2.33 -25.78
CA GLU A 351 -42.68 2.18 -24.37
C GLU A 351 -42.24 0.91 -23.63
N GLY A 352 -42.38 -0.25 -24.27
CA GLY A 352 -42.04 -1.51 -23.62
C GLY A 352 -41.36 -2.51 -24.53
N GLY A 353 -40.87 -3.60 -23.96
CA GLY A 353 -40.13 -4.58 -24.72
C GLY A 353 -41.03 -5.72 -25.17
N TRP A 354 -40.47 -6.60 -26.00
CA TRP A 354 -41.24 -7.73 -26.54
C TRP A 354 -40.75 -9.06 -26.01
N GLN A 355 -41.61 -9.81 -25.33
CA GLN A 355 -41.21 -11.14 -24.88
C GLN A 355 -41.22 -12.15 -26.03
N GLY A 356 -42.01 -11.82 -27.06
CA GLY A 356 -42.12 -12.64 -28.25
C GLY A 356 -40.85 -12.73 -29.08
N MET A 357 -40.13 -11.63 -29.21
CA MET A 357 -38.90 -11.67 -29.98
C MET A 357 -37.81 -12.30 -29.16
N VAL A 358 -37.41 -13.52 -29.50
CA VAL A 358 -36.48 -14.24 -28.65
C VAL A 358 -35.23 -14.67 -29.37
N ASP A 359 -35.07 -14.23 -30.62
CA ASP A 359 -33.87 -14.60 -31.38
C ASP A 359 -32.81 -13.50 -31.37
N GLY A 360 -32.80 -12.70 -30.30
CA GLY A 360 -31.89 -11.57 -30.17
C GLY A 360 -32.42 -10.36 -29.39
N TRP A 361 -31.58 -9.35 -29.29
CA TRP A 361 -31.89 -8.17 -28.47
C TRP A 361 -32.73 -7.12 -29.17
N TYR A 362 -32.48 -6.88 -30.45
CA TYR A 362 -33.27 -5.89 -31.22
C TYR A 362 -33.85 -6.49 -32.51
N GLY A 363 -35.01 -5.97 -32.93
CA GLY A 363 -35.72 -6.63 -34.00
C GLY A 363 -36.90 -5.85 -34.52
N TYR A 364 -37.75 -6.53 -35.30
CA TYR A 364 -38.86 -5.87 -35.97
C TYR A 364 -40.13 -6.63 -35.70
N HIS A 365 -41.25 -6.05 -36.12
CA HIS A 365 -42.57 -6.68 -36.08
C HIS A 365 -43.43 -6.36 -37.31
N ALA A 376 -35.81 -10.52 -35.64
CA ALA A 376 -34.68 -9.84 -35.00
C ALA A 376 -33.60 -9.40 -36.01
N ASP A 377 -32.98 -8.26 -35.73
CA ASP A 377 -31.93 -7.73 -36.57
C ASP A 377 -30.69 -8.39 -36.04
N LYS A 378 -30.27 -9.46 -36.69
CA LYS A 378 -29.14 -10.25 -36.21
C LYS A 378 -27.83 -9.50 -36.38
N GLU A 379 -27.77 -8.64 -37.40
CA GLU A 379 -26.58 -7.85 -37.67
C GLU A 379 -26.22 -6.95 -36.49
N SER A 380 -27.21 -6.24 -35.98
CA SER A 380 -27.00 -5.33 -34.83
C SER A 380 -27.03 -6.02 -33.46
N THR A 381 -27.60 -7.22 -33.40
CA THR A 381 -27.49 -8.08 -32.22
C THR A 381 -26.07 -8.67 -32.12
N GLN A 382 -25.45 -8.95 -33.26
CA GLN A 382 -24.08 -9.45 -33.22
C GLN A 382 -23.14 -8.34 -32.74
N LYS A 383 -23.27 -7.16 -33.32
CA LYS A 383 -22.45 -6.02 -32.92
C LYS A 383 -22.53 -5.85 -31.40
N ALA A 384 -23.74 -5.65 -30.91
CA ALA A 384 -24.01 -5.45 -29.49
C ALA A 384 -23.37 -6.52 -28.63
N PHE A 385 -23.69 -7.76 -28.98
CA PHE A 385 -23.17 -8.91 -28.26
C PHE A 385 -21.63 -8.95 -28.22
N ASP A 386 -20.98 -8.68 -29.35
CA ASP A 386 -19.53 -8.70 -29.37
C ASP A 386 -18.97 -7.60 -28.49
N GLY A 387 -19.62 -6.44 -28.49
CA GLY A 387 -19.24 -5.39 -27.58
C GLY A 387 -19.37 -5.77 -26.10
N ILE A 388 -20.55 -6.27 -25.72
CA ILE A 388 -20.80 -6.60 -24.33
C ILE A 388 -19.88 -7.72 -23.91
N THR A 389 -19.58 -8.62 -24.84
CA THR A 389 -18.58 -9.63 -24.57
C THR A 389 -17.25 -8.93 -24.23
N ASN A 390 -16.87 -7.95 -25.04
CA ASN A 390 -15.60 -7.29 -24.80
C ASN A 390 -15.60 -6.48 -23.52
N LYS A 391 -16.73 -5.88 -23.19
CA LYS A 391 -16.82 -5.16 -21.93
C LYS A 391 -16.49 -6.10 -20.80
N VAL A 392 -17.22 -7.21 -20.75
CA VAL A 392 -17.05 -8.15 -19.67
C VAL A 392 -15.64 -8.73 -19.64
N ASN A 393 -14.99 -8.83 -20.79
CA ASN A 393 -13.62 -9.31 -20.79
C ASN A 393 -12.65 -8.24 -20.29
N SER A 394 -12.81 -7.03 -20.82
CA SER A 394 -11.99 -5.92 -20.38
C SER A 394 -11.88 -5.95 -18.88
N VAL A 395 -13.03 -5.88 -18.22
CA VAL A 395 -13.12 -5.87 -16.76
C VAL A 395 -12.41 -7.07 -16.11
N ILE A 396 -12.57 -8.26 -16.70
CA ILE A 396 -11.92 -9.46 -16.18
C ILE A 396 -10.43 -9.59 -16.52
N GLU A 397 -10.07 -9.34 -17.77
CA GLU A 397 -8.72 -9.64 -18.22
C GLU A 397 -7.61 -8.63 -17.84
N LYS A 398 -7.96 -7.36 -17.64
CA LYS A 398 -6.92 -6.36 -17.33
C LYS A 398 -6.44 -6.41 -15.89
N MET A 399 -6.93 -7.41 -15.16
CA MET A 399 -6.65 -7.54 -13.73
C MET A 399 -5.45 -8.44 -13.48
N ASN A 400 -4.33 -7.83 -13.12
CA ASN A 400 -3.14 -8.62 -12.82
C ASN A 400 -3.31 -9.38 -11.52
N THR A 401 -2.72 -10.56 -11.45
CA THR A 401 -2.80 -11.35 -10.24
C THR A 401 -1.52 -12.13 -10.03
N GLN A 402 -0.98 -12.09 -8.82
CA GLN A 402 0.27 -12.79 -8.55
C GLN A 402 0.27 -13.49 -7.22
N PHE A 403 1.29 -14.30 -7.01
CA PHE A 403 1.32 -15.19 -5.87
C PHE A 403 1.63 -14.44 -4.58
N GLU A 404 0.62 -14.23 -3.74
CA GLU A 404 0.85 -13.59 -2.44
C GLU A 404 0.44 -14.53 -1.28
N ALA A 405 1.05 -14.34 -0.11
CA ALA A 405 0.79 -15.18 1.05
C ALA A 405 -0.28 -14.61 1.98
N VAL A 406 -0.36 -13.29 2.06
CA VAL A 406 -1.37 -12.56 2.86
C VAL A 406 -1.31 -12.73 4.38
N GLY A 407 -1.26 -13.97 4.86
CA GLY A 407 -1.16 -14.23 6.29
C GLY A 407 0.28 -14.29 6.76
N LYS A 408 0.70 -13.27 7.52
CA LYS A 408 2.05 -13.20 8.04
C LYS A 408 2.14 -13.54 9.54
N GLU A 409 3.35 -13.81 10.00
CA GLU A 409 3.60 -14.21 11.39
C GLU A 409 4.34 -13.11 12.17
N PHE A 410 3.89 -12.80 13.38
CA PHE A 410 4.52 -11.73 14.15
C PHE A 410 4.64 -12.06 15.64
N SER A 411 5.70 -11.60 16.27
CA SER A 411 5.90 -11.92 17.68
C SER A 411 5.23 -10.91 18.61
N ASN A 412 5.36 -11.10 19.92
CA ASN A 412 4.74 -10.19 20.90
C ASN A 412 5.29 -8.79 20.84
N LEU A 413 6.57 -8.67 20.49
CA LEU A 413 7.24 -7.37 20.36
C LEU A 413 7.20 -6.82 18.93
N GLU A 414 6.30 -7.35 18.12
CA GLU A 414 6.10 -6.88 16.77
C GLU A 414 4.68 -6.41 16.53
N ARG A 415 3.99 -5.90 17.54
CA ARG A 415 2.61 -5.54 17.29
C ARG A 415 2.57 -4.43 16.24
N ARG A 416 3.48 -3.47 16.38
CA ARG A 416 3.57 -2.32 15.49
C ARG A 416 3.70 -2.77 14.04
N LEU A 417 4.53 -3.76 13.80
CA LEU A 417 4.76 -4.23 12.46
C LEU A 417 3.54 -5.03 11.97
N GLU A 418 3.03 -5.93 12.81
CA GLU A 418 1.82 -6.65 12.44
C GLU A 418 0.76 -5.66 11.97
N ASN A 419 0.61 -4.55 12.70
CA ASN A 419 -0.41 -3.57 12.36
C ASN A 419 -0.11 -2.69 11.15
N LEU A 420 1.16 -2.54 10.82
CA LEU A 420 1.53 -1.97 9.54
C LEU A 420 0.96 -2.85 8.44
N ASN A 421 1.26 -4.15 8.48
CA ASN A 421 0.67 -5.11 7.55
C ASN A 421 -0.86 -4.94 7.48
N LYS A 422 -1.51 -4.88 8.65
CA LYS A 422 -2.97 -4.76 8.65
C LYS A 422 -3.48 -3.45 8.02
N LYS A 423 -2.82 -2.34 8.31
CA LYS A 423 -3.24 -1.05 7.78
C LYS A 423 -3.13 -1.05 6.26
N MET A 424 -2.23 -1.86 5.75
CA MET A 424 -1.98 -1.90 4.33
C MET A 424 -2.96 -2.83 3.64
N GLU A 425 -3.18 -3.99 4.24
CA GLU A 425 -4.14 -4.90 3.67
C GLU A 425 -5.51 -4.22 3.70
N ASP A 426 -5.81 -3.53 4.80
CA ASP A 426 -6.98 -2.64 4.91
C ASP A 426 -6.97 -1.54 3.86
N GLY A 427 -5.80 -0.95 3.62
CA GLY A 427 -5.66 0.05 2.59
C GLY A 427 -6.12 -0.45 1.23
N PHE A 428 -5.69 -1.67 0.90
CA PHE A 428 -5.99 -2.23 -0.40
C PHE A 428 -7.41 -2.73 -0.49
N LEU A 429 -7.93 -3.20 0.65
CA LEU A 429 -9.33 -3.59 0.73
C LEU A 429 -10.25 -2.41 0.38
N ASP A 430 -9.93 -1.21 0.86
CA ASP A 430 -10.77 -0.06 0.57
C ASP A 430 -10.70 0.40 -0.86
N VAL A 431 -9.48 0.43 -1.39
CA VAL A 431 -9.29 0.78 -2.80
C VAL A 431 -10.10 -0.14 -3.70
N TRP A 432 -9.84 -1.44 -3.57
CA TRP A 432 -10.47 -2.42 -4.46
C TRP A 432 -11.99 -2.41 -4.35
N THR A 433 -12.51 -2.22 -3.14
CA THR A 433 -13.95 -2.16 -2.98
C THR A 433 -14.58 -0.92 -3.64
N TYR A 434 -14.20 0.27 -3.18
CA TYR A 434 -14.63 1.51 -3.82
C TYR A 434 -14.47 1.41 -5.33
N ASN A 435 -13.25 1.16 -5.78
CA ASN A 435 -13.05 1.03 -7.23
C ASN A 435 -13.99 0.03 -7.91
N ALA A 436 -14.08 -1.19 -7.40
CA ALA A 436 -14.87 -2.23 -8.04
C ALA A 436 -16.36 -1.95 -7.94
N GLU A 437 -16.79 -1.38 -6.81
CA GLU A 437 -18.19 -1.03 -6.69
C GLU A 437 -18.56 0.01 -7.73
N LEU A 438 -17.78 1.09 -7.76
CA LEU A 438 -17.98 2.15 -8.74
C LEU A 438 -17.83 1.66 -10.18
N LEU A 439 -16.80 0.86 -10.44
CA LEU A 439 -16.62 0.26 -11.75
C LEU A 439 -17.88 -0.44 -12.28
N VAL A 440 -18.55 -1.18 -11.41
CA VAL A 440 -19.77 -1.86 -11.81
C VAL A 440 -20.85 -0.86 -12.15
N LEU A 441 -20.95 0.18 -11.32
CA LEU A 441 -22.02 1.16 -11.45
C LEU A 441 -21.82 2.06 -12.65
N MET A 442 -20.59 2.45 -12.92
CA MET A 442 -20.35 3.35 -14.04
C MET A 442 -20.64 2.57 -15.31
N GLU A 443 -20.15 1.33 -15.37
CA GLU A 443 -20.22 0.55 -16.58
C GLU A 443 -21.61 0.02 -16.83
N ASN A 444 -22.38 -0.14 -15.79
CA ASN A 444 -23.76 -0.52 -15.98
C ASN A 444 -24.56 0.58 -16.63
N GLU A 445 -24.41 1.81 -16.14
CA GLU A 445 -25.15 2.88 -16.76
C GLU A 445 -24.76 2.97 -18.23
N ARG A 446 -23.50 2.68 -18.56
CA ARG A 446 -23.07 2.66 -19.96
C ARG A 446 -23.75 1.59 -20.82
N THR A 447 -23.89 0.38 -20.29
CA THR A 447 -24.50 -0.73 -20.99
C THR A 447 -25.95 -0.38 -21.35
N LEU A 448 -26.77 -0.09 -20.33
CA LEU A 448 -28.15 0.33 -20.60
C LEU A 448 -28.20 1.36 -21.74
N ASP A 449 -27.42 2.42 -21.62
CA ASP A 449 -27.40 3.44 -22.66
C ASP A 449 -26.94 2.91 -24.02
N PHE A 450 -25.91 2.07 -24.02
CA PHE A 450 -25.47 1.38 -25.23
C PHE A 450 -26.61 0.65 -25.94
N HIS A 451 -27.38 -0.14 -25.18
CA HIS A 451 -28.59 -0.76 -25.69
C HIS A 451 -29.61 0.28 -26.22
N ASP A 452 -29.82 1.35 -25.46
CA ASP A 452 -30.69 2.44 -25.89
C ASP A 452 -30.24 3.03 -27.23
N SER A 453 -28.97 3.40 -27.31
CA SER A 453 -28.41 3.89 -28.57
C SER A 453 -28.57 2.86 -29.72
N ASN A 454 -28.22 1.60 -29.48
CA ASN A 454 -28.42 0.59 -30.50
C ASN A 454 -29.84 0.59 -31.08
N VAL A 455 -30.84 0.65 -30.21
CA VAL A 455 -32.23 0.72 -30.69
C VAL A 455 -32.64 2.04 -31.38
N LYS A 456 -32.20 3.17 -30.85
CA LYS A 456 -32.57 4.46 -31.45
C LYS A 456 -31.91 4.55 -32.81
N ASN A 457 -30.84 3.79 -32.99
CA ASN A 457 -30.10 3.80 -34.24
C ASN A 457 -30.73 2.91 -35.28
N LEU A 458 -31.16 1.72 -34.84
CA LEU A 458 -31.99 0.86 -35.68
C LEU A 458 -33.22 1.62 -36.15
N TYR A 459 -33.98 2.15 -35.21
CA TYR A 459 -35.12 3.00 -35.56
C TYR A 459 -34.79 4.03 -36.63
N ASP A 460 -33.63 4.66 -36.53
CA ASP A 460 -33.26 5.68 -37.52
C ASP A 460 -32.91 5.08 -38.87
N LYS A 461 -32.02 4.09 -38.89
CA LYS A 461 -31.69 3.39 -40.13
C LYS A 461 -32.97 3.09 -40.91
N VAL A 462 -33.92 2.43 -40.25
CA VAL A 462 -35.20 2.13 -40.88
C VAL A 462 -35.93 3.41 -41.35
N ARG A 463 -36.02 4.40 -40.46
CA ARG A 463 -36.81 5.60 -40.74
C ARG A 463 -36.31 6.29 -41.97
N MET A 464 -34.99 6.35 -42.15
CA MET A 464 -34.42 7.13 -43.23
C MET A 464 -34.61 6.47 -44.59
N GLN A 465 -34.97 5.19 -44.56
CA GLN A 465 -35.33 4.46 -45.78
C GLN A 465 -36.77 4.75 -46.23
N LEU A 466 -37.69 4.78 -45.28
CA LEU A 466 -39.09 4.96 -45.58
C LEU A 466 -39.47 6.43 -45.87
N ARG A 467 -39.51 7.29 -44.85
CA ARG A 467 -39.78 8.73 -45.05
C ARG A 467 -41.25 9.06 -45.35
N ASP A 468 -41.48 9.61 -46.54
CA ASP A 468 -42.78 9.78 -47.15
C ASP A 468 -43.73 8.62 -46.96
N ASN A 469 -43.29 7.47 -47.46
CA ASN A 469 -44.13 6.30 -47.68
C ASN A 469 -44.74 5.66 -46.44
N VAL A 470 -44.44 6.19 -45.26
CA VAL A 470 -45.05 5.68 -44.06
C VAL A 470 -45.48 6.83 -43.14
N LYS A 471 -46.58 6.65 -42.43
CA LYS A 471 -46.89 7.50 -41.29
C LYS A 471 -46.01 6.98 -40.17
N GLU A 472 -45.22 7.85 -39.56
CA GLU A 472 -44.41 7.46 -38.41
C GLU A 472 -45.29 7.58 -37.16
N LEU A 473 -45.59 6.46 -36.50
CA LEU A 473 -46.58 6.49 -35.44
C LEU A 473 -46.11 7.09 -34.11
N GLY A 474 -44.80 7.02 -33.84
CA GLY A 474 -44.25 7.64 -32.64
C GLY A 474 -44.07 6.70 -31.48
N ASN A 475 -44.61 5.48 -31.61
CA ASN A 475 -44.37 4.43 -30.64
C ASN A 475 -43.42 3.42 -31.25
N GLY A 476 -42.74 3.86 -32.30
CA GLY A 476 -41.71 3.05 -32.94
C GLY A 476 -42.29 2.22 -34.04
N CYS A 477 -43.49 2.54 -34.48
CA CYS A 477 -44.10 1.82 -35.58
C CYS A 477 -44.14 2.69 -36.80
N PHE A 478 -44.14 2.08 -37.97
CA PHE A 478 -44.40 2.81 -39.17
C PHE A 478 -45.59 2.18 -39.86
N GLU A 479 -46.64 2.95 -40.10
CA GLU A 479 -47.81 2.47 -40.83
C GLU A 479 -47.52 2.74 -42.30
N PHE A 480 -47.53 1.70 -43.13
CA PHE A 480 -47.21 1.85 -44.55
C PHE A 480 -48.35 2.50 -45.34
N TYR A 481 -48.04 3.52 -46.13
CA TYR A 481 -49.05 4.17 -46.97
C TYR A 481 -49.31 3.36 -48.24
N HIS A 482 -48.45 2.39 -48.50
CA HIS A 482 -48.65 1.51 -49.64
C HIS A 482 -48.74 0.07 -49.14
N LYS A 483 -48.86 -0.87 -50.07
CA LYS A 483 -48.93 -2.28 -49.73
C LYS A 483 -47.52 -2.75 -49.47
N CYS A 484 -47.33 -3.51 -48.39
CA CYS A 484 -46.01 -4.06 -48.09
C CYS A 484 -46.07 -5.56 -47.85
N ASP A 485 -45.87 -6.33 -48.91
CA ASP A 485 -45.84 -7.79 -48.80
C ASP A 485 -44.52 -8.24 -48.22
N ASP A 486 -44.43 -9.52 -47.89
CA ASP A 486 -43.21 -10.06 -47.28
C ASP A 486 -41.91 -9.67 -48.00
N GLU A 487 -41.92 -9.61 -49.32
CA GLU A 487 -40.70 -9.22 -50.01
C GLU A 487 -40.35 -7.79 -49.68
N CYS A 488 -41.37 -6.93 -49.64
CA CYS A 488 -41.17 -5.53 -49.28
C CYS A 488 -40.65 -5.39 -47.84
N MET A 489 -41.10 -6.27 -46.94
CA MET A 489 -40.68 -6.23 -45.55
C MET A 489 -39.23 -6.65 -45.38
N ASN A 490 -38.83 -7.70 -46.10
CA ASN A 490 -37.42 -8.09 -46.10
C ASN A 490 -36.57 -6.99 -46.73
N SER A 491 -37.16 -6.22 -47.62
CA SER A 491 -36.44 -5.13 -48.26
C SER A 491 -36.04 -4.11 -47.22
N VAL A 492 -36.83 -4.00 -46.14
CA VAL A 492 -36.53 -3.07 -45.07
C VAL A 492 -35.55 -3.66 -44.08
N LYS A 493 -35.65 -4.95 -43.79
CA LYS A 493 -34.65 -5.57 -42.90
C LYS A 493 -33.32 -5.72 -43.64
N ASN A 494 -33.39 -5.98 -44.95
CA ASN A 494 -32.25 -6.03 -45.87
C ASN A 494 -31.40 -4.77 -45.77
N GLY A 495 -32.08 -3.64 -45.73
CA GLY A 495 -31.44 -2.35 -45.92
C GLY A 495 -31.59 -1.98 -47.39
N THR A 496 -32.61 -2.55 -48.04
CA THR A 496 -32.78 -2.46 -49.50
C THR A 496 -34.05 -1.74 -49.94
N TYR A 497 -34.83 -1.20 -49.01
CA TYR A 497 -36.09 -0.60 -49.39
C TYR A 497 -35.89 0.44 -50.50
N ASP A 498 -36.57 0.22 -51.63
CA ASP A 498 -36.41 1.06 -52.80
C ASP A 498 -37.34 0.58 -53.86
N TYR A 499 -38.39 1.34 -54.19
CA TYR A 499 -38.93 2.55 -53.54
C TYR A 499 -39.79 3.20 -54.63
N PRO A 500 -40.62 2.37 -55.29
CA PRO A 500 -41.56 2.88 -56.27
C PRO A 500 -42.87 2.97 -55.53
N LYS A 501 -43.20 4.15 -55.00
CA LYS A 501 -44.47 4.35 -54.34
C LYS A 501 -44.94 5.79 -54.45
N TYR A 502 -46.20 5.91 -54.88
CA TYR A 502 -46.87 7.18 -55.12
C TYR A 502 -48.19 7.29 -54.34
N GLU A 503 -48.57 6.22 -53.64
CA GLU A 503 -49.75 6.26 -52.77
C GLU A 503 -49.61 7.32 -51.67
N GLU A 504 -50.67 8.14 -51.55
CA GLU A 504 -50.94 9.20 -50.53
C GLU A 504 -50.05 9.36 -49.29
N ASP B 16 -49.43 32.46 -31.11
CA ASP B 16 -49.25 31.33 -30.22
C ASP B 16 -47.90 30.70 -30.49
N GLN B 17 -47.45 29.79 -29.63
CA GLN B 17 -46.09 29.25 -29.71
C GLN B 17 -45.68 28.67 -28.37
N ILE B 18 -45.17 27.45 -28.37
CA ILE B 18 -44.69 26.87 -27.12
C ILE B 18 -43.20 26.72 -27.16
N CYS B 19 -42.62 26.43 -26.01
CA CYS B 19 -41.19 26.47 -25.92
C CYS B 19 -40.62 25.58 -24.83
N ILE B 20 -39.63 24.76 -25.19
CA ILE B 20 -38.98 23.92 -24.19
C ILE B 20 -37.65 24.52 -23.79
N GLY B 21 -37.35 24.47 -22.50
CA GLY B 21 -36.10 25.03 -22.02
C GLY B 21 -35.60 24.46 -20.69
N TYR B 22 -34.53 25.05 -20.19
CA TYR B 22 -33.93 24.59 -18.96
C TYR B 22 -33.65 25.71 -17.94
N HIS B 23 -33.23 25.32 -16.73
CA HIS B 23 -33.13 26.24 -15.60
C HIS B 23 -31.90 27.10 -15.69
N ALA B 24 -31.90 28.18 -14.91
CA ALA B 24 -30.75 29.08 -14.84
C ALA B 24 -30.83 29.90 -13.56
N ASN B 25 -29.71 30.41 -13.09
CA ASN B 25 -29.72 31.13 -11.81
C ASN B 25 -28.48 31.97 -11.52
N ASN B 26 -28.41 32.50 -10.29
CA ASN B 26 -27.35 33.45 -9.89
C ASN B 26 -26.01 32.83 -9.59
N SER B 27 -25.88 31.52 -9.80
CA SER B 27 -24.70 30.77 -9.35
C SER B 27 -23.44 31.01 -10.17
N THR B 28 -22.32 31.22 -9.49
CA THR B 28 -21.04 31.39 -10.15
C THR B 28 -20.10 30.27 -9.79
N GLU B 29 -20.67 29.14 -9.39
CA GLU B 29 -19.88 27.98 -9.02
C GLU B 29 -19.37 27.24 -10.23
N LYS B 30 -18.06 26.99 -10.25
CA LYS B 30 -17.42 26.33 -11.38
C LYS B 30 -17.02 24.89 -11.06
N VAL B 31 -17.25 24.02 -12.04
CA VAL B 31 -16.78 22.64 -11.99
C VAL B 31 -15.93 22.40 -13.22
N ASP B 32 -15.12 21.34 -13.16
CA ASP B 32 -14.36 20.87 -14.30
C ASP B 32 -14.93 19.55 -14.75
N THR B 33 -14.80 19.24 -16.03
CA THR B 33 -15.06 17.90 -16.52
C THR B 33 -13.81 17.43 -17.21
N ILE B 34 -13.86 16.23 -17.76
CA ILE B 34 -12.74 15.72 -18.54
C ILE B 34 -12.48 16.62 -19.75
N LEU B 35 -13.53 17.23 -20.29
CA LEU B 35 -13.45 17.92 -21.57
C LEU B 35 -13.34 19.44 -21.49
N GLU B 36 -13.90 20.03 -20.45
CA GLU B 36 -13.82 21.48 -20.29
C GLU B 36 -13.40 21.79 -18.89
N ARG B 37 -12.96 23.02 -18.63
CA ARG B 37 -12.78 23.46 -17.25
C ARG B 37 -13.33 24.83 -16.99
N ASN B 38 -13.53 25.13 -15.73
CA ASN B 38 -14.16 26.38 -15.32
C ASN B 38 -15.58 26.51 -15.91
N VAL B 39 -16.41 25.48 -15.71
CA VAL B 39 -17.77 25.46 -16.25
C VAL B 39 -18.81 25.82 -15.20
N THR B 40 -19.36 27.02 -15.29
CA THR B 40 -20.40 27.45 -14.35
C THR B 40 -21.64 26.52 -14.36
N VAL B 41 -22.03 26.06 -13.18
CA VAL B 41 -23.15 25.12 -13.05
C VAL B 41 -24.25 25.60 -12.10
N THR B 42 -25.49 25.24 -12.39
CA THR B 42 -26.57 25.71 -11.53
C THR B 42 -26.37 25.23 -10.09
N HIS B 43 -25.82 24.02 -9.92
CA HIS B 43 -25.75 23.42 -8.59
C HIS B 43 -24.49 22.60 -8.47
N ALA B 44 -24.03 22.39 -7.24
CA ALA B 44 -22.80 21.66 -7.00
C ALA B 44 -22.78 21.06 -5.61
N LYS B 45 -21.89 20.13 -5.35
CA LYS B 45 -21.77 19.50 -4.04
C LYS B 45 -20.29 19.16 -3.89
N ASP B 46 -19.58 19.87 -3.02
CA ASP B 46 -18.18 19.51 -2.84
C ASP B 46 -18.17 18.23 -2.02
N ILE B 47 -17.32 17.27 -2.40
CA ILE B 47 -17.23 16.02 -1.62
C ILE B 47 -15.88 15.91 -0.95
N LEU B 48 -15.15 17.01 -0.84
CA LEU B 48 -13.91 17.01 -0.07
C LEU B 48 -14.09 17.69 1.27
N GLU B 49 -14.03 16.91 2.35
CA GLU B 49 -14.18 17.43 3.70
C GLU B 49 -12.94 18.20 4.12
N LYS B 50 -13.05 19.51 4.31
CA LYS B 50 -11.83 20.29 4.54
C LYS B 50 -11.85 21.10 5.84
N THR B 51 -12.79 20.77 6.73
CA THR B 51 -12.97 21.53 7.96
C THR B 51 -12.88 20.70 9.20
N HIS B 52 -12.08 21.18 10.14
CA HIS B 52 -11.98 20.61 11.47
C HIS B 52 -12.60 21.59 12.45
N ASN B 53 -12.67 21.24 13.73
CA ASN B 53 -13.17 22.16 14.74
C ASN B 53 -12.11 22.60 15.74
N GLY B 54 -10.85 22.64 15.33
CA GLY B 54 -9.78 23.14 16.18
C GLY B 54 -9.66 22.48 17.54
N LYS B 55 -10.48 21.45 17.79
CA LYS B 55 -10.53 20.82 19.11
C LYS B 55 -10.02 19.37 19.14
N LEU B 56 -9.50 18.97 20.31
CA LEU B 56 -9.17 17.57 20.55
C LEU B 56 -10.27 17.01 21.42
N CYS B 57 -10.76 15.83 21.07
CA CYS B 57 -12.03 15.36 21.59
C CYS B 57 -11.98 13.94 22.13
N LYS B 58 -13.08 13.49 22.73
CA LYS B 58 -13.23 12.07 23.03
C LYS B 58 -13.31 11.40 21.69
N LEU B 59 -13.05 10.10 21.68
CA LEU B 59 -13.07 9.34 20.46
C LEU B 59 -14.00 8.16 20.68
N ASN B 60 -15.17 8.22 20.05
CA ASN B 60 -16.20 7.18 20.21
C ASN B 60 -16.64 7.01 21.67
N GLY B 61 -16.65 8.12 22.40
CA GLY B 61 -17.21 8.13 23.74
C GLY B 61 -16.18 7.94 24.84
N ILE B 62 -14.91 7.86 24.45
CA ILE B 62 -13.84 7.62 25.40
C ILE B 62 -12.71 8.65 25.25
N PRO B 63 -12.27 9.21 26.37
CA PRO B 63 -11.26 10.28 26.32
C PRO B 63 -9.90 9.77 25.85
N PRO B 64 -9.00 10.70 25.53
CA PRO B 64 -7.61 10.35 25.24
C PRO B 64 -6.86 10.28 26.55
N LEU B 65 -5.75 9.56 26.62
CA LEU B 65 -4.86 9.77 27.74
C LEU B 65 -4.11 11.08 27.47
N GLU B 66 -4.14 11.98 28.45
CA GLU B 66 -3.56 13.32 28.30
C GLU B 66 -2.27 13.43 29.09
N LEU B 67 -1.13 13.36 28.41
CA LEU B 67 0.14 13.25 29.11
C LEU B 67 0.81 14.60 29.38
N GLY B 68 0.15 15.69 28.98
CA GLY B 68 0.79 16.98 29.12
C GLY B 68 2.18 16.90 28.53
N ASP B 69 3.17 17.44 29.20
CA ASP B 69 4.52 17.23 28.68
C ASP B 69 5.29 16.15 29.45
N CYS B 70 4.70 14.96 29.51
CA CYS B 70 5.37 13.79 30.05
C CYS B 70 5.51 12.71 28.98
N SER B 71 6.69 12.10 28.89
CA SER B 71 6.86 10.97 28.00
C SER B 71 6.16 9.79 28.66
N ILE B 72 5.73 8.81 27.88
CA ILE B 72 5.16 7.62 28.46
C ILE B 72 6.15 6.94 29.41
N ALA B 73 7.43 7.24 29.26
CA ALA B 73 8.44 6.65 30.10
C ALA B 73 8.39 7.29 31.47
N GLY B 74 8.28 8.61 31.49
CA GLY B 74 8.23 9.37 32.72
C GLY B 74 6.97 9.05 33.47
N TRP B 75 5.87 8.92 32.74
CA TRP B 75 4.58 8.71 33.37
C TRP B 75 4.59 7.39 34.12
N LEU B 76 4.98 6.34 33.41
CA LEU B 76 5.02 4.98 33.93
C LEU B 76 6.07 4.87 35.02
N LEU B 77 7.32 5.17 34.66
CA LEU B 77 8.39 5.09 35.62
C LEU B 77 8.01 5.93 36.82
N GLY B 78 7.13 6.90 36.62
CA GLY B 78 6.79 7.84 37.66
C GLY B 78 7.87 8.86 37.94
N ASN B 79 8.29 9.57 36.90
CA ASN B 79 9.11 10.75 37.08
C ASN B 79 8.35 11.55 38.10
N PRO B 80 9.04 12.11 39.09
CA PRO B 80 8.35 12.93 40.09
C PRO B 80 7.70 14.15 39.43
N GLU B 81 8.18 14.50 38.23
CA GLU B 81 7.66 15.65 37.52
C GLU B 81 6.37 15.29 36.78
N CYS B 82 5.89 14.08 36.97
CA CYS B 82 4.66 13.64 36.30
C CYS B 82 3.56 13.34 37.31
N ASP B 83 3.88 13.49 38.59
CA ASP B 83 2.97 13.22 39.71
C ASP B 83 1.50 13.56 39.48
N ARG B 84 1.23 14.75 38.95
CA ARG B 84 -0.15 15.22 38.82
C ARG B 84 -0.65 15.22 37.36
N LEU B 85 -0.87 14.02 36.82
CA LEU B 85 -1.39 13.86 35.48
C LEU B 85 -2.82 13.33 35.58
N LEU B 86 -3.61 13.56 34.54
CA LEU B 86 -5.01 13.14 34.53
C LEU B 86 -5.17 11.69 34.96
N SER B 87 -4.59 10.76 34.21
CA SER B 87 -4.66 9.36 34.59
C SER B 87 -6.10 8.85 34.67
N VAL B 88 -6.58 8.30 33.56
CA VAL B 88 -7.92 7.76 33.48
C VAL B 88 -7.84 6.23 33.43
N PRO B 89 -8.93 5.53 33.78
CA PRO B 89 -8.89 4.08 33.74
C PRO B 89 -9.10 3.51 32.34
N GLU B 90 -9.38 4.36 31.35
CA GLU B 90 -9.64 3.88 30.01
C GLU B 90 -9.47 5.00 29.05
N TRP B 91 -8.61 4.83 28.05
CA TRP B 91 -8.45 5.86 27.04
C TRP B 91 -8.50 5.26 25.63
N SER B 92 -8.54 6.11 24.61
CA SER B 92 -8.73 5.63 23.26
C SER B 92 -7.54 6.00 22.37
N TYR B 93 -6.88 7.09 22.71
CA TYR B 93 -5.57 7.37 22.13
C TYR B 93 -4.72 8.08 23.17
N ILE B 94 -3.54 8.53 22.80
CA ILE B 94 -2.66 9.10 23.79
C ILE B 94 -2.19 10.40 23.25
N MET B 95 -2.20 11.44 24.08
CA MET B 95 -1.67 12.73 23.66
C MET B 95 -0.33 12.99 24.26
N GLU B 96 0.69 13.13 23.42
CA GLU B 96 1.99 13.53 23.87
C GLU B 96 2.32 14.81 23.15
N LYS B 97 3.23 15.59 23.71
CA LYS B 97 3.81 16.69 22.97
C LYS B 97 4.94 16.11 22.12
N GLU B 98 5.28 16.79 21.04
CA GLU B 98 6.44 16.42 20.25
C GLU B 98 7.69 16.82 21.03
N ASN B 99 8.34 15.86 21.70
CA ASN B 99 9.48 16.13 22.58
C ASN B 99 9.05 16.57 23.99
N PRO B 100 8.59 15.61 24.80
CA PRO B 100 7.92 15.92 26.08
C PRO B 100 8.76 16.51 27.21
N ARG B 101 10.09 16.51 27.12
CA ARG B 101 10.92 17.19 28.12
C ARG B 101 11.08 16.39 29.40
N ASP B 102 9.97 15.89 29.92
CA ASP B 102 9.97 15.08 31.13
C ASP B 102 9.96 13.60 30.82
N GLY B 103 11.15 13.06 30.60
CA GLY B 103 11.30 11.67 30.28
C GLY B 103 12.03 10.93 31.39
N LEU B 104 13.27 10.59 31.13
CA LEU B 104 14.04 9.82 32.08
C LEU B 104 14.92 10.79 32.83
N CYS B 105 14.40 11.32 33.93
CA CYS B 105 15.12 12.35 34.69
C CYS B 105 16.50 11.84 35.11
N TYR B 106 16.58 10.57 35.49
CA TYR B 106 17.87 9.91 35.61
C TYR B 106 18.16 9.34 34.22
N PRO B 107 19.23 9.82 33.59
CA PRO B 107 19.54 9.56 32.19
C PRO B 107 19.61 8.08 31.92
N GLY B 108 19.11 7.64 30.77
CA GLY B 108 19.24 6.23 30.45
C GLY B 108 18.78 5.81 29.07
N SER B 109 17.79 4.91 29.08
CA SER B 109 17.25 4.24 27.90
C SER B 109 16.20 3.23 28.34
N PHE B 110 15.39 2.78 27.42
CA PHE B 110 14.22 1.97 27.75
C PHE B 110 14.00 0.99 26.61
N ASN B 111 14.29 -0.30 26.80
CA ASN B 111 14.26 -1.23 25.68
C ASN B 111 12.90 -1.42 25.11
N ASP B 112 12.82 -1.68 23.81
CA ASP B 112 11.54 -1.93 23.17
C ASP B 112 10.51 -0.85 23.52
N TYR B 113 10.93 0.40 23.45
CA TYR B 113 10.10 1.49 23.90
C TYR B 113 8.95 1.73 22.96
N GLU B 114 9.21 1.76 21.65
CA GLU B 114 8.17 2.08 20.67
C GLU B 114 7.02 1.09 20.73
N GLU B 115 7.39 -0.17 20.96
CA GLU B 115 6.45 -1.26 21.12
C GLU B 115 5.54 -1.10 22.34
N LEU B 116 6.12 -0.77 23.51
CA LEU B 116 5.39 -0.46 24.73
C LEU B 116 4.38 0.68 24.50
N LYS B 117 4.79 1.70 23.75
CA LYS B 117 3.90 2.82 23.45
C LYS B 117 2.73 2.38 22.60
N HIS B 118 2.97 1.57 21.58
CA HIS B 118 1.85 1.06 20.78
C HIS B 118 0.94 0.25 21.68
N LEU B 119 1.53 -0.48 22.60
CA LEU B 119 0.74 -1.33 23.49
C LEU B 119 -0.20 -0.51 24.39
N LEU B 120 0.33 0.59 24.89
CA LEU B 120 -0.39 1.48 25.78
C LEU B 120 -1.23 2.50 25.02
N SER B 121 -1.16 2.50 23.69
CA SER B 121 -1.83 3.56 22.97
C SER B 121 -3.35 3.55 23.20
N SER B 122 -3.91 2.38 23.42
CA SER B 122 -5.32 2.31 23.64
C SER B 122 -5.59 1.18 24.59
N VAL B 123 -6.43 1.42 25.58
CA VAL B 123 -6.56 0.48 26.70
C VAL B 123 -7.98 0.46 27.25
N LYS B 124 -8.48 -0.71 27.60
CA LYS B 124 -9.84 -0.82 28.10
C LYS B 124 -9.89 -0.58 29.59
N HIS B 125 -8.91 -1.12 30.30
CA HIS B 125 -8.76 -0.81 31.72
C HIS B 125 -7.31 -0.86 32.15
N PHE B 126 -6.89 0.12 32.94
CA PHE B 126 -5.49 0.28 33.28
C PHE B 126 -5.33 0.79 34.70
N GLU B 127 -5.01 -0.13 35.61
CA GLU B 127 -4.84 0.17 37.04
C GLU B 127 -3.45 -0.11 37.61
N LYS B 128 -2.90 0.85 38.33
CA LYS B 128 -1.63 0.71 39.02
C LYS B 128 -1.83 -0.06 40.31
N VAL B 129 -0.96 -1.02 40.58
CA VAL B 129 -1.08 -1.84 41.80
C VAL B 129 0.27 -2.19 42.42
N LYS B 130 0.40 -1.99 43.75
CA LYS B 130 1.64 -2.26 44.49
C LYS B 130 1.91 -3.76 44.63
N ILE B 131 3.07 -4.23 44.12
CA ILE B 131 3.35 -5.67 43.99
C ILE B 131 4.57 -6.17 44.79
N LEU B 132 5.57 -5.30 44.93
CA LEU B 132 6.78 -5.63 45.70
C LEU B 132 7.03 -4.45 46.59
N PRO B 133 6.25 -4.35 47.67
CA PRO B 133 6.27 -3.17 48.53
C PRO B 133 7.65 -2.81 49.08
N LYS B 134 7.95 -1.52 49.03
CA LYS B 134 9.25 -1.00 49.41
C LYS B 134 9.70 -1.52 50.77
N ASP B 135 8.77 -1.61 51.71
CA ASP B 135 9.09 -1.98 53.09
C ASP B 135 9.92 -3.24 53.14
N ARG B 136 9.49 -4.20 52.33
CA ARG B 136 9.88 -5.58 52.52
C ARG B 136 11.31 -5.89 52.05
N TRP B 137 11.98 -4.92 51.43
CA TRP B 137 13.36 -5.12 51.04
C TRP B 137 14.27 -4.89 52.23
N THR B 138 13.93 -5.51 53.36
CA THR B 138 14.85 -5.54 54.49
C THR B 138 16.14 -6.14 53.91
N GLN B 139 17.27 -5.72 54.46
CA GLN B 139 18.59 -6.19 54.02
C GLN B 139 19.25 -5.34 52.94
N HIS B 140 18.48 -4.49 52.28
CA HIS B 140 19.06 -3.57 51.32
C HIS B 140 18.54 -2.20 51.59
N THR B 141 19.27 -1.21 51.11
CA THR B 141 18.86 0.16 51.25
C THR B 141 17.91 0.53 50.12
N THR B 142 16.96 1.40 50.44
CA THR B 142 15.76 1.57 49.64
C THR B 142 15.58 3.04 49.32
N THR B 143 16.33 3.87 50.04
CA THR B 143 16.14 5.32 50.01
C THR B 143 16.95 5.97 48.92
N GLY B 144 17.72 5.16 48.20
CA GLY B 144 18.49 5.69 47.08
C GLY B 144 17.75 6.77 46.31
N GLY B 145 18.47 7.83 45.97
CA GLY B 145 17.93 8.92 45.16
C GLY B 145 19.03 9.67 44.44
N SER B 146 18.66 10.53 43.50
CA SER B 146 19.66 11.32 42.81
C SER B 146 19.20 12.76 42.72
N ARG B 147 20.14 13.69 42.56
CA ARG B 147 19.80 15.08 42.49
C ARG B 147 18.93 15.36 41.28
N ALA B 148 19.15 14.57 40.23
CA ALA B 148 18.53 14.84 38.93
C ALA B 148 17.01 14.68 38.91
N CYS B 149 16.48 13.95 39.88
CA CYS B 149 15.04 13.69 39.94
C CYS B 149 14.40 14.45 41.08
N ALA B 150 14.86 15.69 41.28
CA ALA B 150 14.52 16.51 42.45
C ALA B 150 13.03 16.75 42.71
N VAL B 151 12.66 16.72 43.98
CA VAL B 151 11.31 17.03 44.42
C VAL B 151 11.36 18.16 45.44
N SER B 152 11.14 19.39 44.96
CA SER B 152 11.22 20.59 45.80
C SER B 152 12.66 20.81 46.30
N GLY B 153 13.63 20.66 45.40
CA GLY B 153 15.03 20.81 45.77
C GLY B 153 15.58 19.66 46.59
N ASN B 154 14.81 18.57 46.69
CA ASN B 154 15.25 17.40 47.45
C ASN B 154 15.56 16.21 46.55
N PRO B 155 16.76 15.63 46.69
CA PRO B 155 17.07 14.38 45.99
C PRO B 155 15.91 13.37 46.08
N SER B 156 15.37 12.98 44.93
CA SER B 156 14.31 11.98 44.90
C SER B 156 14.50 10.95 43.80
N PHE B 157 13.47 10.15 43.53
CA PHE B 157 13.59 9.09 42.53
C PHE B 157 12.27 8.83 41.82
N PHE B 158 12.28 8.00 40.78
CA PHE B 158 11.05 7.50 40.16
C PHE B 158 10.12 6.93 41.23
N ARG B 159 8.97 7.56 41.44
CA ARG B 159 8.03 7.18 42.47
C ARG B 159 7.68 5.72 42.44
N ASN B 160 7.66 5.16 41.23
CA ASN B 160 7.22 3.80 40.98
C ASN B 160 8.30 2.73 41.09
N MET B 161 9.56 3.13 41.21
CA MET B 161 10.65 2.17 41.34
C MET B 161 11.34 2.24 42.72
N VAL B 162 12.24 1.30 42.94
CA VAL B 162 12.93 1.17 44.19
C VAL B 162 14.38 1.04 43.83
N TRP B 163 15.22 1.99 44.23
CA TRP B 163 16.64 1.87 43.96
C TRP B 163 17.35 1.04 45.04
N LEU B 164 17.47 -0.26 44.82
CA LEU B 164 18.14 -1.15 45.78
C LEU B 164 19.67 -0.95 45.88
N THR B 165 20.11 -0.45 47.03
CA THR B 165 21.54 -0.33 47.32
C THR B 165 21.96 -1.08 48.60
N LYS B 166 23.24 -0.95 48.94
CA LYS B 166 23.82 -1.73 50.01
C LYS B 166 23.35 -1.21 51.36
N LYS B 167 23.11 -2.12 52.28
CA LYS B 167 22.88 -1.81 53.69
C LYS B 167 24.16 -2.08 54.49
N GLY B 168 24.60 -1.09 55.27
CA GLY B 168 25.91 -1.12 55.88
C GLY B 168 26.93 -1.20 54.78
N SER B 169 27.70 -2.28 54.77
CA SER B 169 28.66 -2.56 53.69
C SER B 169 28.33 -3.91 53.10
N ASN B 170 27.05 -4.23 53.05
CA ASN B 170 26.68 -5.55 52.58
C ASN B 170 25.46 -5.51 51.66
N TYR B 171 25.58 -6.19 50.53
CA TYR B 171 24.47 -6.33 49.58
C TYR B 171 24.21 -7.80 49.31
N PRO B 172 23.45 -8.42 50.21
CA PRO B 172 23.06 -9.84 50.08
C PRO B 172 22.27 -10.03 48.79
N VAL B 173 22.29 -11.21 48.19
CA VAL B 173 21.47 -11.46 47.01
C VAL B 173 20.10 -10.84 47.24
N ALA B 174 19.58 -10.15 46.24
CA ALA B 174 18.25 -9.56 46.31
C ALA B 174 17.27 -10.50 45.64
N LYS B 175 16.19 -10.86 46.34
CA LYS B 175 15.17 -11.73 45.78
C LYS B 175 13.79 -11.16 45.97
N GLY B 176 12.94 -11.28 44.96
CA GLY B 176 11.54 -10.88 45.09
C GLY B 176 10.69 -11.50 43.99
N SER B 177 9.43 -11.79 44.29
CA SER B 177 8.55 -12.39 43.30
C SER B 177 7.15 -11.85 43.41
N TYR B 178 6.41 -12.01 42.33
CA TYR B 178 4.99 -11.70 42.35
C TYR B 178 4.17 -12.65 41.47
N ASN B 179 3.25 -13.37 42.09
CA ASN B 179 2.31 -14.22 41.38
C ASN B 179 1.14 -13.31 41.00
N ASN B 180 0.91 -13.16 39.70
CA ASN B 180 -0.11 -12.23 39.19
C ASN B 180 -1.58 -12.65 39.41
N THR B 181 -2.14 -12.21 40.52
CA THR B 181 -3.47 -12.60 40.93
C THR B 181 -4.56 -11.59 40.53
N SER B 182 -4.16 -10.35 40.26
CA SER B 182 -5.07 -9.27 39.88
C SER B 182 -6.27 -9.59 38.98
N GLY B 183 -6.15 -10.60 38.13
CA GLY B 183 -7.24 -11.02 37.24
C GLY B 183 -7.13 -10.47 35.84
N GLU B 184 -6.13 -9.63 35.62
CA GLU B 184 -5.85 -9.08 34.30
C GLU B 184 -4.38 -9.24 34.10
N GLN B 185 -3.94 -9.11 32.85
CA GLN B 185 -2.53 -9.18 32.50
C GLN B 185 -1.85 -7.96 33.06
N MET B 186 -0.59 -8.09 33.43
CA MET B 186 0.08 -6.96 34.06
C MET B 186 1.38 -6.51 33.39
N LEU B 187 1.48 -5.21 33.16
CA LEU B 187 2.67 -4.58 32.62
C LEU B 187 3.68 -4.29 33.73
N ILE B 188 4.76 -5.07 33.82
CA ILE B 188 5.79 -4.82 34.83
C ILE B 188 7.07 -4.26 34.20
N ILE B 189 7.66 -3.24 34.85
CA ILE B 189 8.86 -2.59 34.31
C ILE B 189 10.01 -2.66 35.29
N TRP B 190 11.21 -2.95 34.82
CA TRP B 190 12.36 -2.95 35.73
C TRP B 190 13.58 -2.30 35.13
N GLY B 191 14.63 -2.10 35.91
CA GLY B 191 15.79 -1.42 35.39
C GLY B 191 17.11 -2.02 35.81
N VAL B 192 18.16 -1.66 35.11
CA VAL B 192 19.53 -2.00 35.49
C VAL B 192 20.40 -0.73 35.54
N HIS B 193 21.20 -0.58 36.59
CA HIS B 193 21.97 0.64 36.73
C HIS B 193 23.38 0.39 36.24
N HIS B 194 23.83 1.23 35.31
CA HIS B 194 25.21 1.18 34.81
C HIS B 194 25.93 2.39 35.33
N PRO B 195 26.88 2.17 36.23
CA PRO B 195 27.75 3.20 36.82
C PRO B 195 28.87 3.57 35.86
N ILE B 196 29.72 4.52 36.23
CA ILE B 196 30.85 4.90 35.38
C ILE B 196 32.20 4.52 35.98
N ASP B 197 32.18 3.74 37.05
CA ASP B 197 33.32 3.65 37.93
C ASP B 197 33.27 2.35 38.71
N GLU B 198 34.36 1.62 38.77
CA GLU B 198 34.38 0.41 39.58
C GLU B 198 34.55 0.82 41.04
N LYS B 199 34.17 2.08 41.31
CA LYS B 199 34.27 2.69 42.64
C LYS B 199 32.90 3.21 43.07
N GLU B 200 32.16 3.73 42.08
CA GLU B 200 30.74 3.99 42.26
C GLU B 200 30.01 2.65 42.42
N GLN B 201 30.51 1.65 41.69
CA GLN B 201 29.96 0.30 41.75
C GLN B 201 30.10 -0.30 43.13
N ARG B 202 31.17 0.07 43.83
CA ARG B 202 31.41 -0.46 45.16
C ARG B 202 30.61 0.33 46.20
N THR B 203 30.64 1.66 46.04
CA THR B 203 29.90 2.56 46.93
C THR B 203 28.46 2.14 47.12
N LEU B 204 27.80 1.81 46.01
CA LEU B 204 26.39 1.42 46.06
C LEU B 204 26.15 -0.06 46.35
N TYR B 205 26.97 -0.94 45.78
CA TYR B 205 26.66 -2.37 45.77
C TYR B 205 27.72 -3.30 46.40
N GLN B 206 28.85 -2.74 46.81
CA GLN B 206 29.97 -3.51 47.35
C GLN B 206 30.50 -4.52 46.36
N ASN B 207 29.63 -5.44 45.98
CA ASN B 207 29.98 -6.55 45.11
C ASN B 207 30.30 -5.99 43.75
N VAL B 208 31.12 -6.69 42.97
CA VAL B 208 31.58 -6.18 41.68
C VAL B 208 31.09 -6.94 40.45
N GLY B 209 31.15 -8.26 40.45
CA GLY B 209 30.70 -8.98 39.27
C GLY B 209 29.22 -9.30 39.29
N THR B 210 28.37 -8.27 39.31
CA THR B 210 26.94 -8.45 39.60
C THR B 210 26.07 -8.76 38.38
N TYR B 211 24.80 -9.07 38.64
CA TYR B 211 23.86 -9.41 37.59
C TYR B 211 22.44 -9.08 38.05
N VAL B 212 21.53 -9.07 37.10
CA VAL B 212 20.13 -8.80 37.39
C VAL B 212 19.28 -9.75 36.57
N SER B 213 18.75 -10.78 37.20
CA SER B 213 18.10 -11.84 36.47
C SER B 213 16.60 -11.70 36.63
N VAL B 214 15.83 -12.01 35.58
CA VAL B 214 14.38 -11.86 35.63
C VAL B 214 13.62 -12.98 34.91
N GLY B 215 12.66 -13.60 35.58
CA GLY B 215 12.00 -14.72 34.94
C GLY B 215 10.50 -14.76 35.08
N THR B 216 9.86 -15.25 34.04
CA THR B 216 8.45 -15.59 34.07
C THR B 216 8.26 -16.90 33.29
N SER B 217 7.01 -17.25 33.01
CA SER B 217 6.75 -18.46 32.26
C SER B 217 7.35 -18.38 30.86
N THR B 218 7.40 -17.16 30.33
CA THR B 218 7.82 -16.95 28.94
C THR B 218 9.14 -16.17 28.85
N LEU B 219 9.38 -15.29 29.81
CA LEU B 219 10.54 -14.40 29.77
C LEU B 219 11.72 -14.93 30.60
N ASN B 220 12.92 -14.70 30.10
CA ASN B 220 14.15 -15.08 30.80
C ASN B 220 15.28 -14.17 30.39
N LYS B 221 15.63 -13.21 31.24
CA LYS B 221 16.64 -12.24 30.89
C LYS B 221 17.63 -12.09 32.01
N ARG B 222 18.90 -11.94 31.66
CA ARG B 222 19.94 -11.71 32.64
C ARG B 222 20.87 -10.64 32.14
N SER B 223 20.87 -9.53 32.86
CA SER B 223 21.66 -8.38 32.47
C SER B 223 22.89 -8.34 33.36
N THR B 224 23.98 -7.88 32.79
CA THR B 224 25.15 -7.55 33.59
C THR B 224 25.30 -6.05 33.45
N PRO B 225 25.58 -5.36 34.55
CA PRO B 225 25.87 -3.93 34.48
C PRO B 225 27.05 -3.69 33.53
N GLU B 226 26.96 -2.63 32.73
CA GLU B 226 28.06 -2.23 31.86
C GLU B 226 28.65 -0.90 32.36
N ILE B 227 29.74 -0.99 33.11
CA ILE B 227 30.46 0.18 33.62
C ILE B 227 31.37 0.79 32.54
N ALA B 228 31.31 2.12 32.39
CA ALA B 228 32.00 2.78 31.28
C ALA B 228 31.97 4.28 31.45
N THR B 229 33.10 4.94 31.23
CA THR B 229 33.11 6.40 31.16
C THR B 229 32.12 6.91 30.12
N ARG B 230 31.40 7.99 30.46
CA ARG B 230 30.33 8.58 29.62
C ARG B 230 30.14 10.06 29.92
N PRO B 231 29.73 10.83 28.92
CA PRO B 231 29.41 12.25 29.13
C PRO B 231 28.35 12.38 30.21
N LYS B 232 28.20 13.56 30.81
CA LYS B 232 27.19 13.70 31.85
C LYS B 232 25.90 14.19 31.22
N VAL B 233 24.81 13.56 31.60
CA VAL B 233 23.47 13.98 31.19
C VAL B 233 22.65 14.21 32.46
N ASN B 234 22.22 15.44 32.68
CA ASN B 234 21.64 15.80 33.97
C ASN B 234 22.66 15.58 35.07
N GLY B 235 23.92 15.75 34.71
CA GLY B 235 25.01 15.69 35.65
C GLY B 235 25.50 14.29 35.91
N LEU B 236 24.69 13.29 35.62
CA LEU B 236 25.11 11.92 35.86
C LEU B 236 25.79 11.31 34.64
N GLY B 237 26.85 10.55 34.88
CA GLY B 237 27.51 9.82 33.81
C GLY B 237 27.02 8.38 33.78
N SER B 238 26.42 7.97 34.88
CA SER B 238 25.86 6.64 34.97
C SER B 238 24.56 6.65 34.19
N ARG B 239 23.97 5.47 33.97
CA ARG B 239 22.71 5.35 33.25
C ARG B 239 21.84 4.28 33.88
N MET B 240 20.54 4.35 33.60
CA MET B 240 19.63 3.30 34.04
C MET B 240 18.89 2.73 32.84
N GLU B 241 19.08 1.45 32.55
CA GLU B 241 18.45 0.84 31.40
C GLU B 241 17.17 0.05 31.74
N PHE B 242 16.01 0.56 31.35
CA PHE B 242 14.76 -0.10 31.70
C PHE B 242 14.26 -1.11 30.65
N SER B 243 13.66 -2.19 31.13
CA SER B 243 12.97 -3.15 30.26
C SER B 243 11.59 -3.46 30.83
N TRP B 244 10.74 -4.08 30.02
CA TRP B 244 9.41 -4.42 30.49
C TRP B 244 8.95 -5.79 30.03
N THR B 245 7.84 -6.24 30.59
CA THR B 245 7.21 -7.46 30.13
C THR B 245 5.76 -7.42 30.55
N LEU B 246 4.95 -8.27 29.92
CA LEU B 246 3.59 -8.51 30.36
C LEU B 246 3.53 -9.84 31.09
N LEU B 247 3.06 -9.79 32.31
CA LEU B 247 2.89 -10.97 33.11
C LEU B 247 1.50 -11.50 32.88
N ASP B 248 1.37 -12.75 32.44
CA ASP B 248 0.06 -13.31 32.15
C ASP B 248 -0.69 -13.48 33.44
N MET B 249 -1.98 -13.73 33.37
CA MET B 249 -2.70 -14.05 34.59
C MET B 249 -2.15 -15.34 35.18
N TRP B 250 -1.94 -15.35 36.48
CA TRP B 250 -1.61 -16.55 37.24
C TRP B 250 -0.15 -16.94 37.06
N ASP B 251 0.61 -16.06 36.42
CA ASP B 251 2.04 -16.26 36.19
C ASP B 251 2.87 -15.49 37.22
N THR B 252 4.12 -15.87 37.39
CA THR B 252 4.96 -15.29 38.42
C THR B 252 6.20 -14.64 37.80
N ILE B 253 6.49 -13.43 38.24
CA ILE B 253 7.74 -12.82 37.83
C ILE B 253 8.72 -12.99 38.98
N ASN B 254 9.92 -13.46 38.66
CA ASN B 254 10.97 -13.69 39.64
C ASN B 254 12.13 -12.72 39.44
N PHE B 255 12.45 -11.90 40.45
CA PHE B 255 13.64 -11.05 40.39
C PHE B 255 14.75 -11.62 41.27
N GLU B 256 15.97 -11.57 40.76
CA GLU B 256 17.14 -11.98 41.53
C GLU B 256 18.37 -11.19 41.10
N SER B 257 19.01 -10.52 42.05
CA SER B 257 20.16 -9.70 41.70
C SER B 257 21.22 -9.71 42.78
N THR B 258 22.47 -9.54 42.38
CA THR B 258 23.54 -9.35 43.36
C THR B 258 24.08 -7.95 43.28
N GLY B 259 23.32 -7.08 42.62
CA GLY B 259 23.66 -5.69 42.51
C GLY B 259 23.02 -5.05 41.29
N ASN B 260 22.70 -3.76 41.40
CA ASN B 260 22.40 -2.95 40.23
C ASN B 260 20.95 -3.06 39.72
N LEU B 261 20.13 -3.80 40.42
CA LEU B 261 18.72 -3.88 40.06
C LEU B 261 18.02 -2.61 40.48
N ILE B 262 17.20 -2.07 39.58
CA ILE B 262 16.24 -1.06 39.96
C ILE B 262 14.90 -1.74 39.94
N ALA B 263 14.31 -1.95 41.11
CA ALA B 263 13.13 -2.82 41.15
C ALA B 263 11.80 -2.06 41.02
N PRO B 264 10.77 -2.73 40.48
CA PRO B 264 9.43 -2.17 40.37
C PRO B 264 8.76 -2.23 41.73
N GLU B 265 8.03 -1.20 42.14
CA GLU B 265 7.24 -1.32 43.34
C GLU B 265 5.82 -1.65 42.90
N TYR B 266 5.41 -1.09 41.76
CA TYR B 266 4.07 -1.31 41.27
C TYR B 266 4.06 -2.07 39.98
N GLY B 267 2.89 -2.61 39.65
CA GLY B 267 2.65 -3.20 38.36
C GLY B 267 1.47 -2.48 37.77
N PHE B 268 1.13 -2.76 36.53
CA PHE B 268 -0.03 -2.12 35.93
C PHE B 268 -0.99 -3.13 35.32
N LYS B 269 -2.17 -3.25 35.93
CA LYS B 269 -3.22 -4.08 35.37
C LYS B 269 -3.55 -3.43 34.05
N ILE B 270 -3.67 -4.22 33.00
CA ILE B 270 -3.92 -3.66 31.68
C ILE B 270 -4.79 -4.56 30.82
N SER B 271 -6.00 -4.09 30.57
CA SER B 271 -6.93 -4.84 29.77
C SER B 271 -7.12 -4.07 28.48
N LYS B 272 -7.08 -4.78 27.36
CA LYS B 272 -7.17 -4.13 26.07
C LYS B 272 -7.39 -5.20 25.01
N ARG B 273 -8.18 -4.94 23.97
CA ARG B 273 -8.98 -3.73 23.72
C ARG B 273 -9.16 -3.63 22.22
N GLY B 274 -8.07 -3.27 21.54
CA GLY B 274 -8.09 -3.09 20.11
C GLY B 274 -6.89 -2.33 19.60
N SER B 275 -6.30 -1.49 20.45
CA SER B 275 -5.05 -0.80 20.10
C SER B 275 -5.19 0.27 19.00
N SER B 276 -4.60 1.43 19.27
CA SER B 276 -4.79 2.62 18.46
C SER B 276 -3.47 3.29 18.00
N GLY B 277 -3.08 4.34 18.73
CA GLY B 277 -1.91 5.13 18.36
C GLY B 277 -1.79 6.42 19.16
N ILE B 278 -0.67 7.10 18.98
CA ILE B 278 -0.34 8.29 19.75
C ILE B 278 -0.45 9.54 18.90
N MET B 279 -1.08 10.59 19.43
CA MET B 279 -1.25 11.81 18.66
C MET B 279 -0.37 12.93 19.17
N LYS B 280 0.51 13.43 18.31
CA LYS B 280 1.45 14.48 18.69
C LYS B 280 0.83 15.88 18.61
N THR B 281 0.47 16.44 19.76
CA THR B 281 -0.24 17.71 19.79
C THR B 281 0.23 18.58 20.95
N GLU B 282 -0.21 19.84 20.95
CA GLU B 282 0.10 20.78 22.03
C GLU B 282 -1.15 21.07 22.85
N GLY B 283 -2.30 21.04 22.18
CA GLY B 283 -3.56 21.43 22.79
C GLY B 283 -4.07 20.46 23.83
N THR B 284 -5.34 20.60 24.21
CA THR B 284 -5.87 19.80 25.28
C THR B 284 -7.29 19.39 25.01
N LEU B 285 -7.70 18.29 25.66
CA LEU B 285 -9.03 17.73 25.56
C LEU B 285 -10.10 18.79 25.86
N GLU B 286 -11.11 18.92 25.01
CA GLU B 286 -12.11 19.96 25.21
C GLU B 286 -13.52 19.44 25.44
N ASN B 287 -13.63 18.15 25.74
CA ASN B 287 -14.93 17.52 25.92
C ASN B 287 -15.92 17.74 24.78
N CYS B 288 -15.66 17.07 23.66
CA CYS B 288 -16.64 16.97 22.60
C CYS B 288 -16.70 15.51 22.22
N GLU B 289 -17.11 15.23 20.99
CA GLU B 289 -17.20 13.87 20.53
C GLU B 289 -16.88 13.86 19.06
N THR B 290 -16.15 12.84 18.61
CA THR B 290 -15.81 12.69 17.20
C THR B 290 -15.49 11.24 16.90
N LYS B 291 -15.77 10.81 15.67
CA LYS B 291 -15.41 9.48 15.25
C LYS B 291 -13.99 9.52 14.70
N CYS B 292 -13.48 10.72 14.47
CA CYS B 292 -12.26 10.87 13.72
C CYS B 292 -11.48 12.11 14.15
N GLN B 293 -10.35 11.91 14.80
CA GLN B 293 -9.57 13.00 15.35
C GLN B 293 -8.31 13.30 14.54
N THR B 294 -8.02 14.59 14.34
CA THR B 294 -6.78 14.99 13.70
C THR B 294 -6.10 16.03 14.59
N PRO B 295 -4.79 16.19 14.45
CA PRO B 295 -4.03 17.10 15.30
C PRO B 295 -4.46 18.57 15.21
N LEU B 296 -5.20 18.95 14.16
CA LEU B 296 -5.74 20.30 14.05
C LEU B 296 -7.14 20.39 14.64
N GLY B 297 -7.78 19.24 14.84
CA GLY B 297 -9.14 19.19 15.34
C GLY B 297 -9.91 17.97 14.85
N ALA B 298 -11.09 17.77 15.42
CA ALA B 298 -11.99 16.68 15.01
C ALA B 298 -12.74 16.97 13.72
N ILE B 299 -13.16 15.89 13.05
CA ILE B 299 -13.91 15.95 11.82
C ILE B 299 -15.25 15.25 12.02
N ASN B 300 -16.35 15.98 11.87
CA ASN B 300 -17.67 15.35 11.92
C ASN B 300 -18.20 15.32 10.50
N THR B 301 -17.79 14.32 9.73
CA THR B 301 -18.13 14.36 8.33
C THR B 301 -18.58 13.04 7.78
N THR B 302 -19.17 13.10 6.59
CA THR B 302 -19.73 11.93 5.96
C THR B 302 -19.15 11.75 4.55
N LEU B 303 -18.58 12.80 3.99
CA LEU B 303 -17.86 12.72 2.72
C LEU B 303 -16.70 11.73 2.75
N PRO B 304 -16.43 11.11 1.60
CA PRO B 304 -15.47 10.03 1.43
C PRO B 304 -14.02 10.52 1.45
N PHE B 305 -13.79 11.81 1.21
CA PHE B 305 -12.44 12.33 1.23
C PHE B 305 -12.30 13.58 2.08
N HIS B 306 -11.12 13.78 2.64
CA HIS B 306 -10.83 14.99 3.36
C HIS B 306 -9.40 15.39 3.08
N ASN B 307 -9.00 16.55 3.55
CA ASN B 307 -7.64 17.01 3.29
C ASN B 307 -7.11 17.85 4.45
N VAL B 308 -7.74 17.66 5.61
CA VAL B 308 -7.41 18.39 6.83
C VAL B 308 -5.95 18.18 7.22
N HIS B 309 -5.57 16.92 7.43
CA HIS B 309 -4.25 16.61 7.94
C HIS B 309 -4.02 15.12 7.86
N PRO B 310 -2.81 14.70 7.52
CA PRO B 310 -2.51 13.29 7.28
C PRO B 310 -2.58 12.38 8.52
N LEU B 311 -2.27 12.93 9.70
CA LEU B 311 -2.07 12.08 10.87
C LEU B 311 -3.31 11.95 11.72
N THR B 312 -4.32 11.27 11.18
CA THR B 312 -5.60 11.08 11.86
C THR B 312 -5.58 9.89 12.82
N ILE B 313 -6.60 9.79 13.66
CA ILE B 313 -6.84 8.62 14.49
C ILE B 313 -8.35 8.42 14.63
N GLY B 314 -8.83 7.25 14.19
CA GLY B 314 -10.25 6.93 14.24
C GLY B 314 -10.73 6.40 12.91
N GLU B 315 -11.99 6.64 12.58
CA GLU B 315 -12.51 6.22 11.29
C GLU B 315 -12.66 7.42 10.40
N CYS B 316 -11.78 7.55 9.41
CA CYS B 316 -11.69 8.80 8.66
C CYS B 316 -11.95 8.64 7.18
N PRO B 317 -12.25 9.75 6.49
CA PRO B 317 -12.30 9.71 5.03
C PRO B 317 -10.89 9.46 4.47
N LYS B 318 -10.76 9.14 3.20
CA LYS B 318 -9.43 8.99 2.66
C LYS B 318 -8.77 10.37 2.49
N TYR B 319 -7.56 10.50 2.99
CA TYR B 319 -6.80 11.74 2.88
C TYR B 319 -6.26 11.90 1.48
N VAL B 320 -6.44 13.10 0.93
CA VAL B 320 -6.24 13.38 -0.46
C VAL B 320 -5.46 14.69 -0.57
N LYS B 321 -4.69 14.87 -1.65
CA LYS B 321 -3.92 16.10 -1.85
C LYS B 321 -4.69 17.16 -2.63
N SER B 322 -5.99 17.25 -2.41
CA SER B 322 -6.87 18.14 -3.18
C SER B 322 -7.31 19.39 -2.43
N GLU B 323 -7.57 20.46 -3.17
CA GLU B 323 -8.08 21.68 -2.58
C GLU B 323 -9.61 21.70 -2.67
N LYS B 324 -10.14 21.15 -3.75
CA LYS B 324 -11.58 21.02 -3.98
C LYS B 324 -11.89 19.81 -4.89
N LEU B 325 -12.90 19.04 -4.49
CA LEU B 325 -13.48 18.01 -5.34
C LEU B 325 -14.95 18.32 -5.57
N VAL B 326 -15.25 19.21 -6.49
CA VAL B 326 -16.60 19.68 -6.69
C VAL B 326 -17.36 18.90 -7.77
N LEU B 327 -18.24 18.01 -7.33
CA LEU B 327 -19.14 17.30 -8.22
C LEU B 327 -20.17 18.27 -8.73
N ALA B 328 -20.58 18.14 -9.98
CA ALA B 328 -21.66 18.98 -10.47
C ALA B 328 -22.93 18.21 -10.21
N THR B 329 -23.97 18.88 -9.75
CA THR B 329 -25.25 18.22 -9.50
C THR B 329 -26.29 18.75 -10.46
N GLY B 330 -26.28 20.06 -10.67
CA GLY B 330 -27.27 20.68 -11.54
C GLY B 330 -26.72 20.79 -12.93
N LEU B 331 -27.36 21.57 -13.80
CA LEU B 331 -26.93 21.64 -15.18
C LEU B 331 -26.02 22.81 -15.45
N ARG B 332 -25.49 22.90 -16.66
CA ARG B 332 -24.66 24.03 -17.02
C ARG B 332 -25.47 25.29 -16.86
N ASN B 333 -24.87 26.32 -16.30
CA ASN B 333 -25.57 27.58 -16.11
C ASN B 333 -25.31 28.53 -17.29
N VAL B 334 -26.36 28.97 -17.96
CA VAL B 334 -26.23 29.75 -19.16
C VAL B 334 -27.19 30.90 -19.15
N PRO B 335 -26.95 31.91 -18.30
CA PRO B 335 -27.93 33.00 -18.38
C PRO B 335 -27.93 33.75 -19.74
N GLN B 336 -28.99 34.53 -19.99
CA GLN B 336 -29.24 35.23 -21.25
C GLN B 336 -29.70 34.29 -22.34
N GLY B 341 -22.99 20.98 -25.18
CA GLY B 341 -23.00 19.64 -24.61
C GLY B 341 -22.84 18.56 -25.65
N LEU B 342 -23.12 17.33 -25.26
CA LEU B 342 -22.98 16.15 -26.15
C LEU B 342 -24.25 15.75 -26.90
N PHE B 343 -25.36 16.44 -26.66
CA PHE B 343 -26.59 16.13 -27.36
C PHE B 343 -27.07 17.39 -28.07
N GLY B 344 -26.22 18.42 -28.04
CA GLY B 344 -26.39 19.64 -28.81
C GLY B 344 -27.54 20.53 -28.42
N ALA B 345 -28.04 20.37 -27.21
CA ALA B 345 -29.22 21.11 -26.81
C ALA B 345 -28.87 22.28 -25.91
N ILE B 346 -28.35 21.96 -24.71
CA ILE B 346 -27.94 22.98 -23.76
C ILE B 346 -26.70 23.67 -24.32
N ALA B 347 -26.73 25.01 -24.37
CA ALA B 347 -25.64 25.76 -24.98
C ALA B 347 -25.48 25.34 -26.42
N GLY B 348 -26.61 25.05 -27.07
CA GLY B 348 -26.63 24.51 -28.41
C GLY B 348 -27.75 25.16 -29.20
N PHE B 349 -28.59 24.34 -29.85
CA PHE B 349 -29.71 24.87 -30.61
C PHE B 349 -30.65 25.65 -29.69
N ILE B 350 -30.80 25.18 -28.45
CA ILE B 350 -31.39 25.99 -27.40
C ILE B 350 -30.30 26.87 -26.77
N GLU B 351 -30.03 28.02 -27.38
CA GLU B 351 -28.82 28.80 -27.10
C GLU B 351 -28.50 29.12 -25.64
N GLY B 352 -29.52 29.50 -24.87
CA GLY B 352 -29.29 29.86 -23.48
C GLY B 352 -30.37 29.40 -22.52
N GLY B 353 -30.12 29.57 -21.23
CA GLY B 353 -31.00 29.11 -20.17
C GLY B 353 -31.95 30.18 -19.67
N TRP B 354 -32.97 29.78 -18.91
CA TRP B 354 -33.98 30.72 -18.42
C TRP B 354 -33.86 30.98 -16.91
N GLN B 355 -33.58 32.21 -16.51
CA GLN B 355 -33.54 32.53 -15.09
C GLN B 355 -34.97 32.58 -14.55
N GLY B 356 -35.92 32.87 -15.42
CA GLY B 356 -37.30 32.99 -15.02
C GLY B 356 -37.94 31.68 -14.56
N MET B 357 -37.57 30.57 -15.19
CA MET B 357 -38.15 29.29 -14.79
C MET B 357 -37.43 28.81 -13.55
N VAL B 358 -38.09 28.83 -12.41
CA VAL B 358 -37.40 28.53 -11.16
C VAL B 358 -38.01 27.39 -10.36
N ASP B 359 -38.97 26.69 -10.95
CA ASP B 359 -39.61 25.58 -10.27
C ASP B 359 -39.07 24.25 -10.77
N GLY B 360 -37.81 24.24 -11.19
CA GLY B 360 -37.19 23.04 -11.74
C GLY B 360 -36.13 23.23 -12.80
N TRP B 361 -35.57 22.13 -13.28
CA TRP B 361 -34.45 22.18 -14.23
C TRP B 361 -34.89 22.30 -15.67
N TYR B 362 -35.98 21.64 -16.05
CA TYR B 362 -36.47 21.74 -17.44
C TYR B 362 -37.94 22.14 -17.47
N GLY B 363 -38.37 22.76 -18.57
CA GLY B 363 -39.70 23.33 -18.62
C GLY B 363 -40.08 23.90 -19.96
N TYR B 364 -41.16 24.68 -19.98
CA TYR B 364 -41.72 25.24 -21.18
C TYR B 364 -41.93 26.74 -21.06
N HIS B 365 -42.24 27.36 -22.20
CA HIS B 365 -42.60 28.77 -22.21
C HIS B 365 -43.88 29.18 -22.98
N HIS B 366 -44.50 28.33 -23.79
CA HIS B 366 -45.91 28.61 -24.15
C HIS B 366 -46.37 30.10 -24.14
N SER B 367 -46.51 30.70 -25.32
CA SER B 367 -46.91 32.09 -25.45
C SER B 367 -48.20 32.14 -26.29
N ASN B 368 -49.19 32.91 -25.83
CA ASN B 368 -50.55 32.87 -26.38
C ASN B 368 -51.41 34.04 -25.88
N ASP B 369 -52.55 34.30 -26.54
CA ASP B 369 -53.34 35.52 -26.23
C ASP B 369 -54.03 35.53 -24.87
N GLN B 370 -53.61 34.60 -24.01
CA GLN B 370 -54.06 34.54 -22.64
C GLN B 370 -52.94 34.81 -21.61
N GLY B 371 -51.71 35.12 -22.09
CA GLY B 371 -50.53 35.38 -21.27
C GLY B 371 -49.20 34.74 -21.73
N SER B 372 -48.06 35.13 -21.15
CA SER B 372 -46.79 34.43 -21.42
C SER B 372 -46.58 33.33 -20.40
N GLY B 373 -45.43 33.31 -19.72
CA GLY B 373 -45.24 32.46 -18.55
C GLY B 373 -44.59 31.07 -18.65
N TYR B 374 -43.60 30.84 -17.78
CA TYR B 374 -42.86 29.58 -17.75
C TYR B 374 -43.56 28.42 -17.04
N ALA B 375 -43.52 27.24 -17.62
CA ALA B 375 -43.89 26.02 -16.90
C ALA B 375 -42.62 25.17 -16.70
N ALA B 376 -42.55 24.40 -15.63
CA ALA B 376 -41.49 23.38 -15.57
C ALA B 376 -42.10 22.01 -15.75
N ASP B 377 -41.37 21.11 -16.40
CA ASP B 377 -41.80 19.73 -16.53
C ASP B 377 -41.36 19.04 -15.26
N LYS B 378 -42.26 18.92 -14.30
CA LYS B 378 -41.88 18.37 -13.00
C LYS B 378 -41.58 16.88 -13.08
N GLU B 379 -42.24 16.19 -14.00
CA GLU B 379 -42.01 14.76 -14.21
C GLU B 379 -40.55 14.46 -14.54
N SER B 380 -39.97 15.21 -15.48
CA SER B 380 -38.61 14.99 -15.92
C SER B 380 -37.59 15.69 -15.01
N THR B 381 -38.05 16.66 -14.23
CA THR B 381 -37.22 17.24 -13.19
C THR B 381 -37.08 16.28 -12.00
N GLN B 382 -38.12 15.49 -11.75
CA GLN B 382 -38.02 14.49 -10.70
C GLN B 382 -37.06 13.38 -11.11
N LYS B 383 -37.24 12.85 -12.31
CA LYS B 383 -36.32 11.83 -12.82
C LYS B 383 -34.86 12.28 -12.65
N ALA B 384 -34.53 13.41 -13.26
CA ALA B 384 -33.16 13.93 -13.25
C ALA B 384 -32.63 14.06 -11.82
N PHE B 385 -33.44 14.63 -10.94
CA PHE B 385 -33.06 14.90 -9.55
C PHE B 385 -32.84 13.62 -8.78
N ASP B 386 -33.66 12.62 -9.04
CA ASP B 386 -33.47 11.35 -8.36
C ASP B 386 -32.19 10.67 -8.82
N GLY B 387 -31.91 10.74 -10.13
CA GLY B 387 -30.64 10.30 -10.69
C GLY B 387 -29.41 11.01 -10.13
N ILE B 388 -29.42 12.33 -10.12
CA ILE B 388 -28.29 13.10 -9.56
C ILE B 388 -28.12 12.87 -8.07
N THR B 389 -29.23 12.64 -7.38
CA THR B 389 -29.16 12.25 -5.99
C THR B 389 -28.43 10.92 -5.89
N ASN B 390 -28.81 9.96 -6.72
CA ASN B 390 -28.14 8.67 -6.67
C ASN B 390 -26.70 8.71 -7.08
N LYS B 391 -26.36 9.52 -8.08
CA LYS B 391 -24.97 9.74 -8.42
C LYS B 391 -24.18 10.17 -7.20
N VAL B 392 -24.64 11.24 -6.57
CA VAL B 392 -23.93 11.79 -5.42
C VAL B 392 -23.87 10.81 -4.27
N ASN B 393 -24.85 9.94 -4.16
CA ASN B 393 -24.78 8.91 -3.13
C ASN B 393 -23.82 7.77 -3.49
N SER B 394 -23.93 7.24 -4.70
CA SER B 394 -22.98 6.25 -5.17
C SER B 394 -21.57 6.63 -4.75
N VAL B 395 -21.14 7.81 -5.18
CA VAL B 395 -19.79 8.30 -4.91
C VAL B 395 -19.47 8.34 -3.41
N ILE B 396 -20.43 8.76 -2.61
CA ILE B 396 -20.23 8.80 -1.16
C ILE B 396 -20.38 7.45 -0.43
N GLU B 397 -21.41 6.68 -0.76
CA GLU B 397 -21.71 5.49 0.04
C GLU B 397 -20.84 4.26 -0.24
N LYS B 398 -20.28 4.10 -1.43
CA LYS B 398 -19.53 2.88 -1.75
C LYS B 398 -18.15 2.91 -1.13
N MET B 399 -17.87 3.94 -0.35
CA MET B 399 -16.53 4.18 0.17
C MET B 399 -16.42 3.55 1.54
N ASN B 400 -15.69 2.44 1.63
CA ASN B 400 -15.48 1.79 2.91
C ASN B 400 -14.55 2.60 3.80
N THR B 401 -14.79 2.53 5.09
CA THR B 401 -13.96 3.27 6.02
C THR B 401 -13.83 2.50 7.32
N GLN B 402 -12.61 2.35 7.80
CA GLN B 402 -12.37 1.64 9.05
C GLN B 402 -11.37 2.34 9.96
N PHE B 403 -11.30 1.85 11.19
CA PHE B 403 -10.51 2.47 12.22
C PHE B 403 -9.02 2.27 12.01
N GLU B 404 -8.32 3.29 11.55
CA GLU B 404 -6.86 3.21 11.44
C GLU B 404 -6.19 4.25 12.37
N ALA B 405 -4.93 4.02 12.72
CA ALA B 405 -4.19 4.95 13.59
C ALA B 405 -3.30 5.91 12.82
N VAL B 406 -2.80 5.48 11.67
CA VAL B 406 -1.99 6.33 10.76
C VAL B 406 -0.62 6.78 11.27
N GLY B 407 -0.57 7.39 12.45
CA GLY B 407 0.69 7.79 13.06
C GLY B 407 1.35 6.70 13.87
N LYS B 408 2.43 6.12 13.32
CA LYS B 408 3.20 5.07 14.01
C LYS B 408 4.50 5.56 14.72
N GLU B 409 5.00 4.75 15.65
CA GLU B 409 6.19 5.09 16.42
C GLU B 409 7.41 4.26 15.96
N PHE B 410 8.56 4.88 15.79
CA PHE B 410 9.77 4.18 15.31
C PHE B 410 11.08 4.65 15.96
N SER B 411 11.98 3.72 16.25
CA SER B 411 13.21 4.07 16.98
C SER B 411 14.26 4.53 16.00
N ASN B 412 15.46 4.86 16.50
CA ASN B 412 16.57 5.31 15.67
C ASN B 412 17.09 4.27 14.70
N LEU B 413 16.98 3.01 15.09
CA LEU B 413 17.43 1.90 14.26
C LEU B 413 16.31 1.33 13.41
N GLU B 414 15.24 2.10 13.27
CA GLU B 414 14.09 1.64 12.52
C GLU B 414 13.76 2.61 11.40
N ARG B 415 14.76 3.31 10.89
CA ARG B 415 14.43 4.32 9.88
C ARG B 415 13.87 3.64 8.64
N ARG B 416 14.50 2.55 8.24
CA ARG B 416 14.03 1.75 7.12
C ARG B 416 12.57 1.37 7.26
N LEU B 417 12.18 0.93 8.45
CA LEU B 417 10.80 0.54 8.65
C LEU B 417 9.87 1.74 8.62
N GLU B 418 10.25 2.79 9.33
CA GLU B 418 9.49 4.03 9.35
C GLU B 418 9.18 4.48 7.94
N ASN B 419 10.19 4.36 7.07
CA ASN B 419 10.03 4.78 5.68
C ASN B 419 9.24 3.82 4.79
N LEU B 420 9.18 2.56 5.17
CA LEU B 420 8.27 1.65 4.51
C LEU B 420 6.84 2.17 4.75
N ASN B 421 6.51 2.40 6.02
CA ASN B 421 5.24 3.02 6.37
C ASN B 421 4.97 4.28 5.54
N LYS B 422 5.95 5.16 5.45
CA LYS B 422 5.78 6.38 4.67
C LYS B 422 5.52 6.12 3.18
N LYS B 423 6.30 5.23 2.57
CA LYS B 423 6.20 4.95 1.15
C LYS B 423 4.80 4.41 0.85
N MET B 424 4.21 3.77 1.85
CA MET B 424 2.92 3.14 1.65
C MET B 424 1.80 4.14 1.84
N GLU B 425 1.91 4.97 2.89
CA GLU B 425 0.93 6.00 3.10
C GLU B 425 0.97 6.96 1.88
N ASP B 426 2.18 7.25 1.41
CA ASP B 426 2.37 8.01 0.17
C ASP B 426 1.76 7.28 -1.01
N GLY B 427 1.91 5.96 -1.03
CA GLY B 427 1.35 5.15 -2.09
C GLY B 427 -0.15 5.29 -2.18
N PHE B 428 -0.80 5.31 -1.02
CA PHE B 428 -2.24 5.42 -0.99
C PHE B 428 -2.69 6.84 -1.26
N LEU B 429 -1.92 7.80 -0.77
CA LEU B 429 -2.18 9.19 -1.07
C LEU B 429 -2.28 9.42 -2.58
N ASP B 430 -1.35 8.87 -3.35
CA ASP B 430 -1.40 9.07 -4.80
C ASP B 430 -2.59 8.40 -5.45
N VAL B 431 -2.89 7.17 -5.05
CA VAL B 431 -4.00 6.44 -5.62
C VAL B 431 -5.30 7.18 -5.42
N TRP B 432 -5.58 7.52 -4.17
CA TRP B 432 -6.83 8.21 -3.83
C TRP B 432 -6.96 9.57 -4.49
N THR B 433 -5.87 10.32 -4.56
CA THR B 433 -5.92 11.60 -5.24
C THR B 433 -6.20 11.45 -6.76
N TYR B 434 -5.34 10.75 -7.49
CA TYR B 434 -5.55 10.52 -8.91
C TYR B 434 -6.94 9.96 -9.13
N ASN B 435 -7.30 8.88 -8.45
CA ASN B 435 -8.64 8.33 -8.62
C ASN B 435 -9.79 9.31 -8.31
N ALA B 436 -9.73 9.99 -7.17
CA ALA B 436 -10.79 10.94 -6.81
C ALA B 436 -10.81 12.15 -7.73
N GLU B 437 -9.65 12.69 -8.07
CA GLU B 437 -9.63 13.80 -9.02
C GLU B 437 -10.33 13.37 -10.30
N LEU B 438 -9.89 12.25 -10.87
CA LEU B 438 -10.42 11.78 -12.13
C LEU B 438 -11.88 11.43 -12.00
N LEU B 439 -12.24 10.77 -10.90
CA LEU B 439 -13.64 10.44 -10.63
C LEU B 439 -14.59 11.66 -10.72
N VAL B 440 -14.21 12.75 -10.06
CA VAL B 440 -14.95 13.99 -10.19
C VAL B 440 -15.10 14.47 -11.64
N LEU B 441 -14.00 14.43 -12.40
CA LEU B 441 -13.95 14.89 -13.78
C LEU B 441 -14.75 14.02 -14.73
N MET B 442 -14.68 12.71 -14.56
CA MET B 442 -15.35 11.86 -15.53
C MET B 442 -16.82 12.01 -15.30
N GLU B 443 -17.20 12.08 -14.02
CA GLU B 443 -18.62 12.08 -13.67
C GLU B 443 -19.24 13.43 -13.89
N ASN B 444 -18.44 14.49 -13.82
CA ASN B 444 -18.95 15.79 -14.18
C ASN B 444 -19.32 15.84 -15.64
N GLU B 445 -18.45 15.37 -16.51
CA GLU B 445 -18.77 15.42 -17.93
C GLU B 445 -20.03 14.62 -18.17
N ARG B 446 -20.26 13.60 -17.35
CA ARG B 446 -21.47 12.78 -17.49
C ARG B 446 -22.74 13.50 -17.07
N THR B 447 -22.65 14.29 -16.02
CA THR B 447 -23.81 15.04 -15.53
C THR B 447 -24.30 16.09 -16.56
N LEU B 448 -23.37 16.95 -16.98
CA LEU B 448 -23.69 17.92 -17.99
C LEU B 448 -24.42 17.22 -19.12
N ASP B 449 -23.80 16.20 -19.70
CA ASP B 449 -24.42 15.45 -20.80
C ASP B 449 -25.80 14.88 -20.47
N PHE B 450 -25.92 14.30 -19.29
CA PHE B 450 -27.18 13.82 -18.78
C PHE B 450 -28.27 14.91 -18.81
N HIS B 451 -27.97 16.10 -18.27
CA HIS B 451 -28.89 17.24 -18.42
C HIS B 451 -29.18 17.56 -19.90
N ASP B 452 -28.13 17.57 -20.74
CA ASP B 452 -28.28 17.78 -22.20
C ASP B 452 -29.26 16.77 -22.77
N SER B 453 -28.99 15.50 -22.53
CA SER B 453 -29.92 14.47 -23.00
C SER B 453 -31.37 14.64 -22.44
N ASN B 454 -31.50 14.96 -21.17
CA ASN B 454 -32.85 15.19 -20.65
C ASN B 454 -33.60 16.27 -21.45
N VAL B 455 -32.91 17.36 -21.78
CA VAL B 455 -33.55 18.44 -22.55
C VAL B 455 -33.84 18.04 -24.01
N LYS B 456 -32.87 17.45 -24.70
CA LYS B 456 -33.05 17.06 -26.10
C LYS B 456 -34.17 16.03 -26.20
N ASN B 457 -34.44 15.35 -25.10
CA ASN B 457 -35.49 14.32 -25.07
C ASN B 457 -36.84 14.95 -24.86
N LEU B 458 -36.92 15.91 -23.95
CA LEU B 458 -38.11 16.71 -23.75
C LEU B 458 -38.47 17.36 -25.07
N TYR B 459 -37.54 18.11 -25.65
CA TYR B 459 -37.75 18.69 -26.97
C TYR B 459 -38.34 17.69 -27.97
N ASP B 460 -37.83 16.48 -27.98
CA ASP B 460 -38.36 15.47 -28.89
C ASP B 460 -39.77 14.99 -28.51
N LYS B 461 -39.98 14.59 -27.27
CA LYS B 461 -41.30 14.19 -26.82
C LYS B 461 -42.33 15.20 -27.34
N VAL B 462 -42.11 16.48 -27.04
CA VAL B 462 -42.98 17.55 -27.52
C VAL B 462 -43.09 17.58 -29.05
N ARG B 463 -41.96 17.58 -29.74
CA ARG B 463 -41.94 17.67 -31.20
C ARG B 463 -42.77 16.61 -31.86
N MET B 464 -42.72 15.38 -31.35
CA MET B 464 -43.36 14.26 -32.03
C MET B 464 -44.87 14.31 -31.86
N GLN B 465 -45.34 15.15 -30.94
CA GLN B 465 -46.76 15.34 -30.71
C GLN B 465 -47.30 16.32 -31.73
N LEU B 466 -46.54 17.40 -31.96
CA LEU B 466 -46.98 18.49 -32.82
C LEU B 466 -46.79 18.19 -34.31
N ARG B 467 -45.57 18.19 -34.83
CA ARG B 467 -45.38 17.78 -36.23
C ARG B 467 -45.76 18.84 -37.26
N ASP B 468 -46.73 18.48 -38.11
CA ASP B 468 -47.44 19.40 -39.01
C ASP B 468 -47.80 20.73 -38.40
N ASN B 469 -48.58 20.66 -37.34
CA ASN B 469 -49.31 21.78 -36.78
C ASN B 469 -48.48 22.92 -36.25
N VAL B 470 -47.16 22.81 -36.31
CA VAL B 470 -46.31 23.90 -35.85
C VAL B 470 -45.13 24.08 -36.75
N LYS B 471 -44.69 25.32 -36.89
CA LYS B 471 -43.42 25.60 -37.50
C LYS B 471 -42.38 25.38 -36.42
N GLU B 472 -41.40 24.51 -36.70
CA GLU B 472 -40.35 24.28 -35.72
C GLU B 472 -39.28 25.33 -35.94
N LEU B 473 -39.08 26.22 -34.96
CA LEU B 473 -38.25 27.40 -35.16
C LEU B 473 -36.75 27.13 -35.15
N GLY B 474 -36.28 26.08 -34.48
CA GLY B 474 -34.87 25.73 -34.49
C GLY B 474 -34.07 26.28 -33.30
N ASN B 475 -34.70 27.16 -32.51
CA ASN B 475 -34.15 27.64 -31.25
C ASN B 475 -34.87 26.98 -30.10
N GLY B 476 -35.62 25.92 -30.41
CA GLY B 476 -36.34 25.15 -29.42
C GLY B 476 -37.72 25.69 -29.18
N CYS B 477 -38.22 26.47 -30.13
CA CYS B 477 -39.58 26.97 -30.05
C CYS B 477 -40.44 26.34 -31.11
N PHE B 478 -41.73 26.22 -30.86
CA PHE B 478 -42.63 25.84 -31.91
C PHE B 478 -43.67 26.92 -32.05
N GLU B 479 -43.79 27.48 -33.25
CA GLU B 479 -44.82 28.47 -33.53
C GLU B 479 -46.03 27.69 -33.98
N PHE B 480 -47.15 27.86 -33.31
CA PHE B 480 -48.34 27.09 -33.63
C PHE B 480 -49.01 27.64 -34.89
N TYR B 481 -49.36 26.76 -35.83
CA TYR B 481 -50.13 27.18 -37.00
C TYR B 481 -51.60 27.35 -36.71
N HIS B 482 -52.05 26.88 -35.55
CA HIS B 482 -53.44 27.05 -35.15
C HIS B 482 -53.51 27.82 -33.86
N LYS B 483 -54.71 28.03 -33.33
CA LYS B 483 -54.86 28.72 -32.05
C LYS B 483 -54.54 27.72 -30.95
N CYS B 484 -53.78 28.17 -29.95
CA CYS B 484 -53.46 27.33 -28.80
C CYS B 484 -53.77 28.03 -27.47
N ASP B 485 -54.98 27.82 -26.98
CA ASP B 485 -55.37 28.37 -25.70
C ASP B 485 -54.77 27.54 -24.58
N ASP B 486 -54.86 28.08 -23.36
CA ASP B 486 -54.28 27.41 -22.21
C ASP B 486 -54.61 25.92 -22.15
N GLU B 487 -55.82 25.52 -22.51
CA GLU B 487 -56.15 24.10 -22.44
C GLU B 487 -55.32 23.33 -23.44
N CYS B 488 -55.15 23.91 -24.61
CA CYS B 488 -54.33 23.29 -25.62
C CYS B 488 -52.87 23.20 -25.20
N MET B 489 -52.39 24.19 -24.45
CA MET B 489 -51.01 24.19 -23.96
C MET B 489 -50.77 23.11 -22.90
N ASN B 490 -51.71 22.98 -21.96
CA ASN B 490 -51.64 21.92 -20.98
C ASN B 490 -51.73 20.58 -21.68
N SER B 491 -52.38 20.54 -22.84
CA SER B 491 -52.48 19.28 -23.59
C SER B 491 -51.10 18.82 -24.04
N VAL B 492 -50.19 19.76 -24.24
CA VAL B 492 -48.83 19.43 -24.67
C VAL B 492 -47.93 19.07 -23.47
N LYS B 493 -48.08 19.79 -22.35
CA LYS B 493 -47.37 19.44 -21.13
C LYS B 493 -47.92 18.10 -20.57
N ASN B 494 -49.25 17.92 -20.69
CA ASN B 494 -49.95 16.67 -20.33
C ASN B 494 -49.30 15.46 -21.01
N GLY B 495 -48.95 15.64 -22.29
CA GLY B 495 -48.61 14.54 -23.16
C GLY B 495 -49.86 14.09 -23.87
N THR B 496 -50.81 15.00 -24.00
CA THR B 496 -52.15 14.68 -24.48
C THR B 496 -52.53 15.39 -25.76
N TYR B 497 -51.61 16.14 -26.35
CA TYR B 497 -51.94 16.89 -27.57
C TYR B 497 -52.58 15.99 -28.64
N ASP B 498 -53.80 16.33 -29.01
CA ASP B 498 -54.60 15.53 -29.93
C ASP B 498 -55.91 16.21 -30.19
N TYR B 499 -56.14 16.72 -31.40
CA TYR B 499 -55.20 16.96 -32.53
C TYR B 499 -56.13 17.16 -33.75
N PRO B 500 -57.16 18.00 -33.58
CA PRO B 500 -58.06 18.36 -34.66
C PRO B 500 -57.57 19.69 -35.15
N LYS B 501 -56.74 19.68 -36.18
CA LYS B 501 -56.21 20.91 -36.79
C LYS B 501 -55.80 20.71 -38.26
N TYR B 502 -56.35 21.62 -39.07
CA TYR B 502 -56.07 21.75 -40.48
C TYR B 502 -56.29 23.19 -40.84
N GLU B 503 -55.58 24.01 -40.07
CA GLU B 503 -55.03 25.28 -40.45
C GLU B 503 -53.59 25.14 -40.91
N GLU B 504 -53.31 25.98 -41.92
CA GLU B 504 -54.37 26.90 -42.46
C GLU B 504 -54.89 26.47 -43.83
N GLU B 505 -54.01 26.05 -44.72
CA GLU B 505 -52.56 26.25 -44.56
C GLU B 505 -52.01 27.19 -45.67
N CYS C 19 -22.84 18.40 -48.42
CA CYS C 19 -22.45 17.13 -47.77
C CYS C 19 -21.64 17.32 -46.49
N ILE C 20 -22.05 16.63 -45.41
CA ILE C 20 -21.28 16.70 -44.17
C ILE C 20 -20.51 15.41 -43.96
N GLY C 21 -19.27 15.54 -43.51
CA GLY C 21 -18.41 14.38 -43.31
C GLY C 21 -17.28 14.60 -42.31
N TYR C 22 -16.44 13.59 -42.17
CA TYR C 22 -15.35 13.63 -41.20
C TYR C 22 -14.01 13.24 -41.82
N HIS C 23 -12.95 13.43 -41.05
CA HIS C 23 -11.58 13.24 -41.52
C HIS C 23 -11.17 11.79 -41.69
N ALA C 24 -10.09 11.58 -42.43
CA ALA C 24 -9.55 10.24 -42.63
C ALA C 24 -8.10 10.38 -43.10
N ASN C 25 -7.30 9.34 -42.92
CA ASN C 25 -5.89 9.43 -43.29
C ASN C 25 -5.12 8.10 -43.40
N ASN C 26 -3.80 8.20 -43.54
CA ASN C 26 -2.95 7.04 -43.78
C ASN C 26 -2.62 6.21 -42.54
N SER C 27 -3.22 6.56 -41.40
CA SER C 27 -2.86 5.97 -40.11
C SER C 27 -3.33 4.54 -39.90
N THR C 28 -2.42 3.69 -39.41
CA THR C 28 -2.77 2.32 -39.11
C THR C 28 -2.64 2.06 -37.63
N GLU C 29 -2.72 3.13 -36.84
CA GLU C 29 -2.61 3.01 -35.40
C GLU C 29 -3.91 2.50 -34.78
N LYS C 30 -3.78 1.47 -33.93
CA LYS C 30 -4.95 0.84 -33.33
C LYS C 30 -5.07 1.14 -31.85
N VAL C 31 -6.30 1.40 -31.42
CA VAL C 31 -6.62 1.57 -30.01
C VAL C 31 -7.71 0.59 -29.67
N ASP C 32 -7.83 0.31 -28.37
CA ASP C 32 -8.92 -0.49 -27.83
C ASP C 32 -9.89 0.39 -27.05
N THR C 33 -11.15 -0.02 -27.04
CA THR C 33 -12.13 0.59 -26.13
C THR C 33 -12.72 -0.52 -25.30
N ILE C 34 -13.62 -0.15 -24.41
CA ILE C 34 -14.30 -1.13 -23.60
C ILE C 34 -15.09 -2.08 -24.50
N LEU C 35 -15.58 -1.56 -25.62
CA LEU C 35 -16.54 -2.27 -26.46
C LEU C 35 -15.95 -2.95 -27.70
N GLU C 36 -14.85 -2.43 -28.22
CA GLU C 36 -14.22 -3.03 -29.40
C GLU C 36 -12.74 -3.06 -29.17
N ARG C 37 -12.04 -3.85 -29.95
CA ARG C 37 -10.59 -3.76 -29.95
C ARG C 37 -10.01 -3.77 -31.35
N ASN C 38 -8.76 -3.31 -31.44
CA ASN C 38 -8.06 -3.18 -32.70
C ASN C 38 -8.79 -2.19 -33.61
N VAL C 39 -9.08 -1.00 -33.07
CA VAL C 39 -9.83 0.02 -33.81
C VAL C 39 -8.94 1.11 -34.38
N THR C 40 -8.81 1.15 -35.70
CA THR C 40 -7.92 2.11 -36.35
C THR C 40 -8.41 3.54 -36.14
N VAL C 41 -7.52 4.43 -35.69
CA VAL C 41 -7.91 5.80 -35.35
C VAL C 41 -7.02 6.85 -36.01
N THR C 42 -7.61 7.97 -36.43
CA THR C 42 -6.83 9.00 -37.11
C THR C 42 -5.62 9.49 -36.30
N HIS C 43 -5.77 9.53 -34.98
CA HIS C 43 -4.73 10.09 -34.12
C HIS C 43 -4.69 9.34 -32.80
N ALA C 44 -3.55 9.39 -32.13
CA ALA C 44 -3.35 8.66 -30.88
C ALA C 44 -2.24 9.32 -30.08
N LYS C 45 -2.15 8.99 -28.80
CA LYS C 45 -1.10 9.53 -27.93
C LYS C 45 -0.84 8.47 -26.92
N ASP C 46 0.30 7.79 -27.00
CA ASP C 46 0.60 6.77 -26.00
C ASP C 46 0.97 7.50 -24.73
N ILE C 47 0.46 7.04 -23.60
CA ILE C 47 0.77 7.68 -22.34
C ILE C 47 1.57 6.76 -21.45
N LEU C 48 2.17 5.74 -22.03
CA LEU C 48 3.09 4.89 -21.28
C LEU C 48 4.55 5.17 -21.63
N GLU C 49 5.27 5.76 -20.71
CA GLU C 49 6.68 6.07 -20.92
C GLU C 49 7.52 4.81 -20.93
N LYS C 50 8.08 4.45 -22.07
CA LYS C 50 8.79 3.18 -22.14
C LYS C 50 10.26 3.27 -22.58
N THR C 51 10.84 4.47 -22.50
CA THR C 51 12.20 4.68 -22.98
C THR C 51 13.10 5.30 -21.94
N HIS C 52 14.26 4.67 -21.76
CA HIS C 52 15.33 5.22 -20.94
C HIS C 52 16.44 5.68 -21.86
N ASN C 53 17.50 6.28 -21.32
CA ASN C 53 18.64 6.63 -22.15
C ASN C 53 19.93 5.83 -21.87
N GLY C 54 19.77 4.59 -21.37
CA GLY C 54 20.89 3.72 -21.09
C GLY C 54 21.95 4.27 -20.15
N LYS C 55 21.72 5.45 -19.59
CA LYS C 55 22.73 6.17 -18.81
C LYS C 55 22.40 6.30 -17.33
N LEU C 56 23.41 6.29 -16.46
CA LEU C 56 23.25 6.71 -15.06
C LEU C 56 23.66 8.17 -14.91
N CYS C 57 22.86 8.97 -14.22
CA CYS C 57 22.99 10.42 -14.31
C CYS C 57 23.01 11.10 -12.98
N LYS C 58 23.23 12.41 -12.98
CA LYS C 58 23.06 13.19 -11.77
C LYS C 58 21.59 13.10 -11.50
N LEU C 59 21.22 13.38 -10.26
CA LEU C 59 19.84 13.37 -9.87
C LEU C 59 19.51 14.73 -9.24
N ASN C 60 18.72 15.52 -9.97
CA ASN C 60 18.35 16.87 -9.57
C ASN C 60 19.56 17.76 -9.31
N GLY C 61 20.60 17.56 -10.11
CA GLY C 61 21.75 18.42 -10.08
C GLY C 61 22.88 17.90 -9.21
N ILE C 62 22.67 16.74 -8.61
CA ILE C 62 23.66 16.17 -7.70
C ILE C 62 24.06 14.75 -8.07
N PRO C 63 25.38 14.47 -8.12
CA PRO C 63 25.86 13.17 -8.60
C PRO C 63 25.50 12.08 -7.62
N PRO C 64 25.67 10.83 -8.02
CA PRO C 64 25.52 9.67 -7.15
C PRO C 64 26.85 9.41 -6.53
N LEU C 65 26.89 8.87 -5.33
CA LEU C 65 28.12 8.32 -4.85
C LEU C 65 28.42 7.06 -5.69
N GLU C 66 29.61 7.01 -6.28
CA GLU C 66 29.98 5.90 -7.15
C GLU C 66 30.95 4.96 -6.46
N LEU C 67 30.49 3.80 -6.02
CA LEU C 67 31.33 2.94 -5.19
C LEU C 67 32.10 1.88 -5.96
N GLY C 68 32.00 1.91 -7.29
CA GLY C 68 32.68 0.90 -8.09
C GLY C 68 32.34 -0.44 -7.47
N ASP C 69 33.31 -1.33 -7.31
CA ASP C 69 33.01 -2.56 -6.59
C ASP C 69 33.52 -2.55 -5.16
N CYS C 70 33.06 -1.57 -4.40
CA CYS C 70 33.30 -1.53 -2.97
C CYS C 70 31.99 -1.54 -2.21
N SER C 71 31.91 -2.34 -1.16
CA SER C 71 30.75 -2.30 -0.28
C SER C 71 30.89 -1.05 0.58
N ILE C 72 29.77 -0.49 1.03
CA ILE C 72 29.79 0.67 1.92
C ILE C 72 30.59 0.38 3.18
N ALA C 73 30.76 -0.90 3.48
CA ALA C 73 31.56 -1.32 4.63
C ALA C 73 33.06 -1.15 4.34
N GLY C 74 33.46 -1.57 3.15
CA GLY C 74 34.84 -1.43 2.72
C GLY C 74 35.20 0.02 2.56
N TRP C 75 34.30 0.80 2.00
CA TRP C 75 34.59 2.20 1.75
C TRP C 75 34.86 2.98 3.04
N LEU C 76 33.92 2.86 3.97
CA LEU C 76 33.99 3.52 5.27
C LEU C 76 35.13 2.98 6.10
N LEU C 77 35.10 1.67 6.37
CA LEU C 77 36.17 1.04 7.12
C LEU C 77 37.51 1.39 6.49
N GLY C 78 37.49 1.69 5.20
CA GLY C 78 38.71 1.93 4.45
C GLY C 78 39.46 0.65 4.15
N ASN C 79 38.79 -0.30 3.52
CA ASN C 79 39.48 -1.41 2.92
C ASN C 79 40.56 -0.77 2.07
N PRO C 80 41.81 -1.27 2.15
CA PRO C 80 42.88 -0.73 1.32
C PRO C 80 42.55 -0.87 -0.16
N GLU C 81 41.67 -1.80 -0.49
CA GLU C 81 41.27 -1.99 -1.87
C GLU C 81 40.25 -0.96 -2.34
N CYS C 82 39.94 0.00 -1.48
CA CYS C 82 38.97 1.05 -1.82
C CYS C 82 39.63 2.42 -1.90
N ASP C 83 40.92 2.45 -1.62
CA ASP C 83 41.72 3.69 -1.55
C ASP C 83 41.36 4.76 -2.57
N ARG C 84 41.19 4.36 -3.82
CA ARG C 84 40.99 5.31 -4.90
C ARG C 84 39.55 5.30 -5.46
N LEU C 85 38.62 5.82 -4.66
CA LEU C 85 37.21 5.95 -5.04
C LEU C 85 36.87 7.42 -5.21
N LEU C 86 35.85 7.71 -6.01
CA LEU C 86 35.48 9.08 -6.31
C LEU C 86 35.36 9.93 -5.06
N SER C 87 34.47 9.58 -4.16
CA SER C 87 34.37 10.30 -2.90
C SER C 87 34.04 11.76 -3.14
N VAL C 88 32.75 12.08 -3.10
CA VAL C 88 32.29 13.45 -3.32
C VAL C 88 31.74 13.98 -2.01
N PRO C 89 31.66 15.30 -1.84
CA PRO C 89 31.15 15.84 -0.57
C PRO C 89 29.62 15.82 -0.46
N GLU C 90 28.93 15.41 -1.52
CA GLU C 90 27.47 15.44 -1.51
C GLU C 90 26.95 14.56 -2.61
N TRP C 91 26.13 13.57 -2.26
CA TRP C 91 25.54 12.72 -3.29
C TRP C 91 24.04 12.60 -3.10
N SER C 92 23.36 12.01 -4.08
CA SER C 92 21.90 11.95 -4.08
C SER C 92 21.41 10.52 -3.99
N TYR C 93 22.19 9.60 -4.56
CA TYR C 93 21.99 8.19 -4.33
C TYR C 93 23.33 7.49 -4.27
N ILE C 94 23.34 6.17 -4.18
CA ILE C 94 24.59 5.49 -4.06
C ILE C 94 24.59 4.40 -5.10
N MET C 95 25.69 4.27 -5.84
CA MET C 95 25.83 3.13 -6.77
C MET C 95 26.69 2.03 -6.19
N GLU C 96 26.11 0.85 -6.00
CA GLU C 96 26.89 -0.33 -5.65
C GLU C 96 26.72 -1.34 -6.77
N LYS C 97 27.65 -2.28 -6.86
CA LYS C 97 27.40 -3.44 -7.71
C LYS C 97 26.65 -4.45 -6.86
N GLU C 98 25.91 -5.32 -7.51
CA GLU C 98 25.25 -6.42 -6.82
C GLU C 98 26.32 -7.43 -6.42
N ASN C 99 26.73 -7.40 -5.15
CA ASN C 99 27.83 -8.23 -4.65
C ASN C 99 29.21 -7.62 -4.91
N PRO C 100 29.58 -6.59 -4.14
CA PRO C 100 30.74 -5.75 -4.40
C PRO C 100 32.14 -6.39 -4.26
N ARG C 101 32.26 -7.58 -3.68
CA ARG C 101 33.56 -8.27 -3.68
C ARG C 101 34.52 -7.70 -2.64
N ASP C 102 34.64 -6.38 -2.61
CA ASP C 102 35.51 -5.69 -1.66
C ASP C 102 34.74 -5.18 -0.45
N GLY C 103 34.55 -6.06 0.51
CA GLY C 103 33.83 -5.71 1.72
C GLY C 103 34.74 -5.70 2.93
N LEU C 104 34.58 -6.71 3.77
CA LEU C 104 35.37 -6.80 4.97
C LEU C 104 36.54 -7.73 4.69
N CYS C 105 37.64 -7.19 4.17
CA CYS C 105 38.80 -8.00 3.83
C CYS C 105 39.28 -8.84 5.04
N TYR C 106 39.23 -8.28 6.23
CA TYR C 106 39.35 -9.09 7.43
C TYR C 106 37.93 -9.53 7.77
N PRO C 107 37.69 -10.85 7.72
CA PRO C 107 36.35 -11.43 7.79
C PRO C 107 35.64 -10.97 9.06
N GLY C 108 34.32 -10.73 8.98
CA GLY C 108 33.56 -10.43 10.17
C GLY C 108 32.07 -10.24 9.98
N SER C 109 31.64 -9.00 10.24
CA SER C 109 30.24 -8.62 10.31
C SER C 109 30.15 -7.16 10.79
N PHE C 110 28.99 -6.56 10.59
CA PHE C 110 28.81 -5.14 10.81
C PHE C 110 27.37 -4.94 11.29
N ASN C 111 27.18 -4.67 12.59
CA ASN C 111 25.84 -4.49 13.14
C ASN C 111 24.99 -3.40 12.49
N ASP C 112 23.70 -3.64 12.39
CA ASP C 112 22.79 -2.63 11.89
C ASP C 112 23.30 -2.06 10.59
N TYR C 113 23.71 -2.95 9.69
CA TYR C 113 24.36 -2.53 8.46
C TYR C 113 23.39 -1.91 7.48
N GLU C 114 22.24 -2.56 7.29
CA GLU C 114 21.27 -2.07 6.32
C GLU C 114 20.84 -0.67 6.67
N GLU C 115 20.69 -0.43 7.97
CA GLU C 115 20.33 0.86 8.53
C GLU C 115 21.33 1.98 8.22
N LEU C 116 22.62 1.68 8.42
CA LEU C 116 23.72 2.59 8.04
C LEU C 116 23.65 2.93 6.57
N LYS C 117 23.40 1.92 5.71
CA LYS C 117 23.34 2.16 4.27
C LYS C 117 22.20 3.09 3.88
N HIS C 118 21.04 2.93 4.53
CA HIS C 118 19.92 3.85 4.27
C HIS C 118 20.34 5.26 4.73
N LEU C 119 21.11 5.33 5.81
CA LEU C 119 21.51 6.62 6.37
C LEU C 119 22.44 7.37 5.45
N LEU C 120 23.33 6.61 4.82
CA LEU C 120 24.33 7.15 3.92
C LEU C 120 23.80 7.26 2.49
N SER C 121 22.58 6.83 2.25
CA SER C 121 22.14 6.72 0.87
C SER C 121 22.09 8.09 0.21
N SER C 122 21.85 9.12 0.99
CA SER C 122 21.80 10.46 0.43
C SER C 122 22.27 11.42 1.49
N VAL C 123 23.13 12.34 1.08
CA VAL C 123 23.83 13.16 2.05
C VAL C 123 24.08 14.57 1.50
N LYS C 124 23.92 15.58 2.35
CA LYS C 124 24.12 16.97 1.95
C LYS C 124 25.59 17.34 2.06
N HIS C 125 26.25 16.91 3.12
CA HIS C 125 27.69 17.08 3.22
C HIS C 125 28.33 15.97 4.04
N PHE C 126 29.43 15.44 3.53
CA PHE C 126 30.04 14.27 4.14
C PHE C 126 31.58 14.36 4.12
N GLU C 127 32.18 14.68 5.26
CA GLU C 127 33.62 14.87 5.34
C GLU C 127 34.30 13.97 6.37
N LYS C 128 35.39 13.32 5.94
CA LYS C 128 36.20 12.48 6.81
C LYS C 128 37.10 13.34 7.68
N VAL C 129 37.25 13.02 8.96
CA VAL C 129 38.07 13.84 9.86
C VAL C 129 38.75 12.98 10.92
N LYS C 130 40.04 13.23 11.15
CA LYS C 130 40.83 12.47 12.13
C LYS C 130 40.48 12.88 13.56
N ILE C 131 40.10 11.93 14.41
CA ILE C 131 39.55 12.23 15.74
C ILE C 131 40.35 11.59 16.88
N LEU C 132 40.87 10.40 16.64
CA LEU C 132 41.69 9.75 17.65
C LEU C 132 42.98 9.31 16.98
N PRO C 133 43.89 10.27 16.77
CA PRO C 133 45.09 10.04 15.95
C PRO C 133 45.92 8.85 16.43
N LYS C 134 46.34 8.04 15.45
CA LYS C 134 47.11 6.84 15.69
C LYS C 134 48.31 7.04 16.64
N ASP C 135 49.01 8.16 16.46
CA ASP C 135 50.21 8.49 17.25
C ASP C 135 49.95 8.29 18.74
N ARG C 136 48.83 8.83 19.19
CA ARG C 136 48.58 9.07 20.60
C ARG C 136 48.29 7.82 21.41
N TRP C 137 48.19 6.67 20.76
CA TRP C 137 48.00 5.41 21.48
C TRP C 137 49.32 4.88 21.98
N THR C 138 50.09 5.76 22.62
CA THR C 138 51.29 5.33 23.30
C THR C 138 50.79 4.30 24.30
N GLN C 139 51.63 3.31 24.59
CA GLN C 139 51.27 2.23 25.51
C GLN C 139 50.67 0.98 24.86
N HIS C 140 50.23 1.12 23.62
CA HIS C 140 49.73 -0.03 22.91
C HIS C 140 50.34 -0.07 21.55
N THR C 141 50.39 -1.25 20.96
CA THR C 141 50.89 -1.40 19.61
C THR C 141 49.80 -1.03 18.61
N THR C 142 50.21 -0.49 17.48
CA THR C 142 49.33 0.24 16.60
C THR C 142 49.48 -0.27 15.19
N THR C 143 50.53 -1.07 14.99
CA THR C 143 50.93 -1.48 13.66
C THR C 143 50.27 -2.78 13.24
N GLY C 144 49.49 -3.37 14.14
CA GLY C 144 48.79 -4.59 13.83
C GLY C 144 48.27 -4.59 12.41
N GLY C 145 48.37 -5.74 11.75
CA GLY C 145 47.86 -5.91 10.40
C GLY C 145 47.63 -7.38 10.10
N SER C 146 46.99 -7.68 8.98
CA SER C 146 46.81 -9.08 8.61
C SER C 146 47.10 -9.27 7.14
N ARG C 147 47.41 -10.51 6.76
CA ARG C 147 47.75 -10.80 5.39
C ARG C 147 46.56 -10.52 4.49
N ALA C 148 45.36 -10.72 5.01
CA ALA C 148 44.15 -10.67 4.20
C ALA C 148 43.82 -9.29 3.64
N CYS C 149 44.37 -8.24 4.25
CA CYS C 149 44.12 -6.87 3.82
C CYS C 149 45.33 -6.28 3.10
N ALA C 150 45.98 -7.11 2.29
CA ALA C 150 47.28 -6.81 1.68
C ALA C 150 47.34 -5.53 0.84
N VAL C 151 48.46 -4.81 0.98
CA VAL C 151 48.74 -3.63 0.16
C VAL C 151 50.07 -3.84 -0.57
N SER C 152 49.99 -4.27 -1.82
CA SER C 152 51.16 -4.59 -2.63
C SER C 152 51.94 -5.76 -2.04
N GLY C 153 51.24 -6.81 -1.65
CA GLY C 153 51.86 -7.98 -1.05
C GLY C 153 52.35 -7.73 0.37
N ASN C 154 51.96 -6.61 0.95
CA ASN C 154 52.35 -6.29 2.32
C ASN C 154 51.18 -6.34 3.31
N PRO C 155 51.35 -7.10 4.41
CA PRO C 155 50.34 -7.09 5.48
C PRO C 155 49.88 -5.68 5.81
N SER C 156 48.59 -5.40 5.65
CA SER C 156 48.04 -4.07 5.99
C SER C 156 46.72 -4.17 6.76
N PHE C 157 46.03 -3.04 6.89
CA PHE C 157 44.77 -2.98 7.64
C PHE C 157 43.82 -1.92 7.11
N PHE C 158 42.59 -1.91 7.62
CA PHE C 158 41.63 -0.89 7.26
C PHE C 158 42.27 0.46 7.55
N ARG C 159 42.44 1.26 6.50
CA ARG C 159 43.12 2.55 6.60
C ARG C 159 42.55 3.41 7.72
N ASN C 160 41.24 3.31 7.91
CA ASN C 160 40.51 4.18 8.83
C ASN C 160 40.46 3.70 10.28
N MET C 161 40.91 2.48 10.54
CA MET C 161 40.90 1.96 11.90
C MET C 161 42.31 1.75 12.44
N VAL C 162 42.37 1.34 13.69
CA VAL C 162 43.60 1.20 14.42
C VAL C 162 43.51 -0.10 15.18
N TRP C 163 44.26 -1.11 14.77
CA TRP C 163 44.22 -2.34 15.52
C TRP C 163 45.05 -2.31 16.81
N LEU C 164 44.48 -1.90 17.94
CA LEU C 164 45.24 -1.85 19.20
C LEU C 164 45.66 -3.18 19.78
N THR C 165 46.96 -3.46 19.81
CA THR C 165 47.52 -4.67 20.43
C THR C 165 48.48 -4.38 21.57
N LYS C 166 49.06 -5.43 22.13
CA LYS C 166 49.94 -5.30 23.28
C LYS C 166 51.29 -4.69 22.90
N LYS C 167 51.82 -3.88 23.81
CA LYS C 167 53.19 -3.37 23.71
C LYS C 167 54.03 -4.11 24.71
N GLY C 168 55.14 -4.66 24.24
CA GLY C 168 55.92 -5.58 25.04
C GLY C 168 55.05 -6.78 25.36
N SER C 169 54.85 -7.02 26.64
CA SER C 169 53.92 -8.03 27.09
C SER C 169 52.89 -7.37 27.99
N ASN C 170 52.51 -6.15 27.65
CA ASN C 170 51.55 -5.46 28.48
C ASN C 170 50.50 -4.70 27.68
N TYR C 171 49.23 -4.87 28.07
CA TYR C 171 48.11 -4.15 27.46
C TYR C 171 47.34 -3.42 28.54
N PRO C 172 47.83 -2.23 28.92
CA PRO C 172 47.19 -1.37 29.91
C PRO C 172 45.82 -0.99 29.40
N VAL C 173 44.87 -0.71 30.28
CA VAL C 173 43.56 -0.25 29.84
C VAL C 173 43.77 0.72 28.73
N ALA C 174 42.96 0.61 27.67
CA ALA C 174 43.00 1.57 26.56
C ALA C 174 41.90 2.60 26.74
N LYS C 175 42.24 3.88 26.71
CA LYS C 175 41.26 4.95 26.86
C LYS C 175 41.40 5.96 25.74
N GLY C 176 40.27 6.48 25.26
CA GLY C 176 40.30 7.54 24.27
C GLY C 176 38.94 8.21 24.19
N SER C 177 38.91 9.50 23.89
CA SER C 177 37.64 10.21 23.81
C SER C 177 37.68 11.21 22.71
N TYR C 178 36.51 11.71 22.35
CA TYR C 178 36.38 12.75 21.35
C TYR C 178 35.10 13.56 21.53
N ASN C 179 35.27 14.85 21.86
CA ASN C 179 34.19 15.81 21.98
C ASN C 179 33.94 16.36 20.58
N ASN C 180 32.74 16.11 20.05
CA ASN C 180 32.43 16.41 18.65
C ASN C 180 32.20 17.88 18.39
N THR C 181 33.27 18.54 17.98
CA THR C 181 33.29 19.99 17.81
C THR C 181 33.05 20.41 16.35
N SER C 182 33.26 19.48 15.42
CA SER C 182 33.14 19.72 13.97
C SER C 182 31.98 20.62 13.50
N GLY C 183 30.88 20.65 14.24
CA GLY C 183 29.76 21.49 13.88
C GLY C 183 28.66 20.76 13.14
N GLU C 184 28.93 19.50 12.82
CA GLU C 184 27.92 18.64 12.23
C GLU C 184 27.88 17.36 13.04
N GLN C 185 26.82 16.57 12.87
CA GLN C 185 26.72 15.26 13.50
C GLN C 185 27.76 14.36 12.89
N MET C 186 28.28 13.42 13.67
CA MET C 186 29.37 12.60 13.15
C MET C 186 29.11 11.11 13.26
N LEU C 187 29.31 10.40 12.15
CA LEU C 187 29.23 8.95 12.07
C LEU C 187 30.53 8.32 12.50
N ILE C 188 30.58 7.71 13.68
CA ILE C 188 31.77 7.01 14.16
C ILE C 188 31.57 5.48 14.14
N ILE C 189 32.58 4.75 13.70
CA ILE C 189 32.49 3.31 13.58
C ILE C 189 33.57 2.62 14.39
N TRP C 190 33.24 1.58 15.14
CA TRP C 190 34.29 0.84 15.88
C TRP C 190 34.11 -0.66 15.80
N GLY C 191 35.09 -1.40 16.29
CA GLY C 191 35.08 -2.83 16.11
C GLY C 191 35.48 -3.59 17.35
N VAL C 192 35.12 -4.88 17.39
CA VAL C 192 35.62 -5.82 18.40
C VAL C 192 36.19 -7.04 17.71
N HIS C 193 37.35 -7.50 18.19
CA HIS C 193 38.04 -8.62 17.56
C HIS C 193 37.72 -9.91 18.32
N HIS C 194 37.25 -10.90 17.58
CA HIS C 194 36.99 -12.20 18.16
C HIS C 194 38.01 -13.15 17.59
N PRO C 195 38.94 -13.61 18.42
CA PRO C 195 39.97 -14.61 18.11
C PRO C 195 39.41 -16.02 18.12
N ILE C 196 40.21 -17.03 17.77
CA ILE C 196 39.71 -18.41 17.78
C ILE C 196 40.36 -19.25 18.85
N ASP C 197 41.08 -18.59 19.74
CA ASP C 197 42.06 -19.27 20.57
C ASP C 197 42.32 -18.47 21.83
N GLU C 198 42.34 -19.11 22.97
CA GLU C 198 42.72 -18.40 24.20
C GLU C 198 44.25 -18.27 24.25
N LYS C 199 44.87 -18.33 23.06
CA LYS C 199 46.31 -18.29 22.90
C LYS C 199 46.62 -17.22 21.87
N GLU C 200 45.73 -17.08 20.89
CA GLU C 200 45.76 -15.92 20.00
C GLU C 200 45.34 -14.71 20.84
N GLN C 201 44.45 -14.96 21.80
CA GLN C 201 43.95 -13.90 22.67
C GLN C 201 45.08 -13.36 23.55
N ARG C 202 46.01 -14.23 23.92
CA ARG C 202 47.12 -13.81 24.76
C ARG C 202 48.21 -13.15 23.93
N THR C 203 48.57 -13.79 22.81
CA THR C 203 49.53 -13.22 21.88
C THR C 203 49.29 -11.74 21.60
N LEU C 204 48.03 -11.37 21.33
CA LEU C 204 47.71 -9.98 20.97
C LEU C 204 47.43 -9.07 22.17
N TYR C 205 46.79 -9.61 23.21
CA TYR C 205 46.25 -8.78 24.28
C TYR C 205 46.68 -9.13 25.70
N GLN C 206 47.45 -10.21 25.86
CA GLN C 206 47.90 -10.70 27.17
C GLN C 206 46.74 -11.04 28.07
N ASN C 207 45.95 -10.03 28.37
CA ASN C 207 44.82 -10.15 29.27
C ASN C 207 43.76 -11.07 28.64
N VAL C 208 42.95 -11.71 29.48
CA VAL C 208 42.02 -12.72 28.97
C VAL C 208 40.54 -12.37 29.10
N GLY C 209 40.12 -11.90 30.26
CA GLY C 209 38.71 -11.55 30.43
C GLY C 209 38.35 -10.13 29.99
N THR C 210 38.55 -9.82 28.71
CA THR C 210 38.54 -8.43 28.29
C THR C 210 37.17 -7.89 27.90
N TYR C 211 37.09 -6.59 27.66
CA TYR C 211 35.86 -5.95 27.24
C TYR C 211 36.15 -4.71 26.41
N VAL C 212 35.10 -4.15 25.84
CA VAL C 212 35.24 -3.02 24.94
C VAL C 212 34.01 -2.18 25.18
N SER C 213 34.17 -1.10 25.94
CA SER C 213 33.05 -0.29 26.36
C SER C 213 33.01 0.98 25.53
N VAL C 214 31.82 1.49 25.25
CA VAL C 214 31.67 2.69 24.41
C VAL C 214 30.52 3.57 24.87
N GLY C 215 30.78 4.84 25.11
CA GLY C 215 29.72 5.68 25.63
C GLY C 215 29.55 7.02 24.96
N THR C 216 28.30 7.47 24.85
CA THR C 216 27.98 8.84 24.49
C THR C 216 26.78 9.30 25.32
N SER C 217 26.17 10.41 24.93
CA SER C 217 25.07 10.90 25.72
C SER C 217 23.91 9.94 25.62
N THR C 218 23.82 9.27 24.48
CA THR C 218 22.67 8.39 24.23
C THR C 218 23.06 6.91 24.16
N LEU C 219 24.30 6.62 23.76
CA LEU C 219 24.72 5.25 23.53
C LEU C 219 25.51 4.69 24.71
N ASN C 220 25.36 3.40 24.98
CA ASN C 220 26.09 2.74 26.04
C ASN C 220 26.17 1.27 25.69
N LYS C 221 27.31 0.85 25.16
CA LYS C 221 27.49 -0.54 24.74
C LYS C 221 28.74 -1.14 25.34
N ARG C 222 28.69 -2.40 25.72
CA ARG C 222 29.87 -3.11 26.26
C ARG C 222 29.92 -4.50 25.68
N SER C 223 30.93 -4.73 24.85
CA SER C 223 31.09 -6.00 24.17
C SER C 223 32.11 -6.82 24.90
N THR C 224 31.91 -8.12 24.93
CA THR C 224 32.96 -9.02 25.37
C THR C 224 33.33 -9.81 24.13
N PRO C 225 34.63 -10.00 23.92
CA PRO C 225 35.09 -10.84 22.82
C PRO C 225 34.52 -12.24 22.95
N GLU C 226 34.10 -12.81 21.82
CA GLU C 226 33.60 -14.18 21.79
C GLU C 226 34.55 -15.07 21.03
N ILE C 227 35.42 -15.77 21.78
CA ILE C 227 36.41 -16.72 21.25
C ILE C 227 35.79 -18.09 20.93
N ALA C 228 36.05 -18.59 19.73
CA ALA C 228 35.36 -19.79 19.24
C ALA C 228 36.00 -20.30 17.97
N THR C 229 36.21 -21.61 17.89
CA THR C 229 36.65 -22.25 16.66
C THR C 229 35.71 -21.87 15.52
N ARG C 230 36.27 -21.61 14.34
CA ARG C 230 35.51 -21.15 13.15
C ARG C 230 36.23 -21.50 11.87
N PRO C 231 35.46 -21.77 10.79
CA PRO C 231 36.05 -22.01 9.47
C PRO C 231 36.91 -20.83 9.11
N LYS C 232 37.83 -20.97 8.14
CA LYS C 232 38.66 -19.83 7.76
C LYS C 232 38.04 -19.09 6.60
N VAL C 233 38.00 -17.77 6.71
CA VAL C 233 37.52 -16.91 5.63
C VAL C 233 38.62 -15.89 5.35
N ASN C 234 39.16 -15.92 4.12
CA ASN C 234 40.39 -15.20 3.81
C ASN C 234 41.53 -15.68 4.71
N GLY C 235 41.46 -16.96 5.08
CA GLY C 235 42.50 -17.58 5.86
C GLY C 235 42.38 -17.37 7.35
N LEU C 236 41.65 -16.34 7.76
CA LEU C 236 41.47 -16.09 9.18
C LEU C 236 40.23 -16.81 9.78
N GLY C 237 40.40 -17.36 10.98
CA GLY C 237 39.30 -17.98 11.70
C GLY C 237 38.71 -17.00 12.69
N SER C 238 39.48 -15.97 13.00
CA SER C 238 39.02 -14.90 13.86
C SER C 238 38.11 -13.96 13.04
N ARG C 239 37.40 -13.07 13.74
CA ARG C 239 36.49 -12.14 13.09
C ARG C 239 36.54 -10.80 13.78
N MET C 240 36.11 -9.78 13.04
CA MET C 240 36.00 -8.44 13.61
C MET C 240 34.57 -7.92 13.46
N GLU C 241 33.96 -7.59 14.59
CA GLU C 241 32.56 -7.19 14.57
C GLU C 241 32.40 -5.70 14.74
N PHE C 242 31.98 -5.02 13.69
CA PHE C 242 31.91 -3.57 13.73
C PHE C 242 30.53 -3.05 14.11
N SER C 243 30.50 -1.94 14.84
CA SER C 243 29.26 -1.24 15.15
C SER C 243 29.44 0.26 14.88
N TRP C 244 28.34 1.00 14.86
CA TRP C 244 28.43 2.43 14.63
C TRP C 244 27.50 3.23 15.49
N THR C 245 27.62 4.54 15.42
CA THR C 245 26.71 5.45 16.12
C THR C 245 26.83 6.83 15.55
N LEU C 246 25.82 7.65 15.73
CA LEU C 246 25.96 9.04 15.37
C LEU C 246 26.25 9.84 16.61
N LEU C 247 27.36 10.57 16.61
CA LEU C 247 27.68 11.47 17.71
C LEU C 247 27.02 12.82 17.46
N ASP C 248 26.15 13.26 18.35
CA ASP C 248 25.51 14.56 18.16
C ASP C 248 26.55 15.68 18.23
N MET C 249 26.18 16.89 17.81
CA MET C 249 27.08 18.02 18.02
C MET C 249 27.29 18.25 19.51
N TRP C 250 28.55 18.45 19.89
CA TRP C 250 28.91 18.86 21.24
C TRP C 250 28.84 17.68 22.21
N ASP C 251 28.70 16.48 21.66
CA ASP C 251 28.63 15.28 22.47
C ASP C 251 29.99 14.57 22.42
N THR C 252 30.23 13.69 23.38
CA THR C 252 31.53 13.04 23.49
C THR C 252 31.38 11.54 23.38
N ILE C 253 32.23 10.92 22.57
CA ILE C 253 32.29 9.47 22.58
C ILE C 253 33.45 9.00 23.48
N ASN C 254 33.19 8.03 24.33
CA ASN C 254 34.23 7.52 25.22
C ASN C 254 34.54 6.06 24.90
N PHE C 255 35.78 5.75 24.58
CA PHE C 255 36.19 4.36 24.42
C PHE C 255 36.99 3.90 25.61
N GLU C 256 36.78 2.65 26.03
CA GLU C 256 37.56 2.06 27.09
C GLU C 256 37.62 0.57 26.89
N SER C 257 38.82 0.03 26.80
CA SER C 257 38.97 -1.39 26.58
C SER C 257 40.14 -2.00 27.35
N THR C 258 40.02 -3.27 27.72
CA THR C 258 41.18 -3.97 28.26
C THR C 258 41.63 -5.04 27.30
N GLY C 259 41.19 -4.91 26.06
CA GLY C 259 41.58 -5.81 25.00
C GLY C 259 40.55 -5.86 23.89
N ASN C 260 41.03 -6.06 22.67
CA ASN C 260 40.19 -6.51 21.56
C ASN C 260 39.44 -5.38 20.89
N LEU C 261 39.72 -4.14 21.30
CA LEU C 261 39.13 -2.99 20.63
C LEU C 261 39.80 -2.75 19.28
N ILE C 262 39.00 -2.51 18.25
CA ILE C 262 39.54 -1.99 16.99
C ILE C 262 39.07 -0.58 16.96
N ALA C 263 39.97 0.39 17.09
CA ALA C 263 39.51 1.75 17.27
C ALA C 263 39.38 2.55 15.97
N PRO C 264 38.50 3.55 15.97
CA PRO C 264 38.39 4.44 14.82
C PRO C 264 39.54 5.42 14.87
N GLU C 265 40.09 5.79 13.71
CA GLU C 265 41.01 6.92 13.70
C GLU C 265 40.24 8.14 13.26
N TYR C 266 39.34 7.95 12.30
CA TYR C 266 38.57 9.05 11.77
C TYR C 266 37.11 8.98 12.16
N GLY C 267 36.42 10.09 11.98
CA GLY C 267 34.99 10.14 12.12
C GLY C 267 34.50 10.70 10.82
N PHE C 268 33.18 10.74 10.60
CA PHE C 268 32.64 11.29 9.35
C PHE C 268 31.59 12.37 9.61
N LYS C 269 31.94 13.62 9.32
CA LYS C 269 30.98 14.69 9.43
C LYS C 269 29.90 14.30 8.45
N ILE C 270 28.65 14.37 8.87
CA ILE C 270 27.55 13.98 7.98
C ILE C 270 26.31 14.82 8.13
N SER C 271 26.00 15.58 7.09
CA SER C 271 24.89 16.50 7.14
C SER C 271 23.89 15.96 6.15
N LYS C 272 22.63 15.90 6.54
CA LYS C 272 21.61 15.34 5.65
C LYS C 272 20.23 15.61 6.23
N ARG C 273 19.22 15.88 5.39
CA ARG C 273 19.26 16.04 3.93
C ARG C 273 17.87 15.72 3.43
N GLY C 274 17.53 14.43 3.50
CA GLY C 274 16.26 13.95 3.01
C GLY C 274 16.24 12.44 2.82
N SER C 275 17.41 11.85 2.58
CA SER C 275 17.53 10.40 2.50
C SER C 275 16.84 9.76 1.27
N SER C 276 17.53 8.81 0.66
CA SER C 276 17.16 8.30 -0.65
C SER C 276 17.21 6.77 -0.70
N GLY C 277 18.25 6.22 -1.30
CA GLY C 277 18.37 4.78 -1.47
C GLY C 277 19.52 4.39 -2.36
N ILE C 278 19.80 3.09 -2.44
CA ILE C 278 20.96 2.57 -3.16
C ILE C 278 20.58 1.92 -4.47
N MET C 279 21.30 2.22 -5.54
CA MET C 279 20.96 1.65 -6.83
C MET C 279 21.94 0.57 -7.26
N LYS C 280 21.44 -0.65 -7.49
CA LYS C 280 22.32 -1.77 -7.85
C LYS C 280 22.59 -1.80 -9.35
N THR C 281 23.78 -1.38 -9.73
CA THR C 281 24.12 -1.28 -11.15
C THR C 281 25.57 -1.69 -11.45
N GLU C 282 25.89 -1.83 -12.73
CA GLU C 282 27.24 -2.16 -13.18
C GLU C 282 27.88 -0.94 -13.82
N GLY C 283 27.05 -0.15 -14.49
CA GLY C 283 27.52 1.00 -15.25
C GLY C 283 28.10 2.13 -14.42
N THR C 284 28.29 3.27 -15.08
CA THR C 284 28.94 4.41 -14.43
C THR C 284 28.31 5.74 -14.82
N LEU C 285 28.47 6.71 -13.92
CA LEU C 285 27.96 8.05 -14.09
C LEU C 285 28.42 8.61 -15.42
N GLU C 286 27.51 9.22 -16.19
CA GLU C 286 27.88 9.72 -17.51
C GLU C 286 27.68 11.22 -17.67
N ASN C 287 27.50 11.92 -16.56
CA ASN C 287 27.25 13.37 -16.59
C ASN C 287 26.08 13.81 -17.49
N CYS C 288 24.88 13.51 -17.05
CA CYS C 288 23.69 14.08 -17.64
C CYS C 288 22.85 14.59 -16.50
N GLU C 289 21.55 14.68 -16.72
CA GLU C 289 20.65 15.17 -15.70
C GLU C 289 19.32 14.45 -15.85
N THR C 290 18.69 14.13 -14.74
CA THR C 290 17.38 13.46 -14.75
C THR C 290 16.66 13.67 -13.44
N LYS C 291 15.34 13.66 -13.47
CA LYS C 291 14.56 13.76 -12.25
C LYS C 291 14.31 12.37 -11.74
N CYS C 292 14.60 11.38 -12.57
CA CYS C 292 14.16 10.02 -12.29
C CYS C 292 15.09 8.98 -12.90
N GLN C 293 15.80 8.27 -12.05
CA GLN C 293 16.83 7.33 -12.48
C GLN C 293 16.41 5.89 -12.32
N THR C 294 16.66 5.08 -13.33
CA THR C 294 16.42 3.64 -13.25
C THR C 294 17.71 2.91 -13.63
N PRO C 295 17.87 1.65 -13.18
CA PRO C 295 19.10 0.89 -13.41
C PRO C 295 19.42 0.66 -14.89
N LEU C 296 18.44 0.85 -15.78
CA LEU C 296 18.69 0.73 -17.23
C LEU C 296 19.00 2.08 -17.86
N GLY C 297 18.72 3.15 -17.11
CA GLY C 297 18.91 4.49 -17.61
C GLY C 297 17.91 5.46 -17.05
N ALA C 298 18.15 6.75 -17.32
CA ALA C 298 17.30 7.81 -16.80
C ALA C 298 16.06 7.94 -17.66
N ILE C 299 15.03 8.57 -17.10
CA ILE C 299 13.79 8.85 -17.81
C ILE C 299 13.49 10.33 -17.79
N ASN C 300 13.47 10.99 -18.96
CA ASN C 300 13.06 12.39 -19.06
C ASN C 300 11.65 12.44 -19.60
N THR C 301 10.67 12.26 -18.73
CA THR C 301 9.31 12.12 -19.19
C THR C 301 8.29 12.87 -18.37
N THR C 302 7.12 13.02 -18.95
CA THR C 302 6.04 13.78 -18.36
C THR C 302 4.78 12.94 -18.21
N LEU C 303 4.70 11.83 -18.96
CA LEU C 303 3.62 10.86 -18.84
C LEU C 303 3.51 10.27 -17.42
N PRO C 304 2.27 9.92 -17.02
CA PRO C 304 1.93 9.49 -15.67
C PRO C 304 2.35 8.07 -15.41
N PHE C 305 2.61 7.29 -16.46
CA PHE C 305 3.02 5.89 -16.27
C PHE C 305 4.24 5.54 -17.07
N HIS C 306 5.03 4.61 -16.54
CA HIS C 306 6.13 4.06 -17.31
C HIS C 306 6.23 2.57 -17.06
N ASN C 307 7.12 1.90 -17.78
CA ASN C 307 7.28 0.47 -17.59
C ASN C 307 8.71 0.04 -17.84
N VAL C 308 9.63 0.99 -17.74
CA VAL C 308 11.05 0.76 -17.91
C VAL C 308 11.61 -0.28 -16.94
N HIS C 309 11.45 -0.03 -15.65
CA HIS C 309 12.04 -0.90 -14.65
C HIS C 309 11.55 -0.50 -13.28
N PRO C 310 11.32 -1.50 -12.41
CA PRO C 310 10.67 -1.28 -11.13
C PRO C 310 11.52 -0.54 -10.13
N LEU C 311 12.84 -0.68 -10.21
CA LEU C 311 13.70 -0.14 -9.17
C LEU C 311 14.21 1.28 -9.40
N THR C 312 13.31 2.26 -9.44
CA THR C 312 13.70 3.63 -9.71
C THR C 312 14.21 4.35 -8.47
N ILE C 313 14.80 5.54 -8.68
CA ILE C 313 15.09 6.49 -7.61
C ILE C 313 14.85 7.91 -8.12
N GLY C 314 14.00 8.66 -7.43
CA GLY C 314 13.68 10.02 -7.84
C GLY C 314 12.19 10.25 -7.90
N GLU C 315 11.77 11.14 -8.77
CA GLU C 315 10.35 11.40 -8.92
C GLU C 315 9.90 10.80 -10.21
N CYS C 316 9.20 9.67 -10.13
CA CYS C 316 8.91 8.85 -11.31
C CYS C 316 7.44 8.70 -11.62
N PRO C 317 7.12 8.29 -12.85
CA PRO C 317 5.73 7.94 -13.16
C PRO C 317 5.40 6.66 -12.44
N LYS C 318 4.13 6.30 -12.35
CA LYS C 318 3.80 5.04 -11.71
C LYS C 318 4.16 3.85 -12.61
N TYR C 319 4.85 2.89 -12.04
CA TYR C 319 5.30 1.71 -12.77
C TYR C 319 4.13 0.78 -12.98
N VAL C 320 4.03 0.27 -14.20
CA VAL C 320 2.85 -0.44 -14.62
C VAL C 320 3.29 -1.66 -15.42
N LYS C 321 2.46 -2.70 -15.46
CA LYS C 321 2.83 -3.92 -16.18
C LYS C 321 2.31 -3.91 -17.61
N SER C 322 2.32 -2.75 -18.23
CA SER C 322 1.77 -2.59 -19.58
C SER C 322 2.82 -2.49 -20.68
N GLU C 323 2.44 -2.93 -21.89
CA GLU C 323 3.29 -2.77 -23.06
C GLU C 323 2.94 -1.48 -23.82
N LYS C 324 1.64 -1.15 -23.83
CA LYS C 324 1.14 0.07 -24.45
C LYS C 324 -0.14 0.58 -23.78
N LEU C 325 -0.21 1.88 -23.51
CA LEU C 325 -1.42 2.55 -23.06
C LEU C 325 -1.77 3.64 -24.06
N VAL C 326 -2.38 3.28 -25.17
CA VAL C 326 -2.62 4.23 -26.25
C VAL C 326 -4.00 4.88 -26.18
N LEU C 327 -4.03 6.13 -25.75
CA LEU C 327 -5.25 6.91 -25.73
C LEU C 327 -5.58 7.26 -27.17
N ALA C 328 -6.85 7.27 -27.53
CA ALA C 328 -7.23 7.73 -28.85
C ALA C 328 -7.45 9.21 -28.72
N THR C 329 -6.96 10.00 -29.67
CA THR C 329 -7.17 11.44 -29.66
C THR C 329 -8.06 11.85 -30.82
N GLY C 330 -7.79 11.28 -31.99
CA GLY C 330 -8.58 11.57 -33.18
C GLY C 330 -9.74 10.59 -33.31
N LEU C 331 -10.45 10.64 -34.44
CA LEU C 331 -11.64 9.82 -34.58
C LEU C 331 -11.36 8.47 -35.22
N ARG C 332 -12.38 7.62 -35.32
CA ARG C 332 -12.20 6.36 -36.00
C ARG C 332 -11.73 6.63 -37.42
N ASN C 333 -10.78 5.85 -37.90
CA ASN C 333 -10.33 6.01 -39.27
C ASN C 333 -11.06 5.06 -40.22
N VAL C 334 -11.71 5.63 -41.23
CA VAL C 334 -12.56 4.86 -42.14
C VAL C 334 -12.36 5.31 -43.60
N PRO C 335 -11.13 5.20 -44.13
CA PRO C 335 -10.92 5.60 -45.53
C PRO C 335 -11.96 5.02 -46.49
N GLY C 341 -20.42 4.09 -34.26
CA GLY C 341 -20.34 4.83 -33.00
C GLY C 341 -21.64 4.78 -32.22
N LEU C 342 -21.72 5.60 -31.18
CA LEU C 342 -22.89 5.68 -30.32
C LEU C 342 -23.93 6.74 -30.74
N PHE C 343 -23.64 7.54 -31.76
CA PHE C 343 -24.58 8.56 -32.22
C PHE C 343 -24.91 8.28 -33.68
N GLY C 344 -24.38 7.16 -34.17
CA GLY C 344 -24.76 6.59 -35.45
C GLY C 344 -24.33 7.37 -36.66
N ALA C 345 -23.30 8.17 -36.52
CA ALA C 345 -22.91 9.04 -37.62
C ALA C 345 -21.61 8.57 -38.27
N ILE C 346 -20.51 8.62 -37.51
CA ILE C 346 -19.24 8.10 -37.97
C ILE C 346 -19.35 6.58 -38.13
N ALA C 347 -18.95 6.07 -39.29
CA ALA C 347 -19.10 4.64 -39.57
C ALA C 347 -20.56 4.26 -39.49
N GLY C 348 -21.42 5.19 -39.86
CA GLY C 348 -22.84 5.03 -39.68
C GLY C 348 -23.56 5.55 -40.89
N PHE C 349 -24.57 6.41 -40.73
CA PHE C 349 -25.28 6.93 -41.90
C PHE C 349 -24.35 7.71 -42.79
N ILE C 350 -23.37 8.36 -42.20
CA ILE C 350 -22.19 8.86 -42.95
C ILE C 350 -21.15 7.75 -43.06
N GLU C 351 -21.31 6.89 -44.07
CA GLU C 351 -20.60 5.61 -44.13
C GLU C 351 -19.10 5.61 -43.93
N GLY C 352 -18.40 6.59 -44.51
CA GLY C 352 -16.94 6.63 -44.43
C GLY C 352 -16.37 8.02 -44.31
N GLY C 353 -15.07 8.08 -44.04
CA GLY C 353 -14.40 9.36 -43.86
C GLY C 353 -13.73 9.88 -45.13
N TRP C 354 -13.28 11.13 -45.09
CA TRP C 354 -12.70 11.79 -46.26
C TRP C 354 -11.20 12.02 -46.08
N GLN C 355 -10.38 11.41 -46.94
CA GLN C 355 -8.95 11.67 -46.87
C GLN C 355 -8.62 13.05 -47.44
N GLY C 356 -9.50 13.53 -48.30
CA GLY C 356 -9.31 14.82 -48.96
C GLY C 356 -9.43 16.01 -48.03
N MET C 357 -10.34 15.95 -47.06
CA MET C 357 -10.46 17.03 -46.10
C MET C 357 -9.33 16.94 -45.08
N VAL C 358 -8.35 17.83 -45.15
CA VAL C 358 -7.18 17.70 -44.29
C VAL C 358 -6.91 18.92 -43.41
N ASP C 359 -7.83 19.88 -43.42
CA ASP C 359 -7.66 21.08 -42.60
C ASP C 359 -8.46 20.98 -41.30
N GLY C 360 -8.66 19.76 -40.81
CA GLY C 360 -9.40 19.52 -39.58
C GLY C 360 -10.18 18.22 -39.51
N TRP C 361 -10.88 18.01 -38.39
CA TRP C 361 -11.60 16.75 -38.16
C TRP C 361 -12.99 16.65 -38.79
N TYR C 362 -13.75 17.75 -38.79
CA TYR C 362 -15.09 17.77 -39.41
C TYR C 362 -15.26 18.92 -40.43
N GLY C 363 -16.11 18.71 -41.41
CA GLY C 363 -16.18 19.65 -42.50
C GLY C 363 -17.30 19.38 -43.48
N TYR C 364 -17.20 20.02 -44.65
CA TYR C 364 -18.25 19.97 -45.66
C TYR C 364 -17.69 19.59 -47.03
N HIS C 365 -18.58 19.33 -47.98
CA HIS C 365 -18.21 19.07 -49.36
C HIS C 365 -19.07 19.70 -50.46
N HIS C 366 -20.39 19.81 -50.26
CA HIS C 366 -21.23 20.54 -51.23
C HIS C 366 -21.07 20.14 -52.71
N SER C 367 -22.16 20.17 -53.46
CA SER C 367 -22.05 20.01 -54.91
C SER C 367 -22.37 21.30 -55.66
N ASN C 368 -21.31 21.99 -56.10
CA ASN C 368 -21.46 23.28 -56.78
C ASN C 368 -21.11 23.23 -58.27
N ASP C 369 -21.96 23.84 -59.10
CA ASP C 369 -21.74 23.90 -60.55
C ASP C 369 -20.59 24.82 -60.93
N GLN C 370 -20.06 25.55 -59.94
CA GLN C 370 -18.86 26.36 -60.11
C GLN C 370 -17.62 25.56 -59.71
N GLY C 371 -17.83 24.30 -59.35
CA GLY C 371 -16.76 23.45 -58.88
C GLY C 371 -16.93 23.12 -57.41
N SER C 372 -16.42 21.96 -57.01
CA SER C 372 -16.56 21.45 -55.64
C SER C 372 -15.21 21.26 -54.92
N GLY C 373 -15.24 20.89 -53.64
CA GLY C 373 -14.03 20.67 -52.85
C GLY C 373 -14.20 20.30 -51.38
N TYR C 374 -13.17 20.58 -50.59
CA TYR C 374 -13.12 20.17 -49.18
C TYR C 374 -12.87 21.31 -48.18
N ALA C 375 -13.93 21.79 -47.53
CA ALA C 375 -13.82 22.82 -46.48
C ALA C 375 -14.20 22.28 -45.11
N ALA C 376 -13.37 22.54 -44.12
CA ALA C 376 -13.57 22.08 -42.74
C ALA C 376 -14.27 23.10 -41.85
N ASP C 377 -15.04 22.60 -40.89
CA ASP C 377 -15.70 23.48 -39.92
C ASP C 377 -14.67 23.73 -38.86
N LYS C 378 -13.96 24.85 -38.95
CA LYS C 378 -12.87 25.13 -38.02
C LYS C 378 -13.39 25.43 -36.62
N GLU C 379 -14.59 26.00 -36.54
CA GLU C 379 -15.20 26.32 -35.26
C GLU C 379 -15.37 25.07 -34.40
N SER C 380 -15.91 24.01 -34.99
CA SER C 380 -16.15 22.75 -34.28
C SER C 380 -14.93 21.86 -34.20
N THR C 381 -13.96 22.08 -35.06
CA THR C 381 -12.69 21.40 -34.92
C THR C 381 -11.89 22.02 -33.75
N GLN C 382 -12.07 23.32 -33.52
CA GLN C 382 -11.37 23.93 -32.43
C GLN C 382 -11.94 23.41 -31.11
N LYS C 383 -13.27 23.42 -31.00
CA LYS C 383 -13.93 22.91 -29.81
C LYS C 383 -13.40 21.51 -29.48
N ALA C 384 -13.54 20.60 -30.44
CA ALA C 384 -13.15 19.22 -30.25
C ALA C 384 -11.71 19.13 -29.82
N PHE C 385 -10.83 19.79 -30.57
CA PHE C 385 -9.40 19.77 -30.27
C PHE C 385 -9.10 20.27 -28.87
N ASP C 386 -9.78 21.32 -28.43
CA ASP C 386 -9.50 21.87 -27.10
C ASP C 386 -9.96 20.88 -26.03
N GLY C 387 -11.06 20.22 -26.30
CA GLY C 387 -11.51 19.14 -25.44
C GLY C 387 -10.54 17.96 -25.33
N ILE C 388 -10.15 17.41 -26.48
CA ILE C 388 -9.22 16.27 -26.48
C ILE C 388 -7.86 16.65 -25.87
N THR C 389 -7.43 17.89 -26.08
CA THR C 389 -6.27 18.39 -25.39
C THR C 389 -6.54 18.28 -23.89
N ASN C 390 -7.71 18.71 -23.44
CA ASN C 390 -7.96 18.70 -22.01
C ASN C 390 -8.07 17.31 -21.45
N LYS C 391 -8.66 16.41 -22.22
CA LYS C 391 -8.72 15.02 -21.80
C LYS C 391 -7.31 14.52 -21.55
N VAL C 392 -6.46 14.62 -22.58
CA VAL C 392 -5.09 14.14 -22.46
C VAL C 392 -4.34 14.81 -21.31
N ASN C 393 -4.67 16.06 -21.01
CA ASN C 393 -4.02 16.72 -19.87
C ASN C 393 -4.57 16.23 -18.54
N SER C 394 -5.90 16.18 -18.42
CA SER C 394 -6.50 15.63 -17.22
C SER C 394 -5.77 14.36 -16.79
N VAL C 395 -5.77 13.37 -17.67
CA VAL C 395 -5.11 12.10 -17.41
C VAL C 395 -3.64 12.24 -16.98
N ILE C 396 -2.90 13.14 -17.62
CA ILE C 396 -1.50 13.34 -17.25
C ILE C 396 -1.31 14.17 -15.99
N GLU C 397 -1.99 15.30 -15.86
CA GLU C 397 -1.67 16.26 -14.81
C GLU C 397 -2.21 15.91 -13.41
N LYS C 398 -3.28 15.14 -13.32
CA LYS C 398 -3.87 14.86 -12.00
C LYS C 398 -3.07 13.82 -11.23
N MET C 399 -1.93 13.43 -11.79
CA MET C 399 -1.16 12.33 -11.27
C MET C 399 -0.05 12.85 -10.36
N ASN C 400 -0.22 12.70 -9.06
CA ASN C 400 0.82 13.12 -8.13
C ASN C 400 2.05 12.24 -8.19
N THR C 401 3.22 12.82 -7.96
CA THR C 401 4.43 12.05 -8.03
C THR C 401 5.42 12.62 -7.03
N GLN C 402 6.02 11.75 -6.23
CA GLN C 402 6.99 12.21 -5.24
C GLN C 402 8.22 11.34 -5.17
N PHE C 403 9.21 11.82 -4.44
CA PHE C 403 10.53 11.19 -4.40
C PHE C 403 10.52 9.91 -3.57
N GLU C 404 10.51 8.76 -4.24
CA GLU C 404 10.59 7.45 -3.58
C GLU C 404 11.89 6.70 -3.97
N ALA C 405 12.35 5.82 -3.08
CA ALA C 405 13.58 5.08 -3.32
C ALA C 405 13.34 3.70 -3.96
N VAL C 406 12.20 3.10 -3.64
CA VAL C 406 11.78 1.77 -4.16
C VAL C 406 12.62 0.53 -3.80
N GLY C 407 13.93 0.61 -3.99
CA GLY C 407 14.80 -0.49 -3.64
C GLY C 407 15.31 -0.39 -2.21
N LYS C 408 14.84 -1.27 -1.35
CA LYS C 408 15.27 -1.27 0.05
C LYS C 408 16.25 -2.42 0.35
N GLU C 409 16.91 -2.33 1.51
CA GLU C 409 17.93 -3.29 1.93
C GLU C 409 17.44 -4.12 3.11
N PHE C 410 17.66 -5.44 3.07
CA PHE C 410 17.19 -6.32 4.15
C PHE C 410 18.23 -7.38 4.50
N SER C 411 18.30 -7.77 5.77
CA SER C 411 19.26 -8.79 6.18
C SER C 411 18.67 -10.19 6.07
N ASN C 412 19.44 -11.21 6.47
CA ASN C 412 18.99 -12.60 6.39
C ASN C 412 17.83 -12.90 7.30
N LEU C 413 17.77 -12.18 8.43
CA LEU C 413 16.72 -12.35 9.42
C LEU C 413 15.57 -11.37 9.21
N GLU C 414 15.53 -10.77 8.03
CA GLU C 414 14.46 -9.86 7.68
C GLU C 414 13.68 -10.29 6.45
N ARG C 415 13.59 -11.58 6.17
CA ARG C 415 12.94 -11.95 4.95
C ARG C 415 11.48 -11.54 5.02
N ARG C 416 10.88 -11.72 6.19
CA ARG C 416 9.48 -11.39 6.40
C ARG C 416 9.25 -9.93 6.03
N LEU C 417 10.13 -9.08 6.48
CA LEU C 417 9.97 -7.65 6.25
C LEU C 417 10.21 -7.33 4.78
N GLU C 418 11.30 -7.85 4.22
CA GLU C 418 11.54 -7.70 2.79
C GLU C 418 10.31 -8.04 1.97
N ASN C 419 9.61 -9.13 2.32
CA ASN C 419 8.43 -9.54 1.59
C ASN C 419 7.19 -8.67 1.85
N LEU C 420 7.14 -8.04 3.02
CA LEU C 420 6.10 -7.07 3.26
C LEU C 420 6.24 -5.94 2.24
N ASN C 421 7.45 -5.39 2.14
CA ASN C 421 7.75 -4.44 1.09
C ASN C 421 7.34 -4.94 -0.29
N LYS C 422 7.65 -6.20 -0.62
CA LYS C 422 7.33 -6.76 -1.92
C LYS C 422 5.81 -6.88 -2.15
N LYS C 423 5.10 -7.37 -1.13
CA LYS C 423 3.65 -7.55 -1.24
C LYS C 423 2.98 -6.21 -1.53
N MET C 424 3.59 -5.15 -1.03
CA MET C 424 3.01 -3.83 -1.12
C MET C 424 3.33 -3.17 -2.45
N GLU C 425 4.58 -3.30 -2.88
CA GLU C 425 4.95 -2.81 -4.20
C GLU C 425 4.13 -3.57 -5.27
N ASP C 426 3.98 -4.89 -5.07
CA ASP C 426 3.07 -5.71 -5.90
C ASP C 426 1.62 -5.24 -5.79
N GLY C 427 1.23 -4.83 -4.60
CA GLY C 427 -0.12 -4.32 -4.39
C GLY C 427 -0.40 -3.11 -5.27
N PHE C 428 0.54 -2.19 -5.31
CA PHE C 428 0.36 -0.96 -6.04
C PHE C 428 0.55 -1.19 -7.51
N LEU C 429 1.45 -2.12 -7.86
CA LEU C 429 1.59 -2.52 -9.26
C LEU C 429 0.24 -2.94 -9.85
N ASP C 430 -0.54 -3.73 -9.10
CA ASP C 430 -1.83 -4.23 -9.59
C ASP C 430 -2.87 -3.15 -9.69
N VAL C 431 -2.96 -2.33 -8.66
CA VAL C 431 -3.88 -1.18 -8.69
C VAL C 431 -3.62 -0.30 -9.93
N TRP C 432 -2.37 0.15 -10.08
CA TRP C 432 -2.03 1.08 -11.15
C TRP C 432 -2.24 0.46 -12.54
N THR C 433 -1.96 -0.83 -12.67
CA THR C 433 -2.14 -1.49 -13.96
C THR C 433 -3.62 -1.62 -14.33
N TYR C 434 -4.39 -2.35 -13.53
CA TYR C 434 -5.83 -2.38 -13.70
C TYR C 434 -6.42 -0.97 -13.92
N ASN C 435 -6.20 -0.05 -12.99
CA ASN C 435 -6.75 1.28 -13.15
C ASN C 435 -6.34 1.98 -14.44
N ALA C 436 -5.06 1.93 -14.77
CA ALA C 436 -4.59 2.62 -15.96
C ALA C 436 -5.05 1.93 -17.24
N GLU C 437 -5.08 0.60 -17.25
CA GLU C 437 -5.57 -0.13 -18.42
C GLU C 437 -6.99 0.23 -18.68
N LEU C 438 -7.82 0.09 -17.65
CA LEU C 438 -9.23 0.47 -17.73
C LEU C 438 -9.46 1.95 -18.04
N LEU C 439 -8.69 2.84 -17.40
CA LEU C 439 -8.77 4.26 -17.69
C LEU C 439 -8.61 4.53 -19.18
N VAL C 440 -7.64 3.88 -19.82
CA VAL C 440 -7.43 4.04 -21.26
C VAL C 440 -8.65 3.59 -22.07
N LEU C 441 -9.16 2.42 -21.71
CA LEU C 441 -10.31 1.84 -22.39
C LEU C 441 -11.61 2.60 -22.17
N MET C 442 -11.86 3.11 -20.98
CA MET C 442 -13.12 3.79 -20.76
C MET C 442 -13.09 5.09 -21.51
N GLU C 443 -11.94 5.76 -21.46
CA GLU C 443 -11.79 7.09 -22.05
C GLU C 443 -11.68 7.05 -23.57
N ASN C 444 -11.19 5.94 -24.09
CA ASN C 444 -11.19 5.76 -25.53
C ASN C 444 -12.60 5.61 -26.07
N GLU C 445 -13.42 4.79 -25.44
CA GLU C 445 -14.77 4.68 -25.96
C GLU C 445 -15.46 6.04 -25.90
N ARG C 446 -15.09 6.86 -24.92
CA ARG C 446 -15.67 8.19 -24.81
C ARG C 446 -15.25 9.11 -25.96
N THR C 447 -13.98 9.02 -26.35
CA THR C 447 -13.44 9.88 -27.40
C THR C 447 -14.14 9.59 -28.71
N LEU C 448 -14.12 8.33 -29.13
CA LEU C 448 -14.80 7.96 -30.36
C LEU C 448 -16.21 8.50 -30.37
N ASP C 449 -16.95 8.31 -29.29
CA ASP C 449 -18.32 8.81 -29.22
C ASP C 449 -18.42 10.33 -29.25
N PHE C 450 -17.52 10.99 -28.56
CA PHE C 450 -17.41 12.43 -28.63
C PHE C 450 -17.30 12.89 -30.10
N HIS C 451 -16.35 12.33 -30.85
CA HIS C 451 -16.25 12.60 -32.28
C HIS C 451 -17.57 12.29 -33.04
N ASP C 452 -18.19 11.16 -32.75
CA ASP C 452 -19.48 10.84 -33.32
C ASP C 452 -20.50 11.95 -33.03
N SER C 453 -20.63 12.32 -31.78
CA SER C 453 -21.58 13.35 -31.40
C SER C 453 -21.25 14.69 -32.07
N ASN C 454 -19.98 15.09 -32.10
CA ASN C 454 -19.62 16.31 -32.80
C ASN C 454 -20.12 16.31 -34.25
N VAL C 455 -19.99 15.19 -34.96
CA VAL C 455 -20.46 15.07 -36.35
C VAL C 455 -21.96 15.03 -36.47
N LYS C 456 -22.63 14.24 -35.63
CA LYS C 456 -24.08 14.20 -35.66
C LYS C 456 -24.68 15.58 -35.33
N ASN C 457 -23.92 16.39 -34.60
CA ASN C 457 -24.40 17.71 -34.23
C ASN C 457 -24.23 18.72 -35.35
N LEU C 458 -23.06 18.67 -36.01
CA LEU C 458 -22.84 19.45 -37.22
C LEU C 458 -23.94 19.13 -38.22
N TYR C 459 -24.10 17.85 -38.56
CA TYR C 459 -25.16 17.45 -39.46
C TYR C 459 -26.48 18.09 -39.08
N ASP C 460 -26.78 18.14 -37.79
CA ASP C 460 -28.05 18.71 -37.35
C ASP C 460 -28.11 20.22 -37.52
N LYS C 461 -27.10 20.92 -37.00
CA LYS C 461 -27.00 22.37 -37.17
C LYS C 461 -27.32 22.73 -38.62
N VAL C 462 -26.58 22.13 -39.55
CA VAL C 462 -26.85 22.32 -40.97
C VAL C 462 -28.30 21.97 -41.35
N ARG C 463 -28.75 20.77 -40.99
CA ARG C 463 -30.06 20.30 -41.39
C ARG C 463 -31.15 21.28 -41.02
N MET C 464 -31.08 21.85 -39.82
CA MET C 464 -32.17 22.69 -39.32
C MET C 464 -32.22 24.05 -40.00
N GLN C 465 -31.15 24.39 -40.71
CA GLN C 465 -31.13 25.61 -41.53
C GLN C 465 -31.82 25.42 -42.87
N LEU C 466 -31.60 24.27 -43.51
CA LEU C 466 -32.13 23.97 -44.83
C LEU C 466 -33.62 23.51 -44.80
N ARG C 467 -33.90 22.29 -44.37
CA ARG C 467 -35.29 21.85 -44.23
C ARG C 467 -35.96 21.49 -45.55
N ASP C 468 -37.01 22.25 -45.87
CA ASP C 468 -37.68 22.24 -47.16
C ASP C 468 -36.73 22.19 -48.33
N ASN C 469 -35.87 23.21 -48.37
CA ASN C 469 -35.08 23.56 -49.53
C ASN C 469 -34.05 22.55 -49.99
N VAL C 470 -33.96 21.41 -49.31
CA VAL C 470 -33.08 20.35 -49.77
C VAL C 470 -33.69 18.98 -49.61
N LYS C 471 -33.36 18.08 -50.53
CA LYS C 471 -33.64 16.67 -50.33
C LYS C 471 -32.53 16.19 -49.41
N GLU C 472 -32.88 15.61 -48.27
CA GLU C 472 -31.89 15.05 -47.37
C GLU C 472 -31.59 13.63 -47.84
N LEU C 473 -30.36 13.39 -48.25
CA LEU C 473 -30.05 12.14 -48.94
C LEU C 473 -29.93 10.92 -48.03
N GLY C 474 -29.54 11.14 -46.78
CA GLY C 474 -29.43 10.05 -45.84
C GLY C 474 -28.03 9.48 -45.71
N ASN C 475 -27.13 9.92 -46.58
CA ASN C 475 -25.72 9.58 -46.47
C ASN C 475 -24.94 10.80 -45.97
N GLY C 476 -25.69 11.77 -45.45
CA GLY C 476 -25.11 12.98 -44.90
C GLY C 476 -24.96 14.06 -45.94
N CYS C 477 -25.66 13.90 -47.06
CA CYS C 477 -25.62 14.90 -48.11
C CYS C 477 -26.96 15.60 -48.19
N PHE C 478 -26.94 16.85 -48.61
CA PHE C 478 -28.18 17.52 -48.94
C PHE C 478 -28.15 17.95 -50.40
N GLU C 479 -29.11 17.47 -51.19
CA GLU C 479 -29.23 17.91 -52.57
C GLU C 479 -30.09 19.15 -52.54
N PHE C 480 -29.55 20.26 -53.05
CA PHE C 480 -30.30 21.52 -53.05
C PHE C 480 -31.42 21.56 -54.10
N TYR C 481 -32.63 21.94 -53.69
CA TYR C 481 -33.75 22.10 -54.61
C TYR C 481 -33.68 23.42 -55.35
N HIS C 482 -32.79 24.30 -54.92
CA HIS C 482 -32.58 25.54 -55.64
C HIS C 482 -31.12 25.65 -56.06
N LYS C 483 -30.75 26.77 -56.67
CA LYS C 483 -29.37 26.98 -57.06
C LYS C 483 -28.58 27.42 -55.84
N CYS C 484 -27.39 26.85 -55.66
CA CYS C 484 -26.55 27.25 -54.54
C CYS C 484 -25.15 27.61 -54.99
N ASP C 485 -24.94 28.89 -55.27
CA ASP C 485 -23.62 29.37 -55.64
C ASP C 485 -22.74 29.48 -54.42
N ASP C 486 -21.46 29.73 -54.64
CA ASP C 486 -20.51 29.81 -53.54
C ASP C 486 -20.98 30.70 -52.38
N GLU C 487 -21.62 31.83 -52.67
CA GLU C 487 -22.06 32.68 -51.58
C GLU C 487 -23.12 31.97 -50.76
N CYS C 488 -24.01 31.27 -51.44
CA CYS C 488 -25.03 30.49 -50.75
C CYS C 488 -24.40 29.38 -49.91
N MET C 489 -23.30 28.80 -50.38
CA MET C 489 -22.59 27.74 -49.66
C MET C 489 -21.91 28.23 -48.38
N ASN C 490 -21.25 29.38 -48.48
CA ASN C 490 -20.69 30.00 -47.30
C ASN C 490 -21.79 30.41 -46.34
N SER C 491 -22.99 30.69 -46.86
CA SER C 491 -24.09 31.06 -45.99
C SER C 491 -24.44 29.91 -45.06
N VAL C 492 -24.17 28.68 -45.51
CA VAL C 492 -24.46 27.49 -44.71
C VAL C 492 -23.32 27.19 -43.73
N LYS C 493 -22.08 27.39 -44.17
CA LYS C 493 -20.94 27.24 -43.27
C LYS C 493 -20.92 28.39 -42.26
N ASN C 494 -21.32 29.57 -42.71
CA ASN C 494 -21.50 30.75 -41.88
C ASN C 494 -22.43 30.45 -40.70
N GLY C 495 -23.52 29.75 -40.99
CA GLY C 495 -24.62 29.63 -40.05
C GLY C 495 -25.64 30.71 -40.40
N THR C 496 -25.61 31.14 -41.66
CA THR C 496 -26.36 32.29 -42.13
C THR C 496 -27.41 31.98 -43.19
N TYR C 497 -27.58 30.71 -43.53
CA TYR C 497 -28.51 30.37 -44.59
C TYR C 497 -29.89 30.99 -44.32
N ASP C 498 -30.33 31.83 -45.25
CA ASP C 498 -31.57 32.57 -45.13
C ASP C 498 -31.81 33.37 -46.38
N TYR C 499 -32.82 33.03 -47.18
CA TYR C 499 -33.64 31.82 -47.19
C TYR C 499 -34.85 32.23 -48.03
N PRO C 500 -34.59 32.82 -49.22
CA PRO C 500 -35.64 33.15 -50.18
C PRO C 500 -35.63 32.04 -51.24
N LYS C 501 -36.48 31.04 -51.09
CA LYS C 501 -36.58 29.95 -52.07
C LYS C 501 -38.01 29.42 -51.91
N TYR C 502 -38.88 29.41 -52.93
CA TYR C 502 -38.56 29.27 -54.34
C TYR C 502 -38.00 27.87 -54.61
N GLU C 503 -38.79 27.13 -55.34
CA GLU C 503 -38.40 25.89 -56.03
C GLU C 503 -38.64 24.65 -55.18
N GLU C 504 -39.19 23.57 -55.74
CA GLU C 504 -39.57 23.45 -57.14
C GLU C 504 -41.06 23.72 -57.27
#